data_2YUZ
#
_entry.id   2YUZ
#
_entity_poly.entity_id   1
_entity_poly.type   'polypeptide(L)'
_entity_poly.pdbx_seq_one_letter_code
;GSSGSSGLKILTPLTDQTVNLGKEICLKCEISENIPGKWTKNGLPVQESDRLKVVQKGRIHKLVIANALTEDEGDYVFAP
DAYNVTLPAKVHVISGPSSG
;
_entity_poly.pdbx_strand_id   A
#
# COMPACT_ATOMS: atom_id res chain seq x y z
N GLY A 1 18.09 1.24 10.05
CA GLY A 1 17.69 -0.03 10.63
C GLY A 1 18.31 -1.21 9.92
N SER A 2 19.63 -1.19 9.78
CA SER A 2 20.34 -2.27 9.12
C SER A 2 20.05 -3.62 9.79
N SER A 3 19.49 -4.55 9.03
CA SER A 3 19.15 -5.86 9.54
C SER A 3 19.82 -6.96 8.71
N GLY A 4 19.65 -6.88 7.40
CA GLY A 4 20.24 -7.87 6.52
C GLY A 4 20.83 -7.25 5.26
N SER A 5 22.08 -6.84 5.35
CA SER A 5 22.77 -6.21 4.22
C SER A 5 21.84 -5.23 3.51
N SER A 6 21.10 -4.45 4.29
CA SER A 6 20.18 -3.46 3.74
C SER A 6 20.46 -2.07 4.31
N GLY A 7 19.93 -1.05 3.65
CA GLY A 7 20.14 0.31 4.10
C GLY A 7 19.14 1.27 3.50
N LEU A 8 17.86 0.94 3.59
CA LEU A 8 16.80 1.79 3.03
C LEU A 8 16.12 2.59 4.13
N LYS A 9 16.13 3.90 4.00
CA LYS A 9 15.51 4.79 4.98
C LYS A 9 14.11 5.20 4.54
N ILE A 10 13.11 4.76 5.29
CA ILE A 10 11.72 5.08 4.97
C ILE A 10 11.41 6.54 5.31
N LEU A 11 11.36 7.38 4.27
CA LEU A 11 11.07 8.80 4.46
C LEU A 11 9.62 9.01 4.85
N THR A 12 8.70 8.58 3.99
CA THR A 12 7.27 8.71 4.25
C THR A 12 6.56 7.36 4.21
N PRO A 13 6.53 6.68 5.36
CA PRO A 13 5.88 5.36 5.48
C PRO A 13 4.37 5.45 5.36
N LEU A 14 3.75 4.32 4.99
CA LEU A 14 2.30 4.27 4.84
C LEU A 14 1.60 4.75 6.10
N THR A 15 0.42 5.33 5.93
CA THR A 15 -0.36 5.82 7.07
C THR A 15 -1.74 5.18 7.12
N ASP A 16 -2.19 4.84 8.31
CA ASP A 16 -3.49 4.21 8.50
C ASP A 16 -4.57 4.98 7.74
N GLN A 17 -5.33 4.26 6.91
CA GLN A 17 -6.40 4.88 6.14
C GLN A 17 -7.75 4.29 6.50
N THR A 18 -8.72 5.16 6.78
CA THR A 18 -10.06 4.72 7.15
C THR A 18 -11.12 5.45 6.32
N VAL A 19 -11.85 4.70 5.50
CA VAL A 19 -12.89 5.29 4.67
C VAL A 19 -14.16 4.44 4.71
N ASN A 20 -15.24 4.97 4.15
CA ASN A 20 -16.51 4.26 4.13
C ASN A 20 -16.59 3.33 2.93
N LEU A 21 -17.51 2.37 2.98
CA LEU A 21 -17.68 1.41 1.90
C LEU A 21 -17.92 2.12 0.57
N GLY A 22 -17.09 1.81 -0.42
CA GLY A 22 -17.24 2.43 -1.72
C GLY A 22 -16.16 3.45 -1.99
N LYS A 23 -15.82 4.24 -0.98
CA LYS A 23 -14.80 5.27 -1.11
C LYS A 23 -13.60 4.75 -1.89
N GLU A 24 -12.83 5.66 -2.46
CA GLU A 24 -11.64 5.30 -3.22
C GLU A 24 -10.41 5.17 -2.33
N ILE A 25 -10.00 3.94 -2.06
CA ILE A 25 -8.85 3.69 -1.22
C ILE A 25 -7.60 4.41 -1.75
N CYS A 26 -6.69 4.74 -0.85
CA CYS A 26 -5.46 5.43 -1.22
C CYS A 26 -4.34 5.08 -0.26
N LEU A 27 -3.14 4.90 -0.81
CA LEU A 27 -1.96 4.56 0.00
C LEU A 27 -0.68 5.01 -0.69
N LYS A 28 -0.05 6.05 -0.15
CA LYS A 28 1.19 6.58 -0.71
C LYS A 28 2.33 6.45 0.29
N CYS A 29 3.49 6.05 -0.21
CA CYS A 29 4.67 5.89 0.65
C CYS A 29 5.94 6.22 -0.12
N GLU A 30 6.86 6.92 0.53
CA GLU A 30 8.12 7.30 -0.08
C GLU A 30 9.29 6.59 0.59
N ILE A 31 10.39 6.47 -0.14
CA ILE A 31 11.59 5.82 0.39
C ILE A 31 12.86 6.50 -0.11
N SER A 32 13.94 6.37 0.64
CA SER A 32 15.21 6.97 0.28
C SER A 32 15.94 6.12 -0.76
N GLU A 33 15.20 5.70 -1.79
CA GLU A 33 15.77 4.88 -2.86
C GLU A 33 14.82 4.78 -4.04
N ASN A 34 15.37 4.48 -5.20
CA ASN A 34 14.56 4.35 -6.42
C ASN A 34 14.52 2.90 -6.89
N ILE A 35 13.59 2.13 -6.34
CA ILE A 35 13.44 0.73 -6.72
C ILE A 35 11.99 0.28 -6.64
N PRO A 36 11.61 -0.64 -7.53
CA PRO A 36 10.24 -1.17 -7.58
C PRO A 36 9.90 -2.04 -6.38
N GLY A 37 8.63 -2.06 -5.99
CA GLY A 37 8.21 -2.86 -4.85
C GLY A 37 6.86 -3.50 -5.08
N LYS A 38 6.51 -4.45 -4.20
CA LYS A 38 5.22 -5.14 -4.31
C LYS A 38 4.43 -5.01 -3.02
N TRP A 39 3.11 -5.08 -3.12
CA TRP A 39 2.24 -4.96 -1.96
C TRP A 39 1.72 -6.34 -1.53
N THR A 40 1.32 -6.44 -0.27
CA THR A 40 0.82 -7.70 0.26
C THR A 40 -0.23 -7.46 1.35
N LYS A 41 -1.33 -8.18 1.28
CA LYS A 41 -2.41 -8.05 2.25
C LYS A 41 -2.60 -9.34 3.04
N ASN A 42 -2.88 -9.20 4.34
CA ASN A 42 -3.07 -10.36 5.20
C ASN A 42 -2.06 -11.45 4.90
N GLY A 43 -0.85 -11.04 4.53
CA GLY A 43 0.19 -12.00 4.21
C GLY A 43 -0.07 -12.73 2.91
N LEU A 44 -0.39 -11.99 1.86
CA LEU A 44 -0.67 -12.57 0.55
C LEU A 44 -0.40 -11.57 -0.56
N PRO A 45 0.00 -12.08 -1.74
CA PRO A 45 0.30 -11.25 -2.90
C PRO A 45 -0.95 -10.62 -3.50
N VAL A 46 -1.18 -9.35 -3.17
CA VAL A 46 -2.34 -8.63 -3.68
C VAL A 46 -2.50 -8.83 -5.18
N GLN A 47 -3.74 -9.00 -5.62
CA GLN A 47 -4.02 -9.21 -7.04
C GLN A 47 -4.30 -7.87 -7.73
N GLU A 48 -3.82 -7.75 -8.96
CA GLU A 48 -4.02 -6.52 -9.73
C GLU A 48 -5.15 -6.68 -10.75
N SER A 49 -5.77 -5.57 -11.11
CA SER A 49 -6.88 -5.59 -12.06
C SER A 49 -7.29 -4.18 -12.46
N ASP A 50 -8.04 -4.07 -13.55
CA ASP A 50 -8.50 -2.77 -14.03
C ASP A 50 -8.82 -1.84 -12.86
N ARG A 51 -9.51 -2.36 -11.87
CA ARG A 51 -9.88 -1.59 -10.69
C ARG A 51 -8.66 -1.30 -9.82
N LEU A 52 -7.85 -2.33 -9.60
CA LEU A 52 -6.65 -2.19 -8.78
C LEU A 52 -5.44 -1.83 -9.64
N LYS A 53 -4.95 -0.60 -9.48
CA LYS A 53 -3.80 -0.13 -10.24
C LYS A 53 -2.72 0.41 -9.30
N VAL A 54 -1.51 -0.12 -9.44
CA VAL A 54 -0.38 0.31 -8.62
C VAL A 54 0.51 1.28 -9.38
N VAL A 55 0.38 2.56 -9.08
CA VAL A 55 1.18 3.58 -9.73
C VAL A 55 2.44 3.90 -8.92
N GLN A 56 3.56 4.06 -9.61
CA GLN A 56 4.83 4.37 -8.96
C GLN A 56 5.48 5.60 -9.57
N LYS A 57 5.99 6.48 -8.72
CA LYS A 57 6.64 7.71 -9.17
C LYS A 57 8.06 7.81 -8.61
N GLY A 58 9.04 7.39 -9.41
CA GLY A 58 10.42 7.45 -8.97
C GLY A 58 10.65 6.71 -7.67
N ARG A 59 10.74 7.45 -6.57
CA ARG A 59 10.97 6.87 -5.26
C ARG A 59 9.70 6.95 -4.40
N ILE A 60 8.56 6.64 -5.01
CA ILE A 60 7.28 6.67 -4.31
C ILE A 60 6.30 5.67 -4.89
N HIS A 61 5.60 4.94 -4.02
CA HIS A 61 4.63 3.95 -4.45
C HIS A 61 3.23 4.34 -4.01
N LYS A 62 2.32 4.45 -4.99
CA LYS A 62 0.93 4.81 -4.71
C LYS A 62 -0.01 3.67 -5.05
N LEU A 63 -1.05 3.50 -4.24
CA LEU A 63 -2.04 2.44 -4.46
C LEU A 63 -3.43 2.91 -4.08
N VAL A 64 -4.34 2.89 -5.06
CA VAL A 64 -5.72 3.31 -4.83
C VAL A 64 -6.70 2.32 -5.44
N ILE A 65 -7.81 2.07 -4.74
CA ILE A 65 -8.83 1.15 -5.21
C ILE A 65 -10.07 1.90 -5.69
N ALA A 66 -10.66 1.43 -6.79
CA ALA A 66 -11.85 2.05 -7.34
C ALA A 66 -12.96 2.14 -6.31
N ASN A 67 -13.27 1.00 -5.69
CA ASN A 67 -14.32 0.95 -4.67
C ASN A 67 -13.85 0.19 -3.44
N ALA A 68 -13.82 0.88 -2.31
CA ALA A 68 -13.38 0.26 -1.06
C ALA A 68 -14.29 -0.91 -0.67
N LEU A 69 -13.88 -2.12 -1.03
CA LEU A 69 -14.65 -3.31 -0.72
C LEU A 69 -14.36 -3.80 0.69
N THR A 70 -15.32 -4.49 1.28
CA THR A 70 -15.17 -5.02 2.63
C THR A 70 -13.86 -5.76 2.78
N GLU A 71 -13.49 -6.54 1.77
CA GLU A 71 -12.25 -7.30 1.80
C GLU A 71 -11.07 -6.41 2.18
N ASP A 72 -11.14 -5.14 1.79
CA ASP A 72 -10.08 -4.19 2.10
C ASP A 72 -9.73 -4.22 3.58
N GLU A 73 -10.75 -4.31 4.43
CA GLU A 73 -10.56 -4.36 5.87
C GLU A 73 -9.57 -5.46 6.25
N GLY A 74 -8.39 -5.06 6.73
CA GLY A 74 -7.38 -6.02 7.12
C GLY A 74 -6.06 -5.36 7.46
N ASP A 75 -4.98 -5.94 6.94
CA ASP A 75 -3.64 -5.41 7.20
C ASP A 75 -2.82 -5.37 5.91
N TYR A 76 -2.45 -4.17 5.48
CA TYR A 76 -1.66 -4.00 4.27
C TYR A 76 -0.18 -3.91 4.59
N VAL A 77 0.65 -4.49 3.71
CA VAL A 77 2.09 -4.47 3.89
C VAL A 77 2.81 -4.40 2.56
N PHE A 78 3.78 -3.48 2.47
CA PHE A 78 4.55 -3.31 1.24
C PHE A 78 6.02 -3.63 1.47
N ALA A 79 6.71 -4.05 0.41
CA ALA A 79 8.12 -4.39 0.50
C ALA A 79 8.81 -4.23 -0.86
N PRO A 80 10.04 -3.71 -0.83
CA PRO A 80 10.84 -3.49 -2.04
C PRO A 80 11.29 -4.80 -2.69
N ASP A 81 11.51 -4.75 -4.00
CA ASP A 81 11.96 -5.94 -4.73
C ASP A 81 13.47 -6.07 -4.71
N ALA A 82 14.11 -5.31 -3.81
CA ALA A 82 15.56 -5.33 -3.67
C ALA A 82 15.97 -5.61 -2.24
N TYR A 83 15.20 -5.10 -1.29
CA TYR A 83 15.49 -5.27 0.12
C TYR A 83 14.47 -6.19 0.78
N ASN A 84 14.67 -6.50 2.06
CA ASN A 84 13.77 -7.37 2.80
C ASN A 84 12.97 -6.57 3.83
N VAL A 85 12.87 -5.26 3.61
CA VAL A 85 12.14 -4.39 4.51
C VAL A 85 10.63 -4.50 4.29
N THR A 86 9.86 -4.32 5.35
CA THR A 86 8.41 -4.40 5.27
C THR A 86 7.75 -3.23 6.00
N LEU A 87 6.78 -2.60 5.33
CA LEU A 87 6.07 -1.47 5.92
C LEU A 87 4.63 -1.83 6.23
N PRO A 88 4.34 -2.05 7.52
CA PRO A 88 2.99 -2.41 7.98
C PRO A 88 2.02 -1.25 7.87
N ALA A 89 0.73 -1.57 7.83
CA ALA A 89 -0.30 -0.56 7.73
C ALA A 89 -1.66 -1.10 8.18
N LYS A 90 -2.50 -0.21 8.70
CA LYS A 90 -3.84 -0.61 9.17
C LYS A 90 -4.92 0.15 8.40
N VAL A 91 -6.05 -0.52 8.18
CA VAL A 91 -7.17 0.09 7.48
C VAL A 91 -8.50 -0.40 8.02
N HIS A 92 -9.56 0.35 7.77
CA HIS A 92 -10.90 -0.01 8.24
C HIS A 92 -11.96 0.54 7.30
N VAL A 93 -12.99 -0.26 7.06
CA VAL A 93 -14.10 0.15 6.18
C VAL A 93 -15.42 0.21 6.94
N ILE A 94 -16.15 1.30 6.75
CA ILE A 94 -17.43 1.49 7.42
C ILE A 94 -18.56 0.86 6.61
N SER A 95 -19.43 0.13 7.29
CA SER A 95 -20.56 -0.53 6.64
C SER A 95 -21.52 0.50 6.04
N GLY A 96 -22.27 0.08 5.03
CA GLY A 96 -23.21 0.98 4.39
C GLY A 96 -24.48 0.28 3.97
N PRO A 97 -25.24 0.90 3.05
CA PRO A 97 -26.51 0.34 2.55
C PRO A 97 -26.29 -0.89 1.68
N SER A 98 -25.04 -1.12 1.29
CA SER A 98 -24.71 -2.27 0.45
C SER A 98 -24.23 -3.44 1.30
N SER A 99 -25.15 -4.32 1.68
CA SER A 99 -24.83 -5.47 2.50
C SER A 99 -25.71 -6.66 2.13
N GLY A 100 -25.40 -7.83 2.71
CA GLY A 100 -26.17 -9.03 2.43
C GLY A 100 -26.21 -9.36 0.95
N GLY A 1 29.95 -5.48 18.61
CA GLY A 1 29.11 -4.29 18.57
C GLY A 1 27.81 -4.52 17.84
N SER A 2 27.70 -3.97 16.64
CA SER A 2 26.50 -4.11 15.83
C SER A 2 26.79 -3.88 14.36
N SER A 3 26.01 -4.52 13.49
CA SER A 3 26.19 -4.38 12.05
C SER A 3 24.85 -4.43 11.32
N GLY A 4 24.52 -3.36 10.62
CA GLY A 4 23.27 -3.30 9.89
C GLY A 4 22.67 -1.92 9.88
N SER A 5 23.45 -0.92 9.46
CA SER A 5 22.99 0.45 9.42
C SER A 5 23.21 1.06 8.04
N SER A 6 22.90 0.28 7.00
CA SER A 6 23.07 0.73 5.62
C SER A 6 22.11 0.01 4.69
N GLY A 7 21.41 0.77 3.85
CA GLY A 7 20.47 0.18 2.93
C GLY A 7 19.28 1.07 2.67
N LEU A 8 18.10 0.46 2.55
CA LEU A 8 16.87 1.21 2.30
C LEU A 8 16.42 1.96 3.54
N LYS A 9 16.22 3.26 3.41
CA LYS A 9 15.78 4.09 4.52
C LYS A 9 14.37 4.63 4.28
N ILE A 10 13.43 4.22 5.12
CA ILE A 10 12.05 4.66 5.00
C ILE A 10 11.89 6.10 5.47
N LEU A 11 11.34 6.94 4.60
CA LEU A 11 11.13 8.35 4.93
C LEU A 11 9.68 8.60 5.35
N THR A 12 8.74 8.24 4.48
CA THR A 12 7.33 8.42 4.75
C THR A 12 6.57 7.11 4.66
N PRO A 13 6.51 6.38 5.79
CA PRO A 13 5.81 5.09 5.87
C PRO A 13 4.30 5.24 5.76
N LEU A 14 3.65 4.26 5.13
CA LEU A 14 2.21 4.28 4.96
C LEU A 14 1.51 4.74 6.24
N THR A 15 0.44 5.50 6.09
CA THR A 15 -0.32 6.00 7.23
C THR A 15 -1.74 5.47 7.23
N ASP A 16 -2.21 5.04 8.40
CA ASP A 16 -3.57 4.51 8.52
C ASP A 16 -4.56 5.34 7.71
N GLN A 17 -5.38 4.66 6.92
CA GLN A 17 -6.38 5.33 6.09
C GLN A 17 -7.78 4.81 6.37
N THR A 18 -8.76 5.70 6.39
CA THR A 18 -10.14 5.32 6.64
C THR A 18 -11.09 5.96 5.63
N VAL A 19 -11.97 5.15 5.07
CA VAL A 19 -12.94 5.65 4.09
C VAL A 19 -14.20 4.80 4.08
N ASN A 20 -15.34 5.44 3.85
CA ASN A 20 -16.63 4.74 3.81
C ASN A 20 -16.70 3.78 2.62
N LEU A 21 -17.28 2.62 2.84
CA LEU A 21 -17.41 1.61 1.79
C LEU A 21 -17.65 2.28 0.43
N GLY A 22 -17.08 1.70 -0.61
CA GLY A 22 -17.25 2.24 -1.94
C GLY A 22 -16.21 3.30 -2.28
N LYS A 23 -15.85 4.11 -1.28
CA LYS A 23 -14.85 5.16 -1.47
C LYS A 23 -13.65 4.64 -2.24
N GLU A 24 -12.84 5.56 -2.75
CA GLU A 24 -11.65 5.20 -3.52
C GLU A 24 -10.43 5.10 -2.60
N ILE A 25 -10.06 3.88 -2.25
CA ILE A 25 -8.91 3.64 -1.38
C ILE A 25 -7.67 4.34 -1.92
N CYS A 26 -6.81 4.77 -1.01
CA CYS A 26 -5.57 5.46 -1.39
C CYS A 26 -4.47 5.21 -0.36
N LEU A 27 -3.30 4.84 -0.84
CA LEU A 27 -2.16 4.57 0.03
C LEU A 27 -0.84 4.95 -0.66
N LYS A 28 -0.20 5.98 -0.14
CA LYS A 28 1.08 6.43 -0.70
C LYS A 28 2.21 6.25 0.31
N CYS A 29 3.43 6.07 -0.20
CA CYS A 29 4.59 5.87 0.66
C CYS A 29 5.85 6.43 -0.02
N GLU A 30 6.83 6.80 0.81
CA GLU A 30 8.08 7.34 0.30
C GLU A 30 9.28 6.58 0.85
N ILE A 31 10.34 6.50 0.06
CA ILE A 31 11.55 5.79 0.47
C ILE A 31 12.80 6.55 0.05
N SER A 32 13.96 6.14 0.57
CA SER A 32 15.22 6.78 0.25
C SER A 32 15.90 6.08 -0.93
N GLU A 33 15.11 5.34 -1.70
CA GLU A 33 15.64 4.63 -2.86
C GLU A 33 14.64 4.66 -4.02
N ASN A 34 15.15 4.51 -5.24
CA ASN A 34 14.31 4.53 -6.43
C ASN A 34 14.22 3.14 -7.05
N ILE A 35 13.43 2.26 -6.42
CA ILE A 35 13.25 0.90 -6.92
C ILE A 35 11.80 0.45 -6.78
N PRO A 36 11.36 -0.42 -7.69
CA PRO A 36 10.00 -0.95 -7.70
C PRO A 36 9.74 -1.90 -6.53
N GLY A 37 8.48 -2.02 -6.13
CA GLY A 37 8.13 -2.90 -5.02
C GLY A 37 6.83 -3.64 -5.27
N LYS A 38 6.41 -4.42 -4.29
CA LYS A 38 5.18 -5.20 -4.39
C LYS A 38 4.38 -5.14 -3.10
N TRP A 39 3.07 -4.92 -3.22
CA TRP A 39 2.20 -4.84 -2.06
C TRP A 39 1.64 -6.22 -1.71
N THR A 40 1.44 -6.46 -0.42
CA THR A 40 0.90 -7.74 0.04
C THR A 40 -0.07 -7.54 1.19
N LYS A 41 -1.24 -8.18 1.09
CA LYS A 41 -2.26 -8.07 2.13
C LYS A 41 -2.33 -9.34 2.96
N ASN A 42 -2.56 -9.19 4.26
CA ASN A 42 -2.64 -10.32 5.17
C ASN A 42 -1.57 -11.36 4.83
N GLY A 43 -0.39 -10.89 4.48
CA GLY A 43 0.69 -11.79 4.13
C GLY A 43 0.44 -12.55 2.86
N LEU A 44 -0.11 -11.87 1.85
CA LEU A 44 -0.40 -12.48 0.57
C LEU A 44 -0.23 -11.49 -0.57
N PRO A 45 0.09 -12.01 -1.77
CA PRO A 45 0.30 -11.19 -2.96
C PRO A 45 -1.00 -10.56 -3.46
N VAL A 46 -1.14 -9.26 -3.26
CA VAL A 46 -2.34 -8.54 -3.70
C VAL A 46 -2.57 -8.73 -5.20
N GLN A 47 -3.77 -9.20 -5.55
CA GLN A 47 -4.12 -9.42 -6.94
C GLN A 47 -4.46 -8.10 -7.64
N GLU A 48 -3.51 -7.57 -8.41
CA GLU A 48 -3.71 -6.32 -9.11
C GLU A 48 -4.60 -6.52 -10.33
N SER A 49 -5.64 -5.69 -10.46
CA SER A 49 -6.57 -5.78 -11.57
C SER A 49 -6.97 -4.39 -12.06
N ASP A 50 -7.60 -4.34 -13.22
CA ASP A 50 -8.04 -3.07 -13.80
C ASP A 50 -8.51 -2.11 -12.71
N ARG A 51 -9.11 -2.67 -11.66
CA ARG A 51 -9.60 -1.88 -10.55
C ARG A 51 -8.46 -1.43 -9.64
N LEU A 52 -7.67 -2.39 -9.19
CA LEU A 52 -6.53 -2.11 -8.31
C LEU A 52 -5.25 -1.95 -9.12
N LYS A 53 -4.78 -0.71 -9.24
CA LYS A 53 -3.55 -0.43 -9.98
C LYS A 53 -2.51 0.22 -9.08
N VAL A 54 -1.29 -0.31 -9.12
CA VAL A 54 -0.20 0.22 -8.31
C VAL A 54 0.64 1.23 -9.09
N VAL A 55 0.43 2.51 -8.84
CA VAL A 55 1.17 3.56 -9.53
C VAL A 55 2.38 4.00 -8.71
N GLN A 56 3.49 4.22 -9.39
CA GLN A 56 4.72 4.64 -8.73
C GLN A 56 5.28 5.91 -9.38
N LYS A 57 5.76 6.83 -8.56
CA LYS A 57 6.32 8.08 -9.06
C LYS A 57 7.71 8.31 -8.49
N GLY A 58 8.74 7.89 -9.24
CA GLY A 58 10.10 8.05 -8.79
C GLY A 58 10.38 7.34 -7.48
N ARG A 59 10.23 8.05 -6.37
CA ARG A 59 10.48 7.46 -5.05
C ARG A 59 9.21 7.49 -4.21
N ILE A 60 8.08 7.24 -4.84
CA ILE A 60 6.80 7.23 -4.14
C ILE A 60 5.87 6.15 -4.69
N HIS A 61 5.45 5.24 -3.81
CA HIS A 61 4.56 4.15 -4.21
C HIS A 61 3.12 4.48 -3.86
N LYS A 62 2.30 4.73 -4.88
CA LYS A 62 0.89 5.06 -4.68
C LYS A 62 0.00 3.88 -5.09
N LEU A 63 -0.98 3.57 -4.24
CA LEU A 63 -1.90 2.48 -4.52
C LEU A 63 -3.33 2.86 -4.14
N VAL A 64 -4.19 2.91 -5.15
CA VAL A 64 -5.59 3.27 -4.94
C VAL A 64 -6.52 2.19 -5.48
N ILE A 65 -7.66 2.00 -4.81
CA ILE A 65 -8.63 1.01 -5.22
C ILE A 65 -9.89 1.66 -5.77
N ALA A 66 -10.48 1.03 -6.78
CA ALA A 66 -11.70 1.56 -7.40
C ALA A 66 -12.83 1.66 -6.37
N ASN A 67 -13.15 0.53 -5.75
CA ASN A 67 -14.22 0.49 -4.75
C ASN A 67 -13.73 -0.15 -3.45
N ALA A 68 -13.78 0.61 -2.37
CA ALA A 68 -13.34 0.10 -1.06
C ALA A 68 -14.32 -0.93 -0.52
N LEU A 69 -13.95 -2.19 -0.63
CA LEU A 69 -14.80 -3.29 -0.14
C LEU A 69 -14.38 -3.72 1.25
N THR A 70 -15.27 -4.41 1.95
CA THR A 70 -14.99 -4.89 3.30
C THR A 70 -13.92 -5.97 3.29
N GLU A 71 -13.57 -6.44 2.10
CA GLU A 71 -12.55 -7.47 1.95
C GLU A 71 -11.16 -6.86 1.94
N ASP A 72 -11.08 -5.57 1.62
CA ASP A 72 -9.80 -4.87 1.58
C ASP A 72 -9.29 -4.56 2.99
N GLU A 73 -10.22 -4.55 3.95
CA GLU A 73 -9.87 -4.27 5.34
C GLU A 73 -9.09 -5.43 5.95
N GLY A 74 -7.93 -5.13 6.51
CA GLY A 74 -7.12 -6.16 7.12
C GLY A 74 -5.75 -5.65 7.55
N ASP A 75 -4.73 -5.96 6.75
CA ASP A 75 -3.37 -5.52 7.04
C ASP A 75 -2.56 -5.37 5.75
N TYR A 76 -2.30 -4.13 5.37
CA TYR A 76 -1.55 -3.85 4.15
C TYR A 76 -0.05 -3.75 4.45
N VAL A 77 0.75 -4.45 3.66
CA VAL A 77 2.20 -4.45 3.84
C VAL A 77 2.92 -4.26 2.50
N PHE A 78 3.91 -3.38 2.51
CA PHE A 78 4.68 -3.11 1.29
C PHE A 78 6.14 -3.52 1.47
N ALA A 79 6.76 -3.98 0.39
CA ALA A 79 8.15 -4.40 0.42
C ALA A 79 8.79 -4.31 -0.96
N PRO A 80 10.01 -3.77 -1.02
CA PRO A 80 10.75 -3.62 -2.28
C PRO A 80 11.22 -4.96 -2.84
N ASP A 81 11.38 -5.00 -4.16
CA ASP A 81 11.82 -6.23 -4.82
C ASP A 81 13.35 -6.36 -4.76
N ALA A 82 13.98 -5.48 -3.98
CA ALA A 82 15.43 -5.50 -3.83
C ALA A 82 15.84 -5.80 -2.40
N TYR A 83 15.02 -5.35 -1.45
CA TYR A 83 15.30 -5.58 -0.03
C TYR A 83 14.17 -6.36 0.62
N ASN A 84 14.35 -6.69 1.91
CA ASN A 84 13.34 -7.44 2.66
C ASN A 84 12.69 -6.55 3.71
N VAL A 85 12.24 -5.37 3.30
CA VAL A 85 11.59 -4.43 4.20
C VAL A 85 10.07 -4.56 4.12
N THR A 86 9.42 -4.46 5.27
CA THR A 86 7.96 -4.56 5.34
C THR A 86 7.36 -3.37 6.07
N LEU A 87 6.41 -2.70 5.41
CA LEU A 87 5.75 -1.54 6.01
C LEU A 87 4.32 -1.87 6.41
N PRO A 88 4.09 -2.06 7.71
CA PRO A 88 2.76 -2.38 8.25
C PRO A 88 1.80 -1.20 8.16
N ALA A 89 0.54 -1.50 7.87
CA ALA A 89 -0.48 -0.46 7.75
C ALA A 89 -1.84 -0.98 8.22
N LYS A 90 -2.64 -0.08 8.79
CA LYS A 90 -3.97 -0.45 9.29
C LYS A 90 -5.05 0.29 8.51
N VAL A 91 -6.10 -0.43 8.12
CA VAL A 91 -7.20 0.16 7.38
C VAL A 91 -8.54 -0.13 8.06
N HIS A 92 -9.56 0.65 7.70
CA HIS A 92 -10.89 0.47 8.28
C HIS A 92 -11.96 0.93 7.31
N VAL A 93 -12.98 0.09 7.11
CA VAL A 93 -14.07 0.41 6.20
C VAL A 93 -15.40 0.48 6.94
N ILE A 94 -16.14 1.57 6.72
CA ILE A 94 -17.43 1.75 7.37
C ILE A 94 -18.51 0.91 6.71
N SER A 95 -19.22 0.14 7.51
CA SER A 95 -20.29 -0.73 7.00
C SER A 95 -21.19 -1.20 8.14
N GLY A 96 -22.45 -0.76 8.11
CA GLY A 96 -23.39 -1.15 9.14
C GLY A 96 -24.12 -2.45 8.80
N PRO A 97 -25.21 -2.71 9.53
CA PRO A 97 -26.02 -3.92 9.31
C PRO A 97 -26.80 -3.87 8.00
N SER A 98 -26.24 -4.51 6.97
CA SER A 98 -26.88 -4.54 5.66
C SER A 98 -27.77 -5.78 5.52
N SER A 99 -28.98 -5.57 4.99
CA SER A 99 -29.92 -6.66 4.80
C SER A 99 -30.02 -7.05 3.32
N GLY A 100 -30.28 -8.32 3.07
CA GLY A 100 -30.39 -8.80 1.70
C GLY A 100 -29.24 -9.71 1.31
N GLY A 1 33.94 -1.18 -3.40
CA GLY A 1 33.16 -1.63 -4.55
C GLY A 1 32.13 -0.61 -4.98
N SER A 2 30.90 -1.07 -5.21
CA SER A 2 29.82 -0.19 -5.63
C SER A 2 29.54 0.87 -4.58
N SER A 3 30.04 2.08 -4.81
CA SER A 3 29.84 3.18 -3.87
C SER A 3 28.45 3.78 -4.04
N GLY A 4 27.49 3.27 -3.27
CA GLY A 4 26.14 3.77 -3.36
C GLY A 4 25.53 4.01 -1.98
N SER A 5 24.48 3.24 -1.67
CA SER A 5 23.80 3.38 -0.38
C SER A 5 24.17 2.21 0.55
N SER A 6 23.88 2.38 1.83
CA SER A 6 24.17 1.35 2.82
C SER A 6 22.91 0.62 3.24
N GLY A 7 21.76 1.14 2.81
CA GLY A 7 20.49 0.52 3.15
C GLY A 7 19.30 1.33 2.67
N LEU A 8 18.12 0.99 3.17
CA LEU A 8 16.90 1.69 2.79
C LEU A 8 16.32 2.47 3.96
N LYS A 9 16.25 3.79 3.81
CA LYS A 9 15.71 4.65 4.85
C LYS A 9 14.35 5.20 4.47
N ILE A 10 13.29 4.62 5.04
CA ILE A 10 11.93 5.05 4.75
C ILE A 10 11.73 6.52 5.13
N LEU A 11 11.32 7.31 4.15
CA LEU A 11 11.08 8.74 4.38
C LEU A 11 9.64 8.99 4.81
N THR A 12 8.69 8.50 4.01
CA THR A 12 7.28 8.67 4.31
C THR A 12 6.55 7.33 4.36
N PRO A 13 6.51 6.72 5.55
CA PRO A 13 5.85 5.42 5.76
C PRO A 13 4.34 5.52 5.64
N LEU A 14 3.72 4.45 5.14
CA LEU A 14 2.27 4.42 4.97
C LEU A 14 1.57 4.72 6.30
N THR A 15 0.36 5.27 6.20
CA THR A 15 -0.42 5.60 7.38
C THR A 15 -1.76 4.87 7.38
N ASP A 16 -2.44 4.89 8.53
CA ASP A 16 -3.73 4.23 8.66
C ASP A 16 -4.84 5.08 8.03
N GLN A 17 -5.59 4.47 7.12
CA GLN A 17 -6.67 5.17 6.44
C GLN A 17 -8.00 4.42 6.62
N THR A 18 -9.05 5.15 6.97
CA THR A 18 -10.36 4.56 7.17
C THR A 18 -11.41 5.25 6.31
N VAL A 19 -12.03 4.48 5.41
CA VAL A 19 -13.06 5.03 4.53
C VAL A 19 -14.27 4.11 4.49
N ASN A 20 -15.40 4.65 4.03
CA ASN A 20 -16.63 3.88 3.93
C ASN A 20 -16.59 2.93 2.73
N LEU A 21 -17.44 1.91 2.77
CA LEU A 21 -17.49 0.93 1.69
C LEU A 21 -17.81 1.60 0.36
N GLY A 22 -17.04 1.27 -0.68
CA GLY A 22 -17.25 1.85 -1.99
C GLY A 22 -16.35 3.04 -2.24
N LYS A 23 -15.93 3.71 -1.16
CA LYS A 23 -15.07 4.87 -1.27
C LYS A 23 -13.82 4.56 -2.10
N GLU A 24 -12.98 5.57 -2.30
CA GLU A 24 -11.75 5.39 -3.07
C GLU A 24 -10.53 5.46 -2.16
N ILE A 25 -10.05 4.30 -1.73
CA ILE A 25 -8.89 4.23 -0.86
C ILE A 25 -7.63 4.69 -1.60
N CYS A 26 -6.78 5.44 -0.90
CA CYS A 26 -5.54 5.94 -1.48
C CYS A 26 -4.40 5.89 -0.46
N LEU A 27 -3.25 5.38 -0.89
CA LEU A 27 -2.09 5.28 -0.01
C LEU A 27 -0.81 5.62 -0.77
N LYS A 28 0.02 6.47 -0.16
CA LYS A 28 1.28 6.88 -0.78
C LYS A 28 2.43 6.78 0.22
N CYS A 29 3.58 6.31 -0.24
CA CYS A 29 4.75 6.17 0.61
C CYS A 29 6.02 6.60 -0.13
N GLU A 30 6.95 7.21 0.59
CA GLU A 30 8.20 7.66 0.00
C GLU A 30 9.38 6.89 0.57
N ILE A 31 10.37 6.65 -0.28
CA ILE A 31 11.57 5.91 0.14
C ILE A 31 12.84 6.56 -0.40
N SER A 32 13.96 6.28 0.25
CA SER A 32 15.24 6.85 -0.16
C SER A 32 15.98 5.90 -1.10
N GLU A 33 15.26 5.38 -2.09
CA GLU A 33 15.84 4.46 -3.05
C GLU A 33 14.89 4.22 -4.22
N ASN A 34 15.42 4.31 -5.43
CA ASN A 34 14.62 4.11 -6.64
C ASN A 34 14.59 2.63 -7.02
N ILE A 35 13.71 1.86 -6.39
CA ILE A 35 13.59 0.44 -6.68
C ILE A 35 12.13 0.00 -6.68
N PRO A 36 11.83 -1.05 -7.46
CA PRO A 36 10.48 -1.59 -7.57
C PRO A 36 10.03 -2.29 -6.29
N GLY A 37 8.72 -2.29 -6.05
CA GLY A 37 8.18 -2.93 -4.87
C GLY A 37 6.79 -3.47 -5.08
N LYS A 38 6.43 -4.50 -4.31
CA LYS A 38 5.11 -5.12 -4.42
C LYS A 38 4.38 -5.06 -3.08
N TRP A 39 3.07 -4.86 -3.14
CA TRP A 39 2.25 -4.80 -1.94
C TRP A 39 1.64 -6.17 -1.62
N THR A 40 1.33 -6.39 -0.34
CA THR A 40 0.74 -7.65 0.09
C THR A 40 -0.33 -7.42 1.16
N LYS A 41 -1.43 -8.15 1.04
CA LYS A 41 -2.52 -8.03 1.99
C LYS A 41 -2.66 -9.31 2.83
N ASN A 42 -3.00 -9.14 4.10
CA ASN A 42 -3.17 -10.27 5.01
C ASN A 42 -2.15 -11.37 4.70
N GLY A 43 -0.91 -10.96 4.44
CA GLY A 43 0.13 -11.92 4.14
C GLY A 43 -0.10 -12.63 2.82
N LEU A 44 -0.46 -11.87 1.79
CA LEU A 44 -0.72 -12.44 0.48
C LEU A 44 -0.41 -11.42 -0.62
N PRO A 45 0.00 -11.93 -1.79
CA PRO A 45 0.33 -11.08 -2.95
C PRO A 45 -0.91 -10.42 -3.56
N VAL A 46 -1.09 -9.14 -3.26
CA VAL A 46 -2.23 -8.39 -3.78
C VAL A 46 -2.38 -8.60 -5.29
N GLN A 47 -3.62 -8.75 -5.73
CA GLN A 47 -3.91 -8.96 -7.15
C GLN A 47 -4.30 -7.64 -7.81
N GLU A 48 -3.58 -7.28 -8.85
CA GLU A 48 -3.86 -6.04 -9.58
C GLU A 48 -5.04 -6.22 -10.53
N SER A 49 -5.94 -5.24 -10.53
CA SER A 49 -7.12 -5.28 -11.38
C SER A 49 -7.48 -3.90 -11.89
N ASP A 50 -8.43 -3.84 -12.83
CA ASP A 50 -8.87 -2.57 -13.39
C ASP A 50 -9.03 -1.51 -12.31
N ARG A 51 -9.61 -1.91 -11.18
CA ARG A 51 -9.83 -1.00 -10.07
C ARG A 51 -8.56 -0.82 -9.25
N LEU A 52 -7.92 -1.93 -8.92
CA LEU A 52 -6.68 -1.90 -8.14
C LEU A 52 -5.47 -1.70 -9.04
N LYS A 53 -5.01 -0.45 -9.13
CA LYS A 53 -3.85 -0.13 -9.95
C LYS A 53 -2.69 0.35 -9.10
N VAL A 54 -1.52 -0.23 -9.32
CA VAL A 54 -0.32 0.14 -8.57
C VAL A 54 0.59 1.04 -9.39
N VAL A 55 0.56 2.34 -9.10
CA VAL A 55 1.38 3.30 -9.83
C VAL A 55 2.63 3.66 -9.03
N GLN A 56 3.77 3.75 -9.72
CA GLN A 56 5.03 4.07 -9.08
C GLN A 56 5.67 5.30 -9.71
N LYS A 57 6.14 6.22 -8.89
CA LYS A 57 6.78 7.44 -9.37
C LYS A 57 8.20 7.56 -8.84
N GLY A 58 9.17 7.11 -9.63
CA GLY A 58 10.55 7.18 -9.22
C GLY A 58 10.79 6.56 -7.85
N ARG A 59 10.81 7.40 -6.82
CA ARG A 59 11.03 6.93 -5.46
C ARG A 59 9.76 7.07 -4.63
N ILE A 60 8.64 6.67 -5.20
CA ILE A 60 7.35 6.74 -4.51
C ILE A 60 6.39 5.68 -5.02
N HIS A 61 5.72 5.00 -4.08
CA HIS A 61 4.77 3.96 -4.44
C HIS A 61 3.35 4.34 -4.00
N LYS A 62 2.50 4.62 -4.99
CA LYS A 62 1.12 5.01 -4.71
C LYS A 62 0.16 3.88 -5.09
N LEU A 63 -0.76 3.58 -4.19
CA LEU A 63 -1.75 2.52 -4.43
C LEU A 63 -3.13 2.94 -3.94
N VAL A 64 -4.01 3.25 -4.89
CA VAL A 64 -5.37 3.67 -4.55
C VAL A 64 -6.40 2.74 -5.17
N ILE A 65 -7.38 2.33 -4.38
CA ILE A 65 -8.43 1.43 -4.86
C ILE A 65 -9.66 2.22 -5.31
N ALA A 66 -10.29 1.74 -6.38
CA ALA A 66 -11.48 2.39 -6.92
C ALA A 66 -12.67 2.20 -6.00
N ASN A 67 -13.01 0.94 -5.72
CA ASN A 67 -14.13 0.61 -4.86
C ASN A 67 -13.67 -0.15 -3.62
N ALA A 68 -13.68 0.52 -2.49
CA ALA A 68 -13.26 -0.09 -1.22
C ALA A 68 -14.23 -1.18 -0.80
N LEU A 69 -13.80 -2.43 -0.92
CA LEU A 69 -14.63 -3.57 -0.55
C LEU A 69 -14.21 -4.14 0.79
N THR A 70 -15.19 -4.56 1.59
CA THR A 70 -14.91 -5.12 2.91
C THR A 70 -13.66 -6.00 2.88
N GLU A 71 -13.59 -6.89 1.88
CA GLU A 71 -12.45 -7.78 1.76
C GLU A 71 -11.14 -7.04 2.00
N ASP A 72 -11.02 -5.85 1.42
CA ASP A 72 -9.83 -5.05 1.58
C ASP A 72 -9.49 -4.83 3.05
N GLU A 73 -10.54 -4.66 3.86
CA GLU A 73 -10.36 -4.45 5.29
C GLU A 73 -9.41 -5.49 5.89
N GLY A 74 -8.48 -5.03 6.73
CA GLY A 74 -7.53 -5.93 7.35
C GLY A 74 -6.21 -5.25 7.63
N ASP A 75 -5.15 -5.72 6.97
CA ASP A 75 -3.82 -5.16 7.15
C ASP A 75 -3.03 -5.18 5.84
N TYR A 76 -2.40 -4.06 5.53
CA TYR A 76 -1.61 -3.95 4.29
C TYR A 76 -0.13 -3.83 4.61
N VAL A 77 0.70 -4.45 3.78
CA VAL A 77 2.15 -4.40 3.96
C VAL A 77 2.87 -4.30 2.63
N PHE A 78 3.89 -3.44 2.57
CA PHE A 78 4.66 -3.24 1.35
C PHE A 78 6.10 -3.74 1.53
N ALA A 79 6.64 -4.33 0.47
CA ALA A 79 8.00 -4.85 0.51
C ALA A 79 8.72 -4.62 -0.82
N PRO A 80 9.93 -4.08 -0.75
CA PRO A 80 10.75 -3.79 -1.94
C PRO A 80 11.24 -5.07 -2.63
N ASP A 81 11.45 -4.98 -3.94
CA ASP A 81 11.91 -6.12 -4.70
C ASP A 81 13.43 -6.24 -4.64
N ALA A 82 14.04 -5.46 -3.76
CA ALA A 82 15.49 -5.48 -3.59
C ALA A 82 15.88 -5.66 -2.13
N TYR A 83 15.02 -5.19 -1.23
CA TYR A 83 15.27 -5.31 0.21
C TYR A 83 14.20 -6.15 0.88
N ASN A 84 14.37 -6.39 2.18
CA ASN A 84 13.42 -7.18 2.95
C ASN A 84 12.59 -6.29 3.87
N VAL A 85 12.70 -4.98 3.67
CA VAL A 85 11.95 -4.02 4.48
C VAL A 85 10.45 -4.28 4.39
N THR A 86 9.73 -3.95 5.46
CA THR A 86 8.29 -4.15 5.50
C THR A 86 7.60 -2.96 6.16
N LEU A 87 6.63 -2.38 5.47
CA LEU A 87 5.89 -1.24 5.99
C LEU A 87 4.42 -1.60 6.24
N PRO A 88 4.07 -1.81 7.51
CA PRO A 88 2.70 -2.16 7.91
C PRO A 88 1.73 -1.01 7.73
N ALA A 89 0.45 -1.34 7.57
CA ALA A 89 -0.58 -0.33 7.39
C ALA A 89 -1.94 -0.84 7.83
N LYS A 90 -2.59 -0.11 8.73
CA LYS A 90 -3.90 -0.50 9.24
C LYS A 90 -5.01 0.19 8.44
N VAL A 91 -6.06 -0.56 8.14
CA VAL A 91 -7.19 -0.02 7.39
C VAL A 91 -8.51 -0.59 7.90
N HIS A 92 -9.60 0.12 7.64
CA HIS A 92 -10.92 -0.32 8.07
C HIS A 92 -11.99 0.19 7.12
N VAL A 93 -13.13 -0.52 7.08
CA VAL A 93 -14.23 -0.14 6.21
C VAL A 93 -15.51 0.09 7.01
N ILE A 94 -16.30 1.07 6.58
CA ILE A 94 -17.55 1.39 7.26
C ILE A 94 -18.75 0.86 6.49
N SER A 95 -19.59 0.08 7.16
CA SER A 95 -20.77 -0.49 6.54
C SER A 95 -21.92 0.53 6.49
N GLY A 96 -22.24 1.00 5.30
CA GLY A 96 -23.32 1.97 5.16
C GLY A 96 -24.59 1.36 4.62
N PRO A 97 -25.46 2.19 4.03
CA PRO A 97 -26.74 1.73 3.47
C PRO A 97 -26.55 0.90 2.21
N SER A 98 -25.59 1.29 1.38
CA SER A 98 -25.31 0.57 0.14
C SER A 98 -25.12 -0.91 0.41
N SER A 99 -25.62 -1.73 -0.51
CA SER A 99 -25.51 -3.18 -0.38
C SER A 99 -25.80 -3.87 -1.71
N GLY A 100 -24.77 -4.48 -2.29
CA GLY A 100 -24.94 -5.17 -3.55
C GLY A 100 -26.03 -6.21 -3.51
N GLY A 1 25.16 -6.05 9.92
CA GLY A 1 24.25 -5.46 8.95
C GLY A 1 24.34 -6.13 7.60
N SER A 2 23.45 -7.08 7.34
CA SER A 2 23.43 -7.81 6.08
C SER A 2 22.23 -7.40 5.23
N SER A 3 21.04 -7.66 5.75
CA SER A 3 19.81 -7.33 5.03
C SER A 3 18.62 -7.22 6.00
N GLY A 4 17.79 -6.21 5.79
CA GLY A 4 16.64 -6.02 6.65
C GLY A 4 16.33 -4.57 6.90
N SER A 5 16.43 -4.14 8.16
CA SER A 5 16.15 -2.75 8.52
C SER A 5 17.40 -1.89 8.37
N SER A 6 18.16 -2.15 7.31
CA SER A 6 19.39 -1.40 7.05
C SER A 6 19.39 -0.83 5.64
N GLY A 7 20.39 -0.02 5.33
CA GLY A 7 20.49 0.58 4.01
C GLY A 7 19.32 1.50 3.71
N LEU A 8 18.25 0.94 3.18
CA LEU A 8 17.06 1.71 2.84
C LEU A 8 16.57 2.51 4.04
N LYS A 9 16.25 3.78 3.81
CA LYS A 9 15.77 4.66 4.87
C LYS A 9 14.37 5.17 4.57
N ILE A 10 13.36 4.48 5.11
CA ILE A 10 11.98 4.86 4.89
C ILE A 10 11.74 6.32 5.29
N LEU A 11 11.33 7.13 4.32
CA LEU A 11 11.06 8.54 4.57
C LEU A 11 9.61 8.76 4.99
N THR A 12 8.68 8.51 4.07
CA THR A 12 7.26 8.68 4.36
C THR A 12 6.52 7.36 4.20
N PRO A 13 6.48 6.56 5.28
CA PRO A 13 5.79 5.27 5.28
C PRO A 13 4.28 5.41 5.21
N LEU A 14 3.59 4.33 4.84
CA LEU A 14 2.14 4.34 4.74
C LEU A 14 1.50 4.70 6.08
N THR A 15 0.40 5.44 6.02
CA THR A 15 -0.31 5.84 7.22
C THR A 15 -1.73 5.29 7.24
N ASP A 16 -2.19 4.89 8.42
CA ASP A 16 -3.54 4.35 8.57
C ASP A 16 -4.57 5.27 7.94
N GLN A 17 -5.44 4.71 7.12
CA GLN A 17 -6.49 5.48 6.45
C GLN A 17 -7.81 4.73 6.48
N THR A 18 -8.82 5.37 7.07
CA THR A 18 -10.15 4.77 7.17
C THR A 18 -11.11 5.40 6.17
N VAL A 19 -11.73 4.57 5.35
CA VAL A 19 -12.68 5.05 4.35
C VAL A 19 -13.94 4.18 4.32
N ASN A 20 -15.07 4.79 3.97
CA ASN A 20 -16.34 4.08 3.91
C ASN A 20 -16.31 3.00 2.83
N LEU A 21 -17.19 2.01 2.95
CA LEU A 21 -17.26 0.93 1.99
C LEU A 21 -17.64 1.45 0.60
N GLY A 22 -16.95 0.95 -0.41
CA GLY A 22 -17.23 1.38 -1.78
C GLY A 22 -16.39 2.58 -2.19
N LYS A 23 -16.00 3.39 -1.22
CA LYS A 23 -15.19 4.57 -1.48
C LYS A 23 -13.91 4.20 -2.22
N GLU A 24 -13.11 5.21 -2.55
CA GLU A 24 -11.86 4.99 -3.26
C GLU A 24 -10.66 5.15 -2.31
N ILE A 25 -10.20 4.03 -1.77
CA ILE A 25 -9.06 4.05 -0.85
C ILE A 25 -7.79 4.49 -1.56
N CYS A 26 -6.99 5.31 -0.88
CA CYS A 26 -5.74 5.80 -1.44
C CYS A 26 -4.61 5.67 -0.44
N LEU A 27 -3.42 5.30 -0.94
CA LEU A 27 -2.25 5.15 -0.07
C LEU A 27 -0.98 5.52 -0.81
N LYS A 28 -0.24 6.49 -0.27
CA LYS A 28 1.00 6.94 -0.88
C LYS A 28 2.17 6.80 0.09
N CYS A 29 3.34 6.46 -0.44
CA CYS A 29 4.53 6.29 0.39
C CYS A 29 5.78 6.75 -0.37
N GLU A 30 6.82 7.11 0.38
CA GLU A 30 8.06 7.57 -0.21
C GLU A 30 9.25 6.82 0.38
N ILE A 31 10.33 6.73 -0.39
CA ILE A 31 11.53 6.04 0.06
C ILE A 31 12.79 6.77 -0.42
N SER A 32 13.93 6.37 0.13
CA SER A 32 15.21 6.98 -0.23
C SER A 32 15.97 6.11 -1.23
N GLU A 33 15.24 5.26 -1.94
CA GLU A 33 15.85 4.37 -2.92
C GLU A 33 14.90 4.14 -4.10
N ASN A 34 15.46 4.10 -5.29
CA ASN A 34 14.67 3.88 -6.51
C ASN A 34 14.65 2.40 -6.88
N ILE A 35 13.58 1.71 -6.51
CA ILE A 35 13.44 0.30 -6.82
C ILE A 35 11.97 -0.13 -6.78
N PRO A 36 11.63 -1.16 -7.57
CA PRO A 36 10.27 -1.68 -7.64
C PRO A 36 9.85 -2.40 -6.36
N GLY A 37 8.54 -2.43 -6.11
CA GLY A 37 8.05 -3.09 -4.92
C GLY A 37 6.63 -3.61 -5.10
N LYS A 38 6.26 -4.60 -4.29
CA LYS A 38 4.92 -5.19 -4.38
C LYS A 38 4.21 -5.09 -3.03
N TRP A 39 2.89 -4.97 -3.08
CA TRP A 39 2.08 -4.85 -1.87
C TRP A 39 1.53 -6.21 -1.47
N THR A 40 1.06 -6.31 -0.22
CA THR A 40 0.49 -7.54 0.29
C THR A 40 -0.52 -7.27 1.41
N LYS A 41 -1.68 -7.92 1.31
CA LYS A 41 -2.73 -7.75 2.31
C LYS A 41 -3.00 -9.06 3.04
N ASN A 42 -3.26 -8.97 4.34
CA ASN A 42 -3.54 -10.14 5.15
C ASN A 42 -2.59 -11.28 4.80
N GLY A 43 -1.32 -10.94 4.57
CA GLY A 43 -0.33 -11.95 4.22
C GLY A 43 -0.63 -12.63 2.90
N LEU A 44 -1.14 -11.85 1.95
CA LEU A 44 -1.47 -12.39 0.63
C LEU A 44 -1.04 -11.42 -0.47
N PRO A 45 -0.65 -11.97 -1.62
CA PRO A 45 -0.22 -11.19 -2.77
C PRO A 45 -1.37 -10.42 -3.42
N VAL A 46 -1.43 -9.12 -3.16
CA VAL A 46 -2.48 -8.28 -3.72
C VAL A 46 -2.64 -8.51 -5.22
N GLN A 47 -3.87 -8.57 -5.69
CA GLN A 47 -4.15 -8.78 -7.10
C GLN A 47 -4.36 -7.46 -7.82
N GLU A 48 -3.52 -7.19 -8.81
CA GLU A 48 -3.61 -5.95 -9.58
C GLU A 48 -4.64 -6.08 -10.70
N SER A 49 -5.37 -5.00 -10.95
CA SER A 49 -6.38 -5.00 -12.00
C SER A 49 -6.86 -3.58 -12.29
N ASP A 50 -7.59 -3.42 -13.39
CA ASP A 50 -8.11 -2.11 -13.78
C ASP A 50 -8.48 -1.28 -12.55
N ARG A 51 -9.03 -1.95 -11.54
CA ARG A 51 -9.44 -1.28 -10.31
C ARG A 51 -8.23 -0.95 -9.45
N LEU A 52 -7.40 -1.95 -9.19
CA LEU A 52 -6.20 -1.76 -8.37
C LEU A 52 -4.97 -1.57 -9.24
N LYS A 53 -4.39 -0.38 -9.18
CA LYS A 53 -3.20 -0.07 -9.97
C LYS A 53 -2.06 0.40 -9.06
N VAL A 54 -0.83 0.08 -9.46
CA VAL A 54 0.34 0.46 -8.69
C VAL A 54 1.22 1.42 -9.48
N VAL A 55 1.06 2.72 -9.21
CA VAL A 55 1.84 3.75 -9.89
C VAL A 55 3.08 4.11 -9.09
N GLN A 56 4.16 4.46 -9.80
CA GLN A 56 5.40 4.83 -9.15
C GLN A 56 5.86 6.22 -9.59
N LYS A 57 6.24 7.05 -8.62
CA LYS A 57 6.69 8.41 -8.91
C LYS A 57 8.01 8.69 -8.20
N GLY A 58 9.11 8.50 -8.91
CA GLY A 58 10.42 8.75 -8.33
C GLY A 58 10.48 8.41 -6.86
N ARG A 59 10.72 7.14 -6.55
CA ARG A 59 10.79 6.69 -5.17
C ARG A 59 9.48 6.96 -4.43
N ILE A 60 8.37 6.56 -5.05
CA ILE A 60 7.05 6.75 -4.46
C ILE A 60 6.05 5.74 -4.99
N HIS A 61 5.69 4.77 -4.15
CA HIS A 61 4.73 3.74 -4.54
C HIS A 61 3.33 4.09 -4.08
N LYS A 62 2.51 4.59 -5.00
CA LYS A 62 1.14 4.97 -4.68
C LYS A 62 0.15 3.90 -5.16
N LEU A 63 -0.84 3.60 -4.33
CA LEU A 63 -1.84 2.60 -4.68
C LEU A 63 -3.24 3.08 -4.26
N VAL A 64 -4.23 2.75 -5.10
CA VAL A 64 -5.61 3.14 -4.81
C VAL A 64 -6.59 2.14 -5.41
N ILE A 65 -7.57 1.73 -4.61
CA ILE A 65 -8.58 0.77 -5.05
C ILE A 65 -9.84 1.48 -5.54
N ALA A 66 -10.42 0.97 -6.61
CA ALA A 66 -11.64 1.55 -7.17
C ALA A 66 -12.81 1.42 -6.21
N ASN A 67 -12.98 0.23 -5.65
CA ASN A 67 -14.07 -0.02 -4.71
C ASN A 67 -13.53 -0.58 -3.39
N ALA A 68 -13.85 0.10 -2.29
CA ALA A 68 -13.40 -0.33 -0.97
C ALA A 68 -14.29 -1.45 -0.42
N LEU A 69 -13.88 -2.69 -0.67
CA LEU A 69 -14.64 -3.85 -0.20
C LEU A 69 -14.17 -4.28 1.19
N THR A 70 -15.10 -4.78 1.99
CA THR A 70 -14.78 -5.23 3.35
C THR A 70 -13.67 -6.29 3.33
N GLU A 71 -13.50 -6.93 2.17
CA GLU A 71 -12.48 -7.95 2.03
C GLU A 71 -11.09 -7.34 1.95
N ASP A 72 -11.03 -6.06 1.59
CA ASP A 72 -9.76 -5.35 1.48
C ASP A 72 -9.29 -4.87 2.85
N GLU A 73 -10.23 -4.74 3.78
CA GLU A 73 -9.92 -4.28 5.13
C GLU A 73 -9.08 -5.33 5.87
N GLY A 74 -8.16 -4.86 6.70
CA GLY A 74 -7.31 -5.75 7.47
C GLY A 74 -5.96 -5.15 7.77
N ASP A 75 -4.98 -5.43 6.92
CA ASP A 75 -3.62 -4.91 7.10
C ASP A 75 -2.87 -4.89 5.78
N TYR A 76 -2.31 -3.73 5.44
CA TYR A 76 -1.56 -3.58 4.20
C TYR A 76 -0.06 -3.59 4.47
N VAL A 77 0.68 -4.26 3.59
CA VAL A 77 2.13 -4.34 3.73
C VAL A 77 2.82 -4.28 2.37
N PHE A 78 3.83 -3.42 2.26
CA PHE A 78 4.57 -3.27 1.02
C PHE A 78 6.03 -3.64 1.20
N ALA A 79 6.53 -4.51 0.33
CA ALA A 79 7.91 -4.95 0.39
C ALA A 79 8.60 -4.82 -0.97
N PRO A 80 9.81 -4.24 -0.98
CA PRO A 80 10.59 -4.05 -2.20
C PRO A 80 11.11 -5.38 -2.78
N ASP A 81 11.37 -5.38 -4.08
CA ASP A 81 11.87 -6.57 -4.75
C ASP A 81 13.39 -6.68 -4.60
N ALA A 82 13.95 -5.83 -3.75
CA ALA A 82 15.40 -5.84 -3.52
C ALA A 82 15.72 -6.00 -2.04
N TYR A 83 14.76 -5.61 -1.19
CA TYR A 83 14.95 -5.71 0.25
C TYR A 83 13.76 -6.40 0.91
N ASN A 84 13.95 -6.85 2.14
CA ASN A 84 12.89 -7.53 2.87
C ASN A 84 12.11 -6.54 3.74
N VAL A 85 12.31 -5.26 3.48
CA VAL A 85 11.63 -4.22 4.23
C VAL A 85 10.10 -4.33 4.08
N THR A 86 9.38 -4.12 5.17
CA THR A 86 7.94 -4.20 5.16
C THR A 86 7.31 -3.01 5.90
N LEU A 87 6.51 -2.23 5.17
CA LEU A 87 5.85 -1.07 5.76
C LEU A 87 4.41 -1.41 6.15
N PRO A 88 4.19 -1.59 7.47
CA PRO A 88 2.87 -1.90 8.00
C PRO A 88 1.91 -0.73 7.90
N ALA A 89 0.61 -1.03 7.77
CA ALA A 89 -0.41 0.00 7.67
C ALA A 89 -1.77 -0.53 8.11
N LYS A 90 -2.43 0.21 8.99
CA LYS A 90 -3.73 -0.18 9.50
C LYS A 90 -4.85 0.33 8.58
N VAL A 91 -5.87 -0.50 8.38
CA VAL A 91 -6.99 -0.14 7.53
C VAL A 91 -8.32 -0.45 8.20
N HIS A 92 -9.35 0.32 7.86
CA HIS A 92 -10.68 0.12 8.44
C HIS A 92 -11.76 0.47 7.42
N VAL A 93 -12.83 -0.33 7.41
CA VAL A 93 -13.93 -0.11 6.49
C VAL A 93 -15.23 0.12 7.24
N ILE A 94 -16.02 1.10 6.79
CA ILE A 94 -17.30 1.41 7.42
C ILE A 94 -18.40 0.48 6.93
N SER A 95 -19.24 0.04 7.87
CA SER A 95 -20.34 -0.86 7.53
C SER A 95 -21.69 -0.19 7.78
N GLY A 96 -22.74 -0.78 7.24
CA GLY A 96 -24.07 -0.23 7.42
C GLY A 96 -24.93 -0.36 6.17
N PRO A 97 -25.96 0.48 6.07
CA PRO A 97 -26.88 0.47 4.92
C PRO A 97 -26.21 0.98 3.64
N SER A 98 -25.92 0.05 2.72
CA SER A 98 -25.28 0.41 1.46
C SER A 98 -26.23 0.20 0.29
N SER A 99 -25.88 0.77 -0.86
CA SER A 99 -26.70 0.65 -2.05
C SER A 99 -25.91 1.02 -3.30
N GLY A 100 -26.01 0.18 -4.32
CA GLY A 100 -25.29 0.43 -5.56
C GLY A 100 -23.86 0.87 -5.33
N GLY A 1 36.86 9.51 7.17
CA GLY A 1 35.91 8.82 8.02
C GLY A 1 35.36 7.56 7.37
N SER A 2 34.27 7.04 7.91
CA SER A 2 33.65 5.83 7.39
C SER A 2 32.87 6.14 6.11
N SER A 3 33.50 5.92 4.96
CA SER A 3 32.86 6.18 3.68
C SER A 3 31.98 5.01 3.27
N GLY A 4 30.66 5.22 3.37
CA GLY A 4 29.73 4.16 3.01
C GLY A 4 28.31 4.47 3.45
N SER A 5 27.34 4.22 2.59
CA SER A 5 25.94 4.48 2.91
C SER A 5 25.50 3.67 4.12
N SER A 6 24.34 4.01 4.66
CA SER A 6 23.80 3.32 5.83
C SER A 6 22.81 2.24 5.41
N GLY A 7 21.94 2.58 4.46
CA GLY A 7 20.95 1.62 4.00
C GLY A 7 19.68 2.30 3.52
N LEU A 8 18.58 1.56 3.50
CA LEU A 8 17.30 2.10 3.06
C LEU A 8 16.61 2.87 4.18
N LYS A 9 16.26 4.12 3.91
CA LYS A 9 15.61 4.97 4.89
C LYS A 9 14.12 5.12 4.56
N ILE A 10 13.32 5.31 5.60
CA ILE A 10 11.87 5.47 5.42
C ILE A 10 11.47 6.94 5.54
N LEU A 11 11.24 7.59 4.40
CA LEU A 11 10.85 8.99 4.38
C LEU A 11 9.40 9.15 4.83
N THR A 12 8.48 8.55 4.08
CA THR A 12 7.06 8.63 4.41
C THR A 12 6.42 7.24 4.43
N PRO A 13 6.45 6.59 5.61
CA PRO A 13 5.88 5.26 5.79
C PRO A 13 4.36 5.26 5.73
N LEU A 14 3.79 4.19 5.19
CA LEU A 14 2.35 4.07 5.07
C LEU A 14 1.66 4.29 6.41
N THR A 15 0.55 5.02 6.40
CA THR A 15 -0.20 5.30 7.61
C THR A 15 -1.60 4.72 7.54
N ASP A 16 -2.14 4.34 8.70
CA ASP A 16 -3.48 3.77 8.77
C ASP A 16 -4.48 4.62 8.00
N GLN A 17 -5.16 4.00 7.04
CA GLN A 17 -6.14 4.70 6.22
C GLN A 17 -7.52 4.05 6.35
N THR A 18 -8.47 4.79 6.89
CA THR A 18 -9.83 4.29 7.07
C THR A 18 -10.83 5.12 6.27
N VAL A 19 -11.60 4.44 5.41
CA VAL A 19 -12.59 5.12 4.58
C VAL A 19 -13.95 4.41 4.68
N ASN A 20 -14.97 5.03 4.09
CA ASN A 20 -16.31 4.46 4.10
C ASN A 20 -16.55 3.60 2.86
N LEU A 21 -17.13 2.43 3.07
CA LEU A 21 -17.42 1.50 1.97
C LEU A 21 -17.81 2.27 0.71
N GLY A 22 -17.19 1.90 -0.41
CA GLY A 22 -17.49 2.57 -1.66
C GLY A 22 -16.48 3.65 -2.00
N LYS A 23 -15.96 4.31 -0.97
CA LYS A 23 -14.99 5.38 -1.16
C LYS A 23 -13.73 4.85 -1.85
N GLU A 24 -12.96 5.76 -2.44
CA GLU A 24 -11.73 5.38 -3.13
C GLU A 24 -10.54 5.42 -2.17
N ILE A 25 -10.08 4.24 -1.77
CA ILE A 25 -8.94 4.14 -0.86
C ILE A 25 -7.69 4.75 -1.47
N CYS A 26 -6.77 5.17 -0.62
CA CYS A 26 -5.51 5.79 -1.07
C CYS A 26 -4.37 5.47 -0.12
N LEU A 27 -3.18 5.28 -0.67
CA LEU A 27 -2.00 4.97 0.13
C LEU A 27 -0.73 5.45 -0.56
N LYS A 28 -0.03 6.37 0.09
CA LYS A 28 1.22 6.91 -0.45
C LYS A 28 2.39 6.62 0.47
N CYS A 29 3.55 6.36 -0.12
CA CYS A 29 4.75 6.06 0.65
C CYS A 29 6.01 6.47 -0.12
N GLU A 30 6.92 7.15 0.57
CA GLU A 30 8.16 7.59 -0.05
C GLU A 30 9.37 6.95 0.62
N ILE A 31 10.38 6.63 -0.18
CA ILE A 31 11.60 6.01 0.34
C ILE A 31 12.84 6.71 -0.19
N SER A 32 13.97 6.45 0.46
CA SER A 32 15.23 7.06 0.07
C SER A 32 15.89 6.28 -1.06
N GLU A 33 15.09 5.43 -1.72
CA GLU A 33 15.61 4.63 -2.82
C GLU A 33 14.62 4.63 -4.00
N ASN A 34 15.13 4.33 -5.19
CA ASN A 34 14.30 4.31 -6.39
C ASN A 34 14.25 2.90 -6.98
N ILE A 35 13.49 2.02 -6.35
CA ILE A 35 13.36 0.65 -6.82
C ILE A 35 11.91 0.19 -6.81
N PRO A 36 11.56 -0.72 -7.72
CA PRO A 36 10.20 -1.26 -7.82
C PRO A 36 9.84 -2.16 -6.64
N GLY A 37 8.81 -1.76 -5.90
CA GLY A 37 8.38 -2.54 -4.75
C GLY A 37 7.10 -3.30 -5.02
N LYS A 38 6.61 -4.01 -4.01
CA LYS A 38 5.39 -4.80 -4.14
C LYS A 38 4.54 -4.68 -2.88
N TRP A 39 3.22 -4.86 -3.04
CA TRP A 39 2.30 -4.79 -1.92
C TRP A 39 1.81 -6.17 -1.51
N THR A 40 1.35 -6.29 -0.27
CA THR A 40 0.85 -7.56 0.24
C THR A 40 -0.31 -7.34 1.21
N LYS A 41 -1.35 -8.15 1.06
CA LYS A 41 -2.52 -8.05 1.93
C LYS A 41 -2.65 -9.30 2.80
N ASN A 42 -3.07 -9.10 4.05
CA ASN A 42 -3.24 -10.21 4.99
C ASN A 42 -2.11 -11.22 4.85
N GLY A 43 -0.89 -10.72 4.67
CA GLY A 43 0.26 -11.60 4.52
C GLY A 43 0.20 -12.42 3.24
N LEU A 44 -0.30 -11.79 2.17
CA LEU A 44 -0.40 -12.48 0.89
C LEU A 44 -0.09 -11.52 -0.26
N PRO A 45 0.40 -12.07 -1.37
CA PRO A 45 0.73 -11.28 -2.57
C PRO A 45 -0.50 -10.72 -3.27
N VAL A 46 -0.60 -9.40 -3.30
CA VAL A 46 -1.73 -8.73 -3.93
C VAL A 46 -1.66 -8.86 -5.45
N GLN A 47 -2.79 -9.13 -6.08
CA GLN A 47 -2.85 -9.28 -7.53
C GLN A 47 -3.65 -8.14 -8.15
N GLU A 48 -2.95 -7.30 -8.91
CA GLU A 48 -3.59 -6.15 -9.57
C GLU A 48 -4.77 -6.62 -10.43
N SER A 49 -5.66 -5.68 -10.74
CA SER A 49 -6.83 -5.99 -11.55
C SER A 49 -7.46 -4.71 -12.11
N ASP A 50 -8.51 -4.87 -12.90
CA ASP A 50 -9.20 -3.74 -13.50
C ASP A 50 -9.40 -2.63 -12.48
N ARG A 51 -9.77 -3.00 -11.27
CA ARG A 51 -10.00 -2.03 -10.19
C ARG A 51 -8.69 -1.71 -9.47
N LEU A 52 -8.00 -2.75 -9.02
CA LEU A 52 -6.73 -2.58 -8.31
C LEU A 52 -5.67 -1.98 -9.23
N LYS A 53 -5.27 -0.75 -8.93
CA LYS A 53 -4.26 -0.07 -9.72
C LYS A 53 -3.04 0.29 -8.87
N VAL A 54 -1.86 -0.03 -9.37
CA VAL A 54 -0.62 0.27 -8.65
C VAL A 54 0.30 1.16 -9.48
N VAL A 55 0.31 2.45 -9.16
CA VAL A 55 1.15 3.41 -9.86
C VAL A 55 2.38 3.78 -9.05
N GLN A 56 3.52 3.89 -9.71
CA GLN A 56 4.77 4.25 -9.05
C GLN A 56 5.43 5.44 -9.72
N LYS A 57 6.01 6.33 -8.92
CA LYS A 57 6.68 7.52 -9.44
C LYS A 57 8.05 7.68 -8.82
N GLY A 58 9.09 7.42 -9.61
CA GLY A 58 10.45 7.55 -9.12
C GLY A 58 10.66 6.84 -7.79
N ARG A 59 10.43 7.56 -6.69
CA ARG A 59 10.59 7.00 -5.36
C ARG A 59 9.31 7.17 -4.53
N ILE A 60 8.17 6.96 -5.18
CA ILE A 60 6.89 7.08 -4.50
C ILE A 60 5.87 6.08 -5.03
N HIS A 61 5.45 5.17 -4.16
CA HIS A 61 4.48 4.14 -4.54
C HIS A 61 3.09 4.49 -4.02
N LYS A 62 2.18 4.78 -4.94
CA LYS A 62 0.80 5.12 -4.58
C LYS A 62 -0.16 4.01 -4.96
N LEU A 63 -1.15 3.76 -4.09
CA LEU A 63 -2.13 2.72 -4.34
C LEU A 63 -3.54 3.20 -3.97
N VAL A 64 -4.42 3.24 -4.96
CA VAL A 64 -5.79 3.68 -4.75
C VAL A 64 -6.78 2.74 -5.40
N ILE A 65 -7.67 2.15 -4.60
CA ILE A 65 -8.66 1.23 -5.11
C ILE A 65 -9.92 1.97 -5.57
N ALA A 66 -10.51 1.50 -6.67
CA ALA A 66 -11.71 2.12 -7.22
C ALA A 66 -12.83 2.13 -6.19
N ASN A 67 -13.11 0.97 -5.60
CA ASN A 67 -14.16 0.84 -4.61
C ASN A 67 -13.67 0.07 -3.39
N ALA A 68 -13.78 0.69 -2.22
CA ALA A 68 -13.35 0.06 -0.97
C ALA A 68 -14.24 -1.12 -0.62
N LEU A 69 -13.99 -2.26 -1.27
CA LEU A 69 -14.78 -3.46 -1.02
C LEU A 69 -14.57 -3.97 0.41
N THR A 70 -15.64 -4.47 1.01
CA THR A 70 -15.58 -4.99 2.37
C THR A 70 -14.27 -5.72 2.63
N GLU A 71 -13.89 -6.58 1.69
CA GLU A 71 -12.65 -7.35 1.81
C GLU A 71 -11.45 -6.42 1.96
N ASP A 72 -11.45 -5.33 1.19
CA ASP A 72 -10.36 -4.36 1.23
C ASP A 72 -9.97 -4.04 2.68
N GLU A 73 -10.98 -3.81 3.52
CA GLU A 73 -10.75 -3.49 4.92
C GLU A 73 -9.92 -4.58 5.60
N GLY A 74 -8.81 -4.18 6.21
CA GLY A 74 -7.94 -5.13 6.88
C GLY A 74 -6.58 -4.55 7.18
N ASP A 75 -5.53 -5.21 6.70
CA ASP A 75 -4.16 -4.75 6.93
C ASP A 75 -3.28 -5.02 5.71
N TYR A 76 -2.62 -3.98 5.21
CA TYR A 76 -1.75 -4.11 4.05
C TYR A 76 -0.28 -4.08 4.46
N VAL A 77 0.59 -4.53 3.56
CA VAL A 77 2.02 -4.55 3.84
C VAL A 77 2.83 -4.37 2.55
N PHE A 78 3.80 -3.47 2.59
CA PHE A 78 4.64 -3.20 1.44
C PHE A 78 6.06 -3.72 1.65
N ALA A 79 6.77 -3.95 0.56
CA ALA A 79 8.14 -4.44 0.63
C ALA A 79 8.85 -4.33 -0.72
N PRO A 80 10.11 -3.90 -0.69
CA PRO A 80 10.91 -3.74 -1.90
C PRO A 80 11.28 -5.07 -2.55
N ASP A 81 11.43 -5.06 -3.87
CA ASP A 81 11.77 -6.27 -4.61
C ASP A 81 13.28 -6.49 -4.60
N ALA A 82 13.99 -5.75 -3.77
CA ALA A 82 15.44 -5.87 -3.66
C ALA A 82 15.87 -6.21 -2.24
N TYR A 83 15.11 -5.70 -1.27
CA TYR A 83 15.42 -5.95 0.13
C TYR A 83 14.33 -6.79 0.79
N ASN A 84 14.45 -6.99 2.10
CA ASN A 84 13.47 -7.78 2.84
C ASN A 84 12.56 -6.88 3.66
N VAL A 85 13.03 -5.67 3.94
CA VAL A 85 12.24 -4.71 4.71
C VAL A 85 10.76 -4.82 4.40
N THR A 86 9.92 -4.50 5.38
CA THR A 86 8.48 -4.58 5.20
C THR A 86 7.77 -3.46 5.98
N LEU A 87 6.96 -2.69 5.27
CA LEU A 87 6.23 -1.59 5.88
C LEU A 87 4.77 -1.96 6.12
N PRO A 88 4.43 -2.27 7.38
CA PRO A 88 3.06 -2.64 7.77
C PRO A 88 2.09 -1.47 7.68
N ALA A 89 0.83 -1.78 7.42
CA ALA A 89 -0.20 -0.76 7.31
C ALA A 89 -1.57 -1.31 7.70
N LYS A 90 -2.35 -0.51 8.43
CA LYS A 90 -3.67 -0.92 8.86
C LYS A 90 -4.75 -0.19 8.07
N VAL A 91 -5.82 -0.90 7.73
CA VAL A 91 -6.92 -0.32 6.97
C VAL A 91 -8.26 -0.89 7.42
N HIS A 92 -9.31 -0.08 7.31
CA HIS A 92 -10.65 -0.51 7.71
C HIS A 92 -11.71 0.14 6.83
N VAL A 93 -12.90 -0.46 6.80
CA VAL A 93 -13.99 0.07 6.00
C VAL A 93 -15.25 0.26 6.84
N ILE A 94 -15.84 1.44 6.78
CA ILE A 94 -17.04 1.74 7.53
C ILE A 94 -18.30 1.49 6.69
N SER A 95 -19.21 0.68 7.23
CA SER A 95 -20.45 0.36 6.53
C SER A 95 -21.44 1.52 6.61
N GLY A 96 -22.07 1.82 5.49
CA GLY A 96 -23.04 2.90 5.44
C GLY A 96 -24.33 2.50 4.78
N PRO A 97 -25.41 3.25 5.06
CA PRO A 97 -26.73 2.99 4.48
C PRO A 97 -26.79 3.29 3.00
N SER A 98 -25.66 3.69 2.42
CA SER A 98 -25.59 4.01 1.01
C SER A 98 -26.43 5.23 0.67
N SER A 99 -26.24 6.30 1.45
CA SER A 99 -26.99 7.54 1.24
C SER A 99 -26.10 8.61 0.62
N GLY A 100 -26.54 9.15 -0.51
CA GLY A 100 -25.78 10.19 -1.19
C GLY A 100 -26.44 10.66 -2.46
N GLY A 1 30.36 1.23 -3.73
CA GLY A 1 29.23 1.41 -2.84
C GLY A 1 28.07 2.10 -3.53
N SER A 2 27.40 2.99 -2.81
CA SER A 2 26.26 3.73 -3.35
C SER A 2 26.38 5.22 -3.06
N SER A 3 25.75 6.03 -3.89
CA SER A 3 25.79 7.48 -3.72
C SER A 3 24.68 7.95 -2.76
N GLY A 4 24.47 7.17 -1.70
CA GLY A 4 23.46 7.52 -0.73
C GLY A 4 23.74 6.93 0.64
N SER A 5 22.71 6.85 1.47
CA SER A 5 22.85 6.31 2.82
C SER A 5 23.12 4.81 2.77
N SER A 6 23.57 4.26 3.90
CA SER A 6 23.89 2.84 3.98
C SER A 6 22.62 2.03 4.23
N GLY A 7 21.93 1.66 3.16
CA GLY A 7 20.72 0.89 3.28
C GLY A 7 19.47 1.73 3.12
N LEU A 8 18.34 1.08 2.87
CA LEU A 8 17.07 1.78 2.70
C LEU A 8 16.62 2.42 4.01
N LYS A 9 16.25 3.69 3.93
CA LYS A 9 15.78 4.42 5.12
C LYS A 9 14.38 4.97 4.89
N ILE A 10 13.37 4.19 5.28
CA ILE A 10 11.99 4.59 5.13
C ILE A 10 11.78 6.03 5.60
N LEU A 11 11.28 6.88 4.70
CA LEU A 11 11.04 8.28 5.02
C LEU A 11 9.58 8.49 5.45
N THR A 12 8.65 8.20 4.54
CA THR A 12 7.24 8.36 4.83
C THR A 12 6.49 7.05 4.65
N PRO A 13 6.45 6.25 5.73
CA PRO A 13 5.77 4.95 5.74
C PRO A 13 4.25 5.09 5.67
N LEU A 14 3.61 4.15 4.99
CA LEU A 14 2.15 4.17 4.84
C LEU A 14 1.49 4.57 6.15
N THR A 15 0.45 5.40 6.05
CA THR A 15 -0.28 5.86 7.22
C THR A 15 -1.71 5.35 7.22
N ASP A 16 -2.14 4.78 8.34
CA ASP A 16 -3.50 4.25 8.46
C ASP A 16 -4.49 5.10 7.68
N GLN A 17 -5.47 4.45 7.05
CA GLN A 17 -6.48 5.15 6.27
C GLN A 17 -7.87 4.63 6.59
N THR A 18 -8.76 5.53 6.96
CA THR A 18 -10.14 5.17 7.29
C THR A 18 -11.14 5.86 6.37
N VAL A 19 -11.80 5.07 5.53
CA VAL A 19 -12.79 5.61 4.60
C VAL A 19 -14.07 4.80 4.63
N ASN A 20 -15.04 5.19 3.80
CA ASN A 20 -16.32 4.50 3.72
C ASN A 20 -16.32 3.48 2.60
N LEU A 21 -17.37 2.66 2.54
CA LEU A 21 -17.49 1.63 1.52
C LEU A 21 -17.81 2.26 0.16
N GLY A 22 -17.19 1.73 -0.89
CA GLY A 22 -17.41 2.25 -2.23
C GLY A 22 -16.49 3.40 -2.56
N LYS A 23 -16.08 4.15 -1.54
CA LYS A 23 -15.20 5.29 -1.73
C LYS A 23 -13.92 4.87 -2.44
N GLU A 24 -13.11 5.86 -2.82
CA GLU A 24 -11.86 5.59 -3.52
C GLU A 24 -10.68 5.66 -2.54
N ILE A 25 -10.28 4.49 -2.03
CA ILE A 25 -9.17 4.42 -1.09
C ILE A 25 -7.89 4.99 -1.70
N CYS A 26 -6.97 5.43 -0.84
CA CYS A 26 -5.71 6.00 -1.30
C CYS A 26 -4.60 5.73 -0.30
N LEU A 27 -3.49 5.19 -0.79
CA LEU A 27 -2.35 4.88 0.07
C LEU A 27 -1.03 5.18 -0.65
N LYS A 28 -0.32 6.19 -0.15
CA LYS A 28 0.95 6.59 -0.72
C LYS A 28 2.09 6.39 0.27
N CYS A 29 3.32 6.32 -0.23
CA CYS A 29 4.49 6.13 0.60
C CYS A 29 5.71 6.82 0.01
N GLU A 30 6.74 7.01 0.83
CA GLU A 30 7.97 7.67 0.37
C GLU A 30 9.19 6.91 0.87
N ILE A 31 10.01 6.45 -0.06
CA ILE A 31 11.22 5.72 0.28
C ILE A 31 12.48 6.52 -0.08
N SER A 32 13.63 6.03 0.36
CA SER A 32 14.90 6.70 0.09
C SER A 32 15.64 6.02 -1.06
N GLU A 33 14.89 5.49 -2.01
CA GLU A 33 15.47 4.81 -3.16
C GLU A 33 14.46 4.70 -4.30
N ASN A 34 14.97 4.52 -5.52
CA ASN A 34 14.11 4.41 -6.70
C ASN A 34 14.09 2.97 -7.21
N ILE A 35 13.32 2.12 -6.56
CA ILE A 35 13.22 0.72 -6.96
C ILE A 35 11.77 0.24 -6.93
N PRO A 36 11.42 -0.66 -7.85
CA PRO A 36 10.07 -1.21 -7.95
C PRO A 36 9.73 -2.14 -6.78
N GLY A 37 8.49 -2.05 -6.31
CA GLY A 37 8.07 -2.88 -5.19
C GLY A 37 6.68 -3.44 -5.39
N LYS A 38 6.31 -4.42 -4.57
CA LYS A 38 4.99 -5.03 -4.65
C LYS A 38 4.30 -5.04 -3.30
N TRP A 39 2.99 -4.85 -3.29
CA TRP A 39 2.22 -4.84 -2.05
C TRP A 39 1.81 -6.26 -1.66
N THR A 40 1.35 -6.42 -0.42
CA THR A 40 0.94 -7.72 0.09
C THR A 40 -0.19 -7.57 1.09
N LYS A 41 -1.23 -8.40 0.94
CA LYS A 41 -2.36 -8.37 1.85
C LYS A 41 -2.38 -9.60 2.76
N ASN A 42 -2.76 -9.41 4.02
CA ASN A 42 -2.82 -10.50 4.98
C ASN A 42 -1.67 -11.47 4.76
N GLY A 43 -0.48 -10.92 4.47
CA GLY A 43 0.68 -11.75 4.26
C GLY A 43 0.58 -12.58 2.99
N LEU A 44 0.17 -11.93 1.90
CA LEU A 44 0.03 -12.60 0.62
C LEU A 44 0.21 -11.62 -0.54
N PRO A 45 0.65 -12.14 -1.70
CA PRO A 45 0.86 -11.33 -2.90
C PRO A 45 -0.45 -10.84 -3.50
N VAL A 46 -0.71 -9.54 -3.37
CA VAL A 46 -1.92 -8.94 -3.91
C VAL A 46 -1.97 -9.06 -5.43
N GLN A 47 -2.99 -9.74 -5.94
CA GLN A 47 -3.15 -9.92 -7.38
C GLN A 47 -3.77 -8.68 -8.01
N GLU A 48 -2.92 -7.84 -8.60
CA GLU A 48 -3.39 -6.61 -9.24
C GLU A 48 -4.60 -6.90 -10.12
N SER A 49 -5.48 -5.91 -10.24
CA SER A 49 -6.69 -6.04 -11.05
C SER A 49 -7.14 -4.69 -11.59
N ASP A 50 -7.88 -4.72 -12.69
CA ASP A 50 -8.39 -3.49 -13.30
C ASP A 50 -8.80 -2.49 -12.24
N ARG A 51 -9.24 -3.00 -11.09
CA ARG A 51 -9.67 -2.14 -10.00
C ARG A 51 -8.47 -1.63 -9.19
N LEU A 52 -7.64 -2.56 -8.73
CA LEU A 52 -6.45 -2.21 -7.95
C LEU A 52 -5.26 -1.95 -8.87
N LYS A 53 -4.72 -0.73 -8.78
CA LYS A 53 -3.57 -0.36 -9.61
C LYS A 53 -2.41 0.09 -8.72
N VAL A 54 -1.19 -0.28 -9.12
CA VAL A 54 0.00 0.09 -8.37
C VAL A 54 0.82 1.13 -9.13
N VAL A 55 0.63 2.39 -8.77
CA VAL A 55 1.35 3.49 -9.41
C VAL A 55 2.65 3.81 -8.66
N GLN A 56 3.71 4.05 -9.41
CA GLN A 56 5.00 4.37 -8.82
C GLN A 56 5.57 5.67 -9.39
N LYS A 57 6.07 6.54 -8.52
CA LYS A 57 6.64 7.81 -8.94
C LYS A 57 8.01 8.02 -8.32
N GLY A 58 9.05 7.64 -9.05
CA GLY A 58 10.41 7.81 -8.55
C GLY A 58 10.65 7.03 -7.27
N ARG A 59 10.50 7.71 -6.13
CA ARG A 59 10.70 7.08 -4.84
C ARG A 59 9.45 7.19 -3.97
N ILE A 60 8.30 7.29 -4.63
CA ILE A 60 7.03 7.40 -3.92
C ILE A 60 6.00 6.42 -4.48
N HIS A 61 5.50 5.54 -3.61
CA HIS A 61 4.52 4.55 -4.02
C HIS A 61 3.10 5.09 -3.84
N LYS A 62 2.18 4.61 -4.68
CA LYS A 62 0.79 5.04 -4.61
C LYS A 62 -0.15 3.89 -4.97
N LEU A 63 -1.28 3.83 -4.27
CA LEU A 63 -2.27 2.78 -4.51
C LEU A 63 -3.66 3.25 -4.09
N VAL A 64 -4.56 3.38 -5.06
CA VAL A 64 -5.93 3.80 -4.79
C VAL A 64 -6.93 2.83 -5.39
N ILE A 65 -7.75 2.24 -4.53
CA ILE A 65 -8.77 1.29 -4.97
C ILE A 65 -9.96 2.00 -5.60
N ALA A 66 -10.52 1.40 -6.64
CA ALA A 66 -11.67 1.98 -7.32
C ALA A 66 -12.91 1.94 -6.44
N ASN A 67 -13.17 0.77 -5.84
CA ASN A 67 -14.33 0.60 -4.98
C ASN A 67 -13.93 -0.03 -3.65
N ALA A 68 -14.18 0.70 -2.56
CA ALA A 68 -13.84 0.21 -1.22
C ALA A 68 -14.74 -0.97 -0.83
N LEU A 69 -14.12 -2.10 -0.52
CA LEU A 69 -14.86 -3.29 -0.13
C LEU A 69 -14.36 -3.83 1.21
N THR A 70 -15.15 -4.69 1.83
CA THR A 70 -14.79 -5.28 3.12
C THR A 70 -13.47 -6.03 3.02
N GLU A 71 -13.18 -6.55 1.83
CA GLU A 71 -11.95 -7.30 1.61
C GLU A 71 -10.72 -6.40 1.80
N ASP A 72 -10.93 -5.10 1.63
CA ASP A 72 -9.84 -4.13 1.76
C ASP A 72 -9.47 -3.95 3.24
N GLU A 73 -10.38 -4.35 4.12
CA GLU A 73 -10.15 -4.23 5.56
C GLU A 73 -9.25 -5.35 6.06
N GLY A 74 -8.06 -5.00 6.53
CA GLY A 74 -7.13 -5.99 7.03
C GLY A 74 -5.80 -5.39 7.42
N ASP A 75 -4.78 -5.64 6.62
CA ASP A 75 -3.44 -5.12 6.89
C ASP A 75 -2.67 -4.93 5.59
N TYR A 76 -2.18 -3.71 5.37
CA TYR A 76 -1.42 -3.39 4.16
C TYR A 76 0.07 -3.49 4.42
N VAL A 77 0.76 -4.20 3.54
CA VAL A 77 2.21 -4.37 3.66
C VAL A 77 2.90 -4.25 2.31
N PHE A 78 3.95 -3.45 2.26
CA PHE A 78 4.69 -3.25 1.02
C PHE A 78 6.12 -3.79 1.15
N ALA A 79 6.55 -4.54 0.14
CA ALA A 79 7.88 -5.12 0.14
C ALA A 79 8.57 -4.91 -1.21
N PRO A 80 9.76 -4.28 -1.19
CA PRO A 80 10.53 -4.01 -2.39
C PRO A 80 11.11 -5.28 -3.01
N ASP A 81 11.36 -5.24 -4.32
CA ASP A 81 11.91 -6.40 -5.02
C ASP A 81 13.43 -6.43 -4.91
N ALA A 82 13.97 -5.62 -4.00
CA ALA A 82 15.40 -5.55 -3.78
C ALA A 82 15.77 -5.89 -2.35
N TYR A 83 14.87 -5.55 -1.42
CA TYR A 83 15.09 -5.81 0.00
C TYR A 83 13.93 -6.61 0.59
N ASN A 84 14.07 -6.99 1.86
CA ASN A 84 13.04 -7.75 2.55
C ASN A 84 12.33 -6.90 3.59
N VAL A 85 12.29 -5.58 3.34
CA VAL A 85 11.65 -4.66 4.26
C VAL A 85 10.14 -4.67 4.08
N THR A 86 9.41 -4.40 5.16
CA THR A 86 7.95 -4.38 5.12
C THR A 86 7.40 -3.16 5.84
N LEU A 87 6.36 -2.57 5.27
CA LEU A 87 5.73 -1.39 5.86
C LEU A 87 4.29 -1.67 6.26
N PRO A 88 4.06 -1.86 7.56
CA PRO A 88 2.72 -2.15 8.10
C PRO A 88 1.79 -0.94 8.01
N ALA A 89 0.52 -1.19 7.73
CA ALA A 89 -0.47 -0.13 7.62
C ALA A 89 -1.86 -0.63 8.02
N LYS A 90 -2.50 0.09 8.93
CA LYS A 90 -3.84 -0.27 9.40
C LYS A 90 -4.91 0.33 8.49
N VAL A 91 -5.94 -0.46 8.20
CA VAL A 91 -7.03 -0.01 7.34
C VAL A 91 -8.38 -0.29 7.98
N HIS A 92 -9.38 0.51 7.62
CA HIS A 92 -10.72 0.34 8.16
C HIS A 92 -11.78 0.78 7.14
N VAL A 93 -12.78 -0.08 6.94
CA VAL A 93 -13.85 0.21 5.99
C VAL A 93 -15.20 0.27 6.70
N ILE A 94 -15.92 1.37 6.50
CA ILE A 94 -17.23 1.55 7.11
C ILE A 94 -18.32 0.85 6.30
N SER A 95 -19.08 -0.01 6.95
CA SER A 95 -20.15 -0.74 6.30
C SER A 95 -21.41 0.13 6.18
N GLY A 96 -21.96 0.19 4.97
CA GLY A 96 -23.16 0.99 4.75
C GLY A 96 -24.40 0.12 4.56
N PRO A 97 -25.55 0.78 4.35
CA PRO A 97 -26.83 0.10 4.15
C PRO A 97 -26.90 -0.65 2.82
N SER A 98 -26.11 -0.18 1.85
CA SER A 98 -26.07 -0.80 0.53
C SER A 98 -25.88 -2.30 0.64
N SER A 99 -26.91 -3.06 0.30
CA SER A 99 -26.85 -4.52 0.36
C SER A 99 -26.15 -5.08 -0.86
N GLY A 100 -26.53 -4.61 -2.05
CA GLY A 100 -25.93 -5.08 -3.27
C GLY A 100 -25.31 -3.96 -4.08
N GLY A 1 26.65 8.54 -8.05
CA GLY A 1 27.97 7.95 -8.20
C GLY A 1 28.17 6.75 -7.30
N SER A 2 29.28 6.74 -6.56
CA SER A 2 29.59 5.63 -5.67
C SER A 2 28.58 5.56 -4.52
N SER A 3 28.48 4.39 -3.91
CA SER A 3 27.55 4.18 -2.81
C SER A 3 28.26 3.52 -1.62
N GLY A 4 27.96 4.02 -0.42
CA GLY A 4 28.57 3.47 0.77
C GLY A 4 28.02 2.11 1.15
N SER A 5 27.14 2.08 2.14
CA SER A 5 26.54 0.83 2.59
C SER A 5 25.09 0.72 2.13
N SER A 6 24.73 -0.45 1.63
CA SER A 6 23.36 -0.68 1.15
C SER A 6 22.36 -0.66 2.29
N GLY A 7 21.11 -0.33 1.98
CA GLY A 7 20.08 -0.27 2.99
C GLY A 7 19.00 0.74 2.67
N LEU A 8 17.75 0.37 2.90
CA LEU A 8 16.62 1.26 2.63
C LEU A 8 16.27 2.09 3.86
N LYS A 9 16.16 3.39 3.67
CA LYS A 9 15.81 4.30 4.77
C LYS A 9 14.44 4.90 4.55
N ILE A 10 13.39 4.13 4.85
CA ILE A 10 12.02 4.61 4.69
C ILE A 10 11.88 6.05 5.18
N LEU A 11 11.45 6.92 4.28
CA LEU A 11 11.26 8.34 4.62
C LEU A 11 9.82 8.60 5.03
N THR A 12 8.89 8.42 4.10
CA THR A 12 7.48 8.65 4.37
C THR A 12 6.69 7.35 4.30
N PRO A 13 6.62 6.63 5.43
CA PRO A 13 5.90 5.36 5.52
C PRO A 13 4.38 5.55 5.42
N LEU A 14 3.69 4.49 5.03
CA LEU A 14 2.23 4.54 4.90
C LEU A 14 1.59 5.04 6.19
N THR A 15 0.28 5.26 6.14
CA THR A 15 -0.46 5.75 7.30
C THR A 15 -1.88 5.21 7.32
N ASP A 16 -2.31 4.73 8.48
CA ASP A 16 -3.65 4.18 8.63
C ASP A 16 -4.66 4.99 7.82
N GLN A 17 -5.49 4.30 7.04
CA GLN A 17 -6.50 4.95 6.22
C GLN A 17 -7.86 4.29 6.40
N THR A 18 -8.84 5.08 6.85
CA THR A 18 -10.19 4.56 7.06
C THR A 18 -11.20 5.32 6.20
N VAL A 19 -12.11 4.57 5.57
CA VAL A 19 -13.13 5.16 4.73
C VAL A 19 -14.38 4.28 4.68
N ASN A 20 -15.47 4.85 4.17
CA ASN A 20 -16.73 4.12 4.07
C ASN A 20 -16.73 3.20 2.85
N LEU A 21 -17.40 2.06 2.98
CA LEU A 21 -17.48 1.10 1.88
C LEU A 21 -17.79 1.80 0.56
N GLY A 22 -17.16 1.33 -0.51
CA GLY A 22 -17.37 1.92 -1.82
C GLY A 22 -16.41 3.05 -2.11
N LYS A 23 -15.98 3.74 -1.06
CA LYS A 23 -15.05 4.86 -1.21
C LYS A 23 -13.82 4.44 -2.01
N GLU A 24 -13.04 5.43 -2.43
CA GLU A 24 -11.83 5.16 -3.21
C GLU A 24 -10.58 5.27 -2.33
N ILE A 25 -10.14 4.13 -1.81
CA ILE A 25 -8.96 4.10 -0.95
C ILE A 25 -7.72 4.56 -1.71
N CYS A 26 -6.87 5.33 -1.02
CA CYS A 26 -5.65 5.85 -1.62
C CYS A 26 -4.51 5.87 -0.60
N LEU A 27 -3.36 5.34 -1.00
CA LEU A 27 -2.20 5.29 -0.12
C LEU A 27 -0.94 5.75 -0.86
N LYS A 28 -0.11 6.54 -0.17
CA LYS A 28 1.12 7.03 -0.76
C LYS A 28 2.28 6.93 0.23
N CYS A 29 3.40 6.41 -0.24
CA CYS A 29 4.58 6.25 0.60
C CYS A 29 5.85 6.68 -0.14
N GLU A 30 6.91 6.95 0.62
CA GLU A 30 8.17 7.37 0.03
C GLU A 30 9.33 6.57 0.60
N ILE A 31 10.37 6.38 -0.21
CA ILE A 31 11.54 5.62 0.21
C ILE A 31 12.83 6.26 -0.31
N SER A 32 13.96 5.74 0.15
CA SER A 32 15.26 6.27 -0.28
C SER A 32 15.84 5.42 -1.41
N GLU A 33 14.97 4.95 -2.29
CA GLU A 33 15.39 4.11 -3.41
C GLU A 33 14.39 4.19 -4.56
N ASN A 34 14.88 4.10 -5.79
CA ASN A 34 14.03 4.16 -6.97
C ASN A 34 13.86 2.78 -7.58
N ILE A 35 13.43 1.82 -6.77
CA ILE A 35 13.22 0.46 -7.23
C ILE A 35 11.77 0.04 -7.08
N PRO A 36 11.27 -0.75 -8.05
CA PRO A 36 9.89 -1.24 -8.04
C PRO A 36 9.63 -2.27 -6.93
N GLY A 37 8.48 -2.16 -6.29
CA GLY A 37 8.14 -3.07 -5.22
C GLY A 37 6.71 -3.58 -5.31
N LYS A 38 6.38 -4.59 -4.52
CA LYS A 38 5.04 -5.16 -4.52
C LYS A 38 4.40 -5.02 -3.15
N TRP A 39 3.07 -5.11 -3.12
CA TRP A 39 2.34 -5.00 -1.85
C TRP A 39 1.79 -6.35 -1.43
N THR A 40 1.34 -6.44 -0.18
CA THR A 40 0.79 -7.67 0.36
C THR A 40 -0.30 -7.40 1.39
N LYS A 41 -1.42 -8.10 1.26
CA LYS A 41 -2.54 -7.93 2.18
C LYS A 41 -2.76 -9.20 3.00
N ASN A 42 -3.10 -9.03 4.28
CA ASN A 42 -3.36 -10.15 5.16
C ASN A 42 -2.36 -11.28 4.90
N GLY A 43 -1.13 -10.90 4.57
CA GLY A 43 -0.10 -11.89 4.31
C GLY A 43 -0.32 -12.62 2.99
N LEU A 44 -0.55 -11.85 1.93
CA LEU A 44 -0.79 -12.43 0.61
C LEU A 44 -0.43 -11.43 -0.50
N PRO A 45 0.07 -11.95 -1.63
CA PRO A 45 0.45 -11.13 -2.78
C PRO A 45 -0.75 -10.50 -3.47
N VAL A 46 -1.06 -9.26 -3.11
CA VAL A 46 -2.18 -8.54 -3.69
C VAL A 46 -2.15 -8.62 -5.22
N GLN A 47 -3.18 -9.23 -5.80
CA GLN A 47 -3.27 -9.38 -7.25
C GLN A 47 -3.68 -8.06 -7.90
N GLU A 48 -2.78 -7.50 -8.70
CA GLU A 48 -3.06 -6.24 -9.38
C GLU A 48 -4.09 -6.43 -10.49
N SER A 49 -4.89 -5.40 -10.73
CA SER A 49 -5.93 -5.46 -11.75
C SER A 49 -6.35 -4.06 -12.17
N ASP A 50 -7.15 -3.98 -13.24
CA ASP A 50 -7.63 -2.70 -13.73
C ASP A 50 -8.00 -1.76 -12.58
N ARG A 51 -8.76 -2.29 -11.62
CA ARG A 51 -9.18 -1.51 -10.47
C ARG A 51 -7.99 -1.20 -9.56
N LEU A 52 -7.30 -2.24 -9.12
CA LEU A 52 -6.15 -2.09 -8.25
C LEU A 52 -4.86 -1.93 -9.06
N LYS A 53 -4.40 -0.70 -9.19
CA LYS A 53 -3.18 -0.41 -9.93
C LYS A 53 -2.11 0.17 -9.03
N VAL A 54 -0.86 -0.22 -9.26
CA VAL A 54 0.26 0.26 -8.46
C VAL A 54 1.13 1.23 -9.26
N VAL A 55 0.92 2.52 -9.04
CA VAL A 55 1.68 3.55 -9.74
C VAL A 55 2.84 4.05 -8.88
N GLN A 56 3.98 4.28 -9.52
CA GLN A 56 5.17 4.76 -8.81
C GLN A 56 5.55 6.16 -9.27
N LYS A 57 5.98 7.00 -8.34
CA LYS A 57 6.37 8.37 -8.65
C LYS A 57 7.74 8.69 -8.04
N GLY A 58 8.79 8.51 -8.83
CA GLY A 58 10.13 8.80 -8.34
C GLY A 58 10.30 8.47 -6.87
N ARG A 59 10.68 7.23 -6.58
CA ARG A 59 10.86 6.79 -5.20
C ARG A 59 9.58 6.97 -4.39
N ILE A 60 8.47 6.50 -4.95
CA ILE A 60 7.18 6.61 -4.28
C ILE A 60 6.24 5.50 -4.72
N HIS A 61 5.64 4.81 -3.76
CA HIS A 61 4.72 3.73 -4.05
C HIS A 61 3.27 4.16 -3.81
N LYS A 62 2.52 4.32 -4.90
CA LYS A 62 1.13 4.75 -4.82
C LYS A 62 0.19 3.58 -5.13
N LEU A 63 -0.84 3.43 -4.32
CA LEU A 63 -1.82 2.35 -4.51
C LEU A 63 -3.20 2.77 -4.02
N VAL A 64 -4.10 3.01 -4.96
CA VAL A 64 -5.46 3.42 -4.63
C VAL A 64 -6.48 2.43 -5.18
N ILE A 65 -7.44 2.06 -4.34
CA ILE A 65 -8.49 1.12 -4.75
C ILE A 65 -9.72 1.85 -5.27
N ALA A 66 -10.31 1.31 -6.32
CA ALA A 66 -11.50 1.91 -6.92
C ALA A 66 -12.68 1.87 -5.95
N ASN A 67 -13.00 0.68 -5.46
CA ASN A 67 -14.11 0.50 -4.53
C ASN A 67 -13.63 -0.18 -3.25
N ALA A 68 -13.87 0.48 -2.12
CA ALA A 68 -13.47 -0.05 -0.83
C ALA A 68 -14.38 -1.21 -0.41
N LEU A 69 -13.99 -2.43 -0.78
CA LEU A 69 -14.77 -3.61 -0.44
C LEU A 69 -14.63 -3.95 1.04
N THR A 70 -15.71 -4.47 1.62
CA THR A 70 -15.72 -4.83 3.04
C THR A 70 -14.61 -5.83 3.35
N GLU A 71 -14.18 -6.58 2.33
CA GLU A 71 -13.13 -7.57 2.50
C GLU A 71 -11.75 -6.93 2.35
N ASP A 72 -11.70 -5.84 1.59
CA ASP A 72 -10.45 -5.13 1.36
C ASP A 72 -9.83 -4.68 2.68
N GLU A 73 -10.66 -4.16 3.57
CA GLU A 73 -10.19 -3.68 4.87
C GLU A 73 -9.38 -4.77 5.58
N GLY A 74 -8.51 -4.35 6.50
CA GLY A 74 -7.69 -5.29 7.24
C GLY A 74 -6.31 -4.75 7.53
N ASP A 75 -5.30 -5.32 6.89
CA ASP A 75 -3.92 -4.89 7.09
C ASP A 75 -3.13 -4.96 5.78
N TYR A 76 -2.40 -3.90 5.49
CA TYR A 76 -1.61 -3.83 4.26
C TYR A 76 -0.12 -3.72 4.58
N VAL A 77 0.70 -4.37 3.76
CA VAL A 77 2.15 -4.35 3.95
C VAL A 77 2.87 -4.31 2.62
N PHE A 78 3.88 -3.45 2.52
CA PHE A 78 4.66 -3.31 1.30
C PHE A 78 6.02 -3.99 1.43
N ALA A 79 6.63 -4.31 0.30
CA ALA A 79 7.93 -4.98 0.29
C ALA A 79 8.63 -4.78 -1.05
N PRO A 80 9.84 -4.19 -1.01
CA PRO A 80 10.64 -3.94 -2.20
C PRO A 80 11.18 -5.22 -2.82
N ASP A 81 11.34 -5.23 -4.14
CA ASP A 81 11.85 -6.38 -4.86
C ASP A 81 13.37 -6.40 -4.86
N ALA A 82 13.97 -5.54 -4.03
CA ALA A 82 15.42 -5.45 -3.94
C ALA A 82 15.89 -5.66 -2.50
N TYR A 83 15.09 -5.16 -1.56
CA TYR A 83 15.44 -5.29 -0.14
C TYR A 83 14.36 -6.06 0.61
N ASN A 84 14.53 -6.19 1.92
CA ASN A 84 13.57 -6.90 2.75
C ASN A 84 12.89 -5.96 3.74
N VAL A 85 12.42 -4.82 3.22
CA VAL A 85 11.75 -3.83 4.06
C VAL A 85 10.23 -4.04 4.05
N THR A 86 9.61 -3.81 5.21
CA THR A 86 8.17 -3.98 5.34
C THR A 86 7.54 -2.79 6.04
N LEU A 87 6.47 -2.26 5.45
CA LEU A 87 5.77 -1.11 6.03
C LEU A 87 4.35 -1.48 6.43
N PRO A 88 4.14 -1.66 7.74
CA PRO A 88 2.82 -2.01 8.29
C PRO A 88 1.82 -0.87 8.18
N ALA A 89 0.57 -1.22 7.89
CA ALA A 89 -0.48 -0.22 7.76
C ALA A 89 -1.84 -0.80 8.12
N LYS A 90 -2.60 -0.07 8.93
CA LYS A 90 -3.93 -0.51 9.34
C LYS A 90 -5.02 0.16 8.52
N VAL A 91 -6.04 -0.61 8.16
CA VAL A 91 -7.15 -0.09 7.36
C VAL A 91 -8.48 -0.61 7.87
N HIS A 92 -9.55 0.15 7.63
CA HIS A 92 -10.89 -0.24 8.06
C HIS A 92 -11.95 0.35 7.14
N VAL A 93 -13.10 -0.32 7.07
CA VAL A 93 -14.19 0.13 6.23
C VAL A 93 -15.48 0.31 7.03
N ILE A 94 -16.30 1.28 6.64
CA ILE A 94 -17.54 1.55 7.32
C ILE A 94 -18.68 0.72 6.75
N SER A 95 -19.38 -0.01 7.61
CA SER A 95 -20.49 -0.85 7.18
C SER A 95 -21.70 -0.67 8.10
N GLY A 96 -22.75 -1.43 7.84
CA GLY A 96 -23.96 -1.35 8.64
C GLY A 96 -25.17 -1.91 7.94
N PRO A 97 -26.37 -1.57 8.45
CA PRO A 97 -27.64 -2.03 7.87
C PRO A 97 -27.93 -1.38 6.53
N SER A 98 -27.57 -0.10 6.39
CA SER A 98 -27.80 0.63 5.16
C SER A 98 -27.59 -0.27 3.94
N SER A 99 -28.34 -0.01 2.88
CA SER A 99 -28.24 -0.80 1.66
C SER A 99 -27.76 0.06 0.49
N GLY A 100 -27.04 -0.56 -0.43
CA GLY A 100 -26.53 0.18 -1.58
C GLY A 100 -25.56 -0.65 -2.41
N GLY A 1 37.64 5.91 -3.46
CA GLY A 1 36.22 5.67 -3.71
C GLY A 1 35.49 5.18 -2.48
N SER A 2 34.27 5.69 -2.28
CA SER A 2 33.46 5.31 -1.13
C SER A 2 32.53 4.14 -1.48
N SER A 3 32.60 3.09 -0.69
CA SER A 3 31.77 1.90 -0.91
C SER A 3 31.27 1.33 0.41
N GLY A 4 29.98 1.03 0.46
CA GLY A 4 29.39 0.48 1.67
C GLY A 4 28.01 -0.08 1.44
N SER A 5 27.68 -1.15 2.16
CA SER A 5 26.37 -1.79 2.03
C SER A 5 25.26 -0.85 2.50
N SER A 6 24.52 -0.28 1.54
CA SER A 6 23.44 0.63 1.85
C SER A 6 22.10 -0.09 1.82
N GLY A 7 21.28 0.16 2.84
CA GLY A 7 19.97 -0.47 2.92
C GLY A 7 18.84 0.52 2.81
N LEU A 8 17.78 0.13 2.11
CA LEU A 8 16.62 0.99 1.92
C LEU A 8 16.12 1.54 3.25
N LYS A 9 15.66 2.78 3.25
CA LYS A 9 15.15 3.42 4.44
C LYS A 9 13.68 3.81 4.28
N ILE A 10 12.94 3.80 5.38
CA ILE A 10 11.53 4.15 5.35
C ILE A 10 11.33 5.62 5.75
N LEU A 11 11.20 6.48 4.75
CA LEU A 11 11.00 7.90 4.99
C LEU A 11 9.56 8.18 5.42
N THR A 12 8.61 7.71 4.63
CA THR A 12 7.20 7.90 4.93
C THR A 12 6.42 6.61 4.77
N PRO A 13 6.34 5.81 5.84
CA PRO A 13 5.64 4.54 5.84
C PRO A 13 4.12 4.72 5.77
N LEU A 14 3.45 3.80 5.10
CA LEU A 14 2.00 3.85 4.95
C LEU A 14 1.33 4.14 6.29
N THR A 15 0.59 5.24 6.37
CA THR A 15 -0.10 5.63 7.58
C THR A 15 -1.56 5.16 7.57
N ASP A 16 -2.01 4.61 8.68
CA ASP A 16 -3.38 4.12 8.80
C ASP A 16 -4.34 5.05 8.05
N GLN A 17 -5.25 4.44 7.28
CA GLN A 17 -6.22 5.20 6.51
C GLN A 17 -7.63 4.63 6.69
N THR A 18 -8.58 5.50 7.00
CA THR A 18 -9.96 5.07 7.20
C THR A 18 -10.89 5.74 6.18
N VAL A 19 -11.45 4.94 5.29
CA VAL A 19 -12.36 5.45 4.26
C VAL A 19 -13.66 4.65 4.23
N ASN A 20 -14.72 5.29 3.79
CA ASN A 20 -16.03 4.63 3.70
C ASN A 20 -15.96 3.40 2.80
N LEU A 21 -17.05 2.66 2.73
CA LEU A 21 -17.12 1.46 1.90
C LEU A 21 -17.46 1.81 0.46
N GLY A 22 -16.60 1.37 -0.46
CA GLY A 22 -16.83 1.64 -1.88
C GLY A 22 -16.03 2.84 -2.36
N LYS A 23 -15.66 3.72 -1.44
CA LYS A 23 -14.89 4.92 -1.78
C LYS A 23 -13.60 4.54 -2.51
N GLU A 24 -12.95 5.54 -3.09
CA GLU A 24 -11.71 5.31 -3.83
C GLU A 24 -10.52 5.27 -2.88
N ILE A 25 -10.15 4.06 -2.47
CA ILE A 25 -9.02 3.87 -1.56
C ILE A 25 -7.77 4.56 -2.09
N CYS A 26 -6.93 5.06 -1.18
CA CYS A 26 -5.70 5.74 -1.55
C CYS A 26 -4.62 5.52 -0.51
N LEU A 27 -3.50 4.95 -0.92
CA LEU A 27 -2.39 4.69 -0.01
C LEU A 27 -1.06 5.09 -0.64
N LYS A 28 -0.47 6.17 -0.13
CA LYS A 28 0.80 6.66 -0.64
C LYS A 28 1.87 6.62 0.44
N CYS A 29 3.11 6.41 0.01
CA CYS A 29 4.24 6.34 0.95
C CYS A 29 5.51 6.86 0.30
N GLU A 30 6.53 7.09 1.13
CA GLU A 30 7.81 7.59 0.63
C GLU A 30 8.96 6.66 1.04
N ILE A 31 9.86 6.41 0.10
CA ILE A 31 11.01 5.53 0.36
C ILE A 31 12.31 6.20 -0.07
N SER A 32 13.43 5.65 0.41
CA SER A 32 14.74 6.19 0.07
C SER A 32 15.32 5.48 -1.14
N GLU A 33 14.50 5.31 -2.17
CA GLU A 33 14.93 4.64 -3.39
C GLU A 33 13.85 4.68 -4.46
N ASN A 34 14.24 4.50 -5.71
CA ASN A 34 13.30 4.52 -6.82
C ASN A 34 13.22 3.15 -7.49
N ILE A 35 13.01 2.11 -6.69
CA ILE A 35 12.92 0.76 -7.21
C ILE A 35 11.48 0.24 -7.13
N PRO A 36 11.12 -0.65 -8.07
CA PRO A 36 9.78 -1.25 -8.11
C PRO A 36 9.53 -2.20 -6.96
N GLY A 37 8.33 -2.14 -6.39
CA GLY A 37 7.99 -3.01 -5.28
C GLY A 37 6.58 -3.58 -5.42
N LYS A 38 6.28 -4.58 -4.59
CA LYS A 38 4.96 -5.23 -4.62
C LYS A 38 4.29 -5.14 -3.26
N TRP A 39 2.97 -5.01 -3.26
CA TRP A 39 2.21 -4.92 -2.03
C TRP A 39 1.67 -6.29 -1.61
N THR A 40 1.32 -6.41 -0.34
CA THR A 40 0.78 -7.67 0.18
C THR A 40 -0.26 -7.42 1.27
N LYS A 41 -1.34 -8.19 1.23
CA LYS A 41 -2.41 -8.06 2.21
C LYS A 41 -2.46 -9.26 3.14
N ASN A 42 -2.74 -9.01 4.41
CA ASN A 42 -2.81 -10.08 5.41
C ASN A 42 -1.76 -11.16 5.12
N GLY A 43 -0.58 -10.74 4.72
CA GLY A 43 0.49 -11.68 4.42
C GLY A 43 0.22 -12.47 3.17
N LEU A 44 -0.26 -11.80 2.12
CA LEU A 44 -0.57 -12.45 0.86
C LEU A 44 -0.26 -11.52 -0.32
N PRO A 45 0.10 -12.13 -1.47
CA PRO A 45 0.42 -11.38 -2.68
C PRO A 45 -0.81 -10.71 -3.30
N VAL A 46 -0.96 -9.41 -3.04
CA VAL A 46 -2.09 -8.66 -3.58
C VAL A 46 -2.25 -8.89 -5.07
N GLN A 47 -3.44 -9.32 -5.48
CA GLN A 47 -3.72 -9.57 -6.88
C GLN A 47 -4.04 -8.27 -7.62
N GLU A 48 -3.03 -7.74 -8.32
CA GLU A 48 -3.20 -6.50 -9.07
C GLU A 48 -4.09 -6.72 -10.28
N SER A 49 -4.99 -5.78 -10.53
CA SER A 49 -5.90 -5.86 -11.66
C SER A 49 -6.44 -4.48 -12.04
N ASP A 50 -7.14 -4.41 -13.16
CA ASP A 50 -7.71 -3.15 -13.64
C ASP A 50 -8.15 -2.28 -12.46
N ARG A 51 -8.89 -2.87 -11.53
CA ARG A 51 -9.37 -2.15 -10.37
C ARG A 51 -8.20 -1.65 -9.51
N LEU A 52 -7.28 -2.55 -9.20
CA LEU A 52 -6.12 -2.21 -8.40
C LEU A 52 -4.94 -1.78 -9.28
N LYS A 53 -4.57 -0.51 -9.19
CA LYS A 53 -3.47 0.02 -9.98
C LYS A 53 -2.39 0.60 -9.08
N VAL A 54 -1.16 0.11 -9.25
CA VAL A 54 -0.04 0.58 -8.45
C VAL A 54 0.78 1.62 -9.20
N VAL A 55 0.62 2.88 -8.84
CA VAL A 55 1.33 3.98 -9.48
C VAL A 55 2.66 4.24 -8.78
N GLN A 56 3.71 4.48 -9.56
CA GLN A 56 5.02 4.77 -9.02
C GLN A 56 5.54 6.11 -9.49
N LYS A 57 6.02 6.92 -8.55
CA LYS A 57 6.55 8.25 -8.88
C LYS A 57 7.92 8.46 -8.24
N GLY A 58 8.97 8.17 -9.01
CA GLY A 58 10.32 8.34 -8.51
C GLY A 58 10.56 7.53 -7.24
N ARG A 59 10.52 8.21 -6.09
CA ARG A 59 10.74 7.56 -4.81
C ARG A 59 9.47 7.54 -3.98
N ILE A 60 8.35 7.17 -4.61
CA ILE A 60 7.07 7.12 -3.92
C ILE A 60 6.15 6.06 -4.54
N HIS A 61 5.63 5.18 -3.70
CA HIS A 61 4.75 4.12 -4.16
C HIS A 61 3.29 4.42 -3.79
N LYS A 62 2.46 4.65 -4.80
CA LYS A 62 1.05 4.96 -4.57
C LYS A 62 0.17 3.77 -4.98
N LEU A 63 -0.91 3.57 -4.25
CA LEU A 63 -1.83 2.48 -4.54
C LEU A 63 -3.27 2.88 -4.20
N VAL A 64 -4.07 3.12 -5.23
CA VAL A 64 -5.46 3.50 -5.04
C VAL A 64 -6.40 2.47 -5.65
N ILE A 65 -7.50 2.19 -4.94
CA ILE A 65 -8.48 1.23 -5.40
C ILE A 65 -9.75 1.91 -5.90
N ALA A 66 -10.36 1.34 -6.93
CA ALA A 66 -11.58 1.90 -7.50
C ALA A 66 -12.70 1.93 -6.47
N ASN A 67 -13.15 0.75 -6.07
CA ASN A 67 -14.22 0.64 -5.08
C ASN A 67 -13.77 -0.14 -3.86
N ALA A 68 -13.58 0.54 -2.75
CA ALA A 68 -13.14 -0.09 -1.51
C ALA A 68 -14.10 -1.20 -1.10
N LEU A 69 -13.57 -2.41 -0.92
CA LEU A 69 -14.37 -3.56 -0.53
C LEU A 69 -14.00 -4.03 0.87
N THR A 70 -14.95 -4.70 1.54
CA THR A 70 -14.72 -5.21 2.88
C THR A 70 -13.34 -5.84 3.01
N GLU A 71 -12.95 -6.62 2.00
CA GLU A 71 -11.67 -7.29 2.00
C GLU A 71 -10.56 -6.32 2.42
N ASP A 72 -10.62 -5.09 1.92
CA ASP A 72 -9.63 -4.07 2.25
C ASP A 72 -9.34 -4.07 3.75
N GLU A 73 -10.39 -4.16 4.55
CA GLU A 73 -10.25 -4.16 6.00
C GLU A 73 -9.34 -5.31 6.46
N GLY A 74 -8.16 -4.95 6.95
CA GLY A 74 -7.22 -5.96 7.41
C GLY A 74 -5.87 -5.37 7.75
N ASP A 75 -4.86 -5.72 6.96
CA ASP A 75 -3.50 -5.22 7.19
C ASP A 75 -2.73 -5.15 5.88
N TYR A 76 -2.27 -3.95 5.53
CA TYR A 76 -1.51 -3.76 4.29
C TYR A 76 -0.02 -3.63 4.59
N VAL A 77 0.79 -4.32 3.78
CA VAL A 77 2.23 -4.30 3.96
C VAL A 77 2.94 -4.20 2.61
N PHE A 78 3.88 -3.26 2.50
CA PHE A 78 4.63 -3.07 1.27
C PHE A 78 6.00 -3.75 1.35
N ALA A 79 6.41 -4.37 0.24
CA ALA A 79 7.69 -5.06 0.19
C ALA A 79 8.37 -4.85 -1.15
N PRO A 80 9.58 -4.26 -1.12
CA PRO A 80 10.36 -3.98 -2.32
C PRO A 80 10.89 -5.25 -2.97
N ASP A 81 11.18 -5.17 -4.27
CA ASP A 81 11.70 -6.31 -5.00
C ASP A 81 13.23 -6.31 -5.00
N ALA A 82 13.81 -5.44 -4.18
CA ALA A 82 15.26 -5.33 -4.08
C ALA A 82 15.73 -5.57 -2.65
N TYR A 83 14.91 -5.15 -1.69
CA TYR A 83 15.24 -5.30 -0.28
C TYR A 83 14.14 -6.05 0.46
N ASN A 84 14.32 -6.24 1.76
CA ASN A 84 13.35 -6.94 2.58
C ASN A 84 12.70 -5.98 3.59
N VAL A 85 12.22 -4.85 3.09
CA VAL A 85 11.57 -3.86 3.95
C VAL A 85 10.07 -4.05 3.98
N THR A 86 9.47 -3.85 5.14
CA THR A 86 8.03 -4.01 5.31
C THR A 86 7.41 -2.77 5.96
N LEU A 87 6.31 -2.29 5.38
CA LEU A 87 5.63 -1.11 5.90
C LEU A 87 4.20 -1.45 6.32
N PRO A 88 3.97 -1.58 7.63
CA PRO A 88 2.66 -1.90 8.19
C PRO A 88 1.67 -0.76 8.02
N ALA A 89 0.43 -1.10 7.69
CA ALA A 89 -0.61 -0.09 7.52
C ALA A 89 -1.98 -0.64 7.93
N LYS A 90 -2.64 0.06 8.83
CA LYS A 90 -3.96 -0.34 9.31
C LYS A 90 -5.07 0.36 8.55
N VAL A 91 -6.10 -0.38 8.17
CA VAL A 91 -7.23 0.19 7.43
C VAL A 91 -8.55 -0.17 8.10
N HIS A 92 -9.58 0.60 7.79
CA HIS A 92 -10.91 0.37 8.36
C HIS A 92 -12.00 0.89 7.43
N VAL A 93 -12.95 0.03 7.09
CA VAL A 93 -14.05 0.39 6.21
C VAL A 93 -15.31 0.71 7.00
N ILE A 94 -16.04 1.74 6.57
CA ILE A 94 -17.27 2.13 7.25
C ILE A 94 -18.49 1.51 6.56
N SER A 95 -19.30 0.81 7.35
CA SER A 95 -20.50 0.16 6.83
C SER A 95 -21.71 1.08 6.95
N GLY A 96 -22.85 0.61 6.46
CA GLY A 96 -24.06 1.41 6.51
C GLY A 96 -24.99 1.13 5.35
N PRO A 97 -25.89 2.09 5.06
CA PRO A 97 -26.86 1.98 3.96
C PRO A 97 -26.19 2.07 2.61
N SER A 98 -26.12 0.95 1.89
CA SER A 98 -25.50 0.91 0.58
C SER A 98 -25.76 2.22 -0.18
N SER A 99 -27.03 2.52 -0.42
CA SER A 99 -27.40 3.73 -1.14
C SER A 99 -27.47 4.93 -0.19
N GLY A 100 -26.32 5.58 0.00
CA GLY A 100 -26.27 6.73 0.89
C GLY A 100 -26.47 8.04 0.15
N GLY A 1 28.46 9.73 -10.30
CA GLY A 1 29.21 8.59 -9.83
C GLY A 1 28.32 7.41 -9.49
N SER A 2 28.92 6.24 -9.30
CA SER A 2 28.18 5.03 -8.98
C SER A 2 27.13 5.31 -7.91
N SER A 3 26.02 4.59 -7.98
CA SER A 3 24.93 4.77 -7.02
C SER A 3 24.57 3.44 -6.35
N GLY A 4 25.58 2.66 -6.01
CA GLY A 4 25.36 1.38 -5.37
C GLY A 4 25.45 1.46 -3.86
N SER A 5 24.47 2.09 -3.23
CA SER A 5 24.44 2.24 -1.78
C SER A 5 23.65 1.10 -1.14
N SER A 6 23.91 0.87 0.14
CA SER A 6 23.22 -0.19 0.88
C SER A 6 22.63 0.35 2.18
N GLY A 7 21.30 0.41 2.24
CA GLY A 7 20.64 0.90 3.43
C GLY A 7 19.42 1.76 3.11
N LEU A 8 18.31 1.09 2.79
CA LEU A 8 17.08 1.80 2.46
C LEU A 8 16.43 2.38 3.70
N LYS A 9 15.88 3.58 3.58
CA LYS A 9 15.21 4.25 4.70
C LYS A 9 13.83 4.75 4.29
N ILE A 10 12.82 4.31 5.03
CA ILE A 10 11.44 4.72 4.75
C ILE A 10 11.16 6.12 5.30
N LEU A 11 11.32 7.13 4.44
CA LEU A 11 11.08 8.51 4.83
C LEU A 11 9.62 8.71 5.23
N THR A 12 8.71 8.23 4.40
CA THR A 12 7.27 8.36 4.66
C THR A 12 6.58 7.01 4.59
N PRO A 13 6.51 6.31 5.73
CA PRO A 13 5.87 5.00 5.81
C PRO A 13 4.35 5.08 5.67
N LEU A 14 3.75 3.99 5.21
CA LEU A 14 2.30 3.94 5.03
C LEU A 14 1.57 4.18 6.35
N THR A 15 0.56 5.03 6.30
CA THR A 15 -0.23 5.35 7.50
C THR A 15 -1.61 4.73 7.43
N ASP A 16 -2.27 4.65 8.57
CA ASP A 16 -3.62 4.07 8.64
C ASP A 16 -4.63 5.00 7.96
N GLN A 17 -5.53 4.39 7.18
CA GLN A 17 -6.55 5.15 6.47
C GLN A 17 -7.91 4.48 6.59
N THR A 18 -8.94 5.29 6.89
CA THR A 18 -10.30 4.77 7.04
C THR A 18 -11.26 5.48 6.10
N VAL A 19 -12.05 4.70 5.37
CA VAL A 19 -13.01 5.26 4.43
C VAL A 19 -14.25 4.37 4.33
N ASN A 20 -15.42 5.00 4.20
CA ASN A 20 -16.67 4.27 4.09
C ASN A 20 -16.68 3.39 2.85
N LEU A 21 -17.44 2.30 2.91
CA LEU A 21 -17.53 1.37 1.78
C LEU A 21 -17.85 2.11 0.49
N GLY A 22 -17.14 1.76 -0.58
CA GLY A 22 -17.36 2.40 -1.86
C GLY A 22 -16.39 3.54 -2.12
N LYS A 23 -15.94 4.18 -1.04
CA LYS A 23 -15.01 5.30 -1.16
C LYS A 23 -13.77 4.89 -1.95
N GLU A 24 -13.02 5.88 -2.41
CA GLU A 24 -11.81 5.62 -3.18
C GLU A 24 -10.57 5.68 -2.29
N ILE A 25 -10.10 4.52 -1.85
CA ILE A 25 -8.93 4.44 -1.00
C ILE A 25 -7.67 4.88 -1.74
N CYS A 26 -6.77 5.55 -1.04
CA CYS A 26 -5.53 6.02 -1.63
C CYS A 26 -4.40 6.02 -0.60
N LEU A 27 -3.31 5.33 -0.94
CA LEU A 27 -2.16 5.24 -0.04
C LEU A 27 -0.88 5.65 -0.76
N LYS A 28 -0.03 6.40 -0.07
CA LYS A 28 1.23 6.86 -0.64
C LYS A 28 2.37 6.69 0.36
N CYS A 29 3.55 6.32 -0.15
CA CYS A 29 4.72 6.13 0.70
C CYS A 29 5.99 6.51 -0.04
N GLU A 30 6.93 7.12 0.68
CA GLU A 30 8.20 7.53 0.08
C GLU A 30 9.35 6.69 0.62
N ILE A 31 10.41 6.56 -0.18
CA ILE A 31 11.58 5.78 0.22
C ILE A 31 12.86 6.41 -0.31
N SER A 32 13.95 6.19 0.41
CA SER A 32 15.24 6.74 0.02
C SER A 32 15.92 5.85 -1.02
N GLU A 33 15.17 5.49 -2.06
CA GLU A 33 15.69 4.64 -3.12
C GLU A 33 14.72 4.58 -4.30
N ASN A 34 15.27 4.57 -5.51
CA ASN A 34 14.46 4.53 -6.72
C ASN A 34 14.33 3.10 -7.23
N ILE A 35 13.67 2.25 -6.44
CA ILE A 35 13.48 0.85 -6.81
C ILE A 35 12.02 0.44 -6.67
N PRO A 36 11.56 -0.43 -7.57
CA PRO A 36 10.17 -0.92 -7.56
C PRO A 36 9.90 -1.86 -6.39
N GLY A 37 8.62 -2.07 -6.09
CA GLY A 37 8.25 -2.94 -4.99
C GLY A 37 6.89 -3.59 -5.19
N LYS A 38 6.53 -4.49 -4.28
CA LYS A 38 5.25 -5.18 -4.37
C LYS A 38 4.52 -5.13 -3.03
N TRP A 39 3.19 -5.10 -3.09
CA TRP A 39 2.37 -5.06 -1.89
C TRP A 39 1.86 -6.45 -1.52
N THR A 40 1.36 -6.59 -0.30
CA THR A 40 0.85 -7.87 0.17
C THR A 40 -0.27 -7.67 1.19
N LYS A 41 -1.33 -8.48 1.07
CA LYS A 41 -2.47 -8.38 1.97
C LYS A 41 -2.55 -9.62 2.87
N ASN A 42 -2.93 -9.41 4.13
CA ASN A 42 -3.04 -10.51 5.09
C ASN A 42 -1.94 -11.54 4.86
N GLY A 43 -0.74 -11.06 4.58
CA GLY A 43 0.39 -11.95 4.35
C GLY A 43 0.24 -12.76 3.07
N LEU A 44 -0.17 -12.08 2.01
CA LEU A 44 -0.36 -12.75 0.72
C LEU A 44 -0.13 -11.77 -0.43
N PRO A 45 0.24 -12.30 -1.60
CA PRO A 45 0.50 -11.49 -2.80
C PRO A 45 -0.78 -10.90 -3.37
N VAL A 46 -0.89 -9.58 -3.31
CA VAL A 46 -2.06 -8.88 -3.84
C VAL A 46 -2.18 -9.07 -5.34
N GLN A 47 -3.41 -9.22 -5.82
CA GLN A 47 -3.66 -9.41 -7.24
C GLN A 47 -3.93 -8.07 -7.92
N GLU A 48 -3.49 -7.95 -9.17
CA GLU A 48 -3.68 -6.72 -9.93
C GLU A 48 -4.82 -6.88 -10.93
N SER A 49 -5.65 -5.83 -11.05
CA SER A 49 -6.78 -5.85 -11.97
C SER A 49 -7.17 -4.43 -12.36
N ASP A 50 -7.99 -4.33 -13.41
CA ASP A 50 -8.45 -3.03 -13.88
C ASP A 50 -8.75 -2.09 -12.72
N ARG A 51 -9.43 -2.61 -11.71
CA ARG A 51 -9.77 -1.82 -10.52
C ARG A 51 -8.52 -1.44 -9.74
N LEU A 52 -7.81 -2.44 -9.25
CA LEU A 52 -6.59 -2.22 -8.47
C LEU A 52 -5.40 -2.01 -9.39
N LYS A 53 -4.80 -0.83 -9.31
CA LYS A 53 -3.63 -0.49 -10.13
C LYS A 53 -2.49 0.02 -9.26
N VAL A 54 -1.32 -0.58 -9.42
CA VAL A 54 -0.14 -0.18 -8.67
C VAL A 54 0.72 0.80 -9.46
N VAL A 55 0.60 2.08 -9.14
CA VAL A 55 1.38 3.11 -9.82
C VAL A 55 2.58 3.55 -8.99
N GLN A 56 3.72 3.73 -9.64
CA GLN A 56 4.93 4.15 -8.96
C GLN A 56 5.53 5.40 -9.61
N LYS A 57 5.99 6.33 -8.77
CA LYS A 57 6.58 7.56 -9.28
C LYS A 57 7.94 7.81 -8.63
N GLY A 58 8.99 7.51 -9.38
CA GLY A 58 10.34 7.71 -8.87
C GLY A 58 10.61 6.91 -7.61
N ARG A 59 10.47 7.56 -6.46
CA ARG A 59 10.71 6.90 -5.18
C ARG A 59 9.45 6.97 -4.30
N ILE A 60 8.29 6.92 -4.93
CA ILE A 60 7.02 6.98 -4.21
C ILE A 60 6.03 5.97 -4.76
N HIS A 61 5.68 4.99 -3.94
CA HIS A 61 4.74 3.95 -4.34
C HIS A 61 3.31 4.34 -3.97
N LYS A 62 2.51 4.67 -4.99
CA LYS A 62 1.12 5.06 -4.77
C LYS A 62 0.17 3.94 -5.16
N LEU A 63 -0.79 3.66 -4.30
CA LEU A 63 -1.78 2.61 -4.55
C LEU A 63 -3.16 3.04 -4.10
N VAL A 64 -4.05 3.27 -5.07
CA VAL A 64 -5.42 3.67 -4.77
C VAL A 64 -6.43 2.69 -5.33
N ILE A 65 -7.46 2.40 -4.55
CA ILE A 65 -8.50 1.46 -4.97
C ILE A 65 -9.73 2.20 -5.47
N ALA A 66 -10.33 1.67 -6.54
CA ALA A 66 -11.53 2.28 -7.12
C ALA A 66 -12.70 2.24 -6.14
N ASN A 67 -13.07 1.03 -5.72
CA ASN A 67 -14.18 0.85 -4.79
C ASN A 67 -13.69 0.21 -3.49
N ALA A 68 -13.88 0.92 -2.38
CA ALA A 68 -13.47 0.41 -1.08
C ALA A 68 -14.40 -0.69 -0.60
N LEU A 69 -13.97 -1.94 -0.79
CA LEU A 69 -14.77 -3.09 -0.39
C LEU A 69 -14.33 -3.59 0.99
N THR A 70 -15.25 -4.24 1.70
CA THR A 70 -14.96 -4.77 3.03
C THR A 70 -13.63 -5.51 3.05
N GLU A 71 -13.44 -6.39 2.08
CA GLU A 71 -12.21 -7.17 1.97
C GLU A 71 -10.99 -6.30 2.24
N ASP A 72 -11.10 -5.02 1.91
CA ASP A 72 -10.01 -4.08 2.11
C ASP A 72 -9.57 -4.08 3.57
N GLU A 73 -10.53 -4.10 4.48
CA GLU A 73 -10.24 -4.08 5.91
C GLU A 73 -9.39 -5.29 6.30
N GLY A 74 -8.13 -5.03 6.64
CA GLY A 74 -7.23 -6.10 7.02
C GLY A 74 -5.85 -5.58 7.43
N ASP A 75 -4.85 -5.91 6.62
CA ASP A 75 -3.49 -5.49 6.90
C ASP A 75 -2.71 -5.26 5.60
N TYR A 76 -2.38 -4.00 5.32
CA TYR A 76 -1.64 -3.65 4.11
C TYR A 76 -0.14 -3.62 4.38
N VAL A 77 0.61 -4.38 3.58
CA VAL A 77 2.06 -4.43 3.72
C VAL A 77 2.75 -4.21 2.38
N PHE A 78 3.86 -3.48 2.41
CA PHE A 78 4.62 -3.19 1.20
C PHE A 78 6.08 -3.61 1.36
N ALA A 79 6.55 -4.45 0.44
CA ALA A 79 7.93 -4.93 0.49
C ALA A 79 8.61 -4.74 -0.86
N PRO A 80 9.76 -4.03 -0.85
CA PRO A 80 10.54 -3.77 -2.08
C PRO A 80 11.19 -5.03 -2.63
N ASP A 81 11.46 -5.03 -3.93
CA ASP A 81 12.09 -6.16 -4.59
C ASP A 81 13.61 -6.03 -4.57
N ALA A 82 14.10 -5.07 -3.80
CA ALA A 82 15.54 -4.84 -3.71
C ALA A 82 16.02 -5.02 -2.27
N TYR A 83 15.14 -4.77 -1.31
CA TYR A 83 15.47 -4.90 0.10
C TYR A 83 14.49 -5.84 0.81
N ASN A 84 14.73 -6.08 2.09
CA ASN A 84 13.87 -6.94 2.89
C ASN A 84 13.17 -6.15 3.99
N VAL A 85 12.27 -5.26 3.58
CA VAL A 85 11.53 -4.44 4.53
C VAL A 85 10.03 -4.51 4.27
N THR A 86 9.24 -4.36 5.33
CA THR A 86 7.78 -4.40 5.20
C THR A 86 7.14 -3.21 5.89
N LEU A 87 6.31 -2.48 5.14
CA LEU A 87 5.62 -1.31 5.68
C LEU A 87 4.20 -1.65 6.10
N PRO A 88 3.98 -1.79 7.41
CA PRO A 88 2.67 -2.12 7.97
C PRO A 88 1.68 -0.98 7.83
N ALA A 89 0.42 -1.32 7.59
CA ALA A 89 -0.63 -0.32 7.44
C ALA A 89 -1.98 -0.86 7.89
N LYS A 90 -2.66 -0.10 8.75
CA LYS A 90 -3.96 -0.51 9.26
C LYS A 90 -5.09 0.21 8.52
N VAL A 91 -6.12 -0.54 8.14
CA VAL A 91 -7.25 0.02 7.42
C VAL A 91 -8.57 -0.46 8.02
N HIS A 92 -9.62 0.34 7.86
CA HIS A 92 -10.94 0.00 8.38
C HIS A 92 -12.03 0.38 7.38
N VAL A 93 -13.10 -0.42 7.37
CA VAL A 93 -14.22 -0.17 6.46
C VAL A 93 -15.50 0.11 7.23
N ILE A 94 -16.33 0.99 6.70
CA ILE A 94 -17.59 1.35 7.33
C ILE A 94 -18.75 0.54 6.75
N SER A 95 -19.49 -0.14 7.61
CA SER A 95 -20.62 -0.95 7.17
C SER A 95 -21.83 -0.70 8.07
N GLY A 96 -23.01 -0.69 7.46
CA GLY A 96 -24.23 -0.47 8.21
C GLY A 96 -25.35 -1.41 7.79
N PRO A 97 -26.60 -1.03 8.11
CA PRO A 97 -27.78 -1.82 7.77
C PRO A 97 -28.06 -1.84 6.28
N SER A 98 -27.64 -2.90 5.61
CA SER A 98 -27.85 -3.03 4.17
C SER A 98 -29.20 -2.47 3.76
N SER A 99 -30.26 -2.97 4.38
CA SER A 99 -31.62 -2.52 4.08
C SER A 99 -31.80 -1.06 4.50
N GLY A 100 -32.55 -0.32 3.69
CA GLY A 100 -32.79 1.09 3.98
C GLY A 100 -34.09 1.59 3.37
N GLY A 1 35.34 -0.95 -7.02
CA GLY A 1 34.86 -2.23 -6.54
C GLY A 1 33.40 -2.17 -6.13
N SER A 2 33.08 -1.29 -5.21
CA SER A 2 31.71 -1.13 -4.73
C SER A 2 30.70 -1.28 -5.87
N SER A 3 29.50 -1.71 -5.54
CA SER A 3 28.45 -1.91 -6.54
C SER A 3 27.22 -1.07 -6.20
N GLY A 4 26.81 -1.11 -4.94
CA GLY A 4 25.65 -0.36 -4.51
C GLY A 4 25.67 -0.05 -3.02
N SER A 5 24.56 -0.33 -2.35
CA SER A 5 24.45 -0.08 -0.92
C SER A 5 23.16 -0.64 -0.36
N SER A 6 23.27 -1.46 0.69
CA SER A 6 22.09 -2.07 1.31
C SER A 6 21.68 -1.29 2.55
N GLY A 7 20.41 -0.90 2.60
CA GLY A 7 19.89 -0.15 3.73
C GLY A 7 18.83 0.85 3.33
N LEU A 8 17.58 0.41 3.33
CA LEU A 8 16.47 1.29 2.95
C LEU A 8 16.08 2.20 4.12
N LYS A 9 16.12 3.51 3.88
CA LYS A 9 15.77 4.49 4.89
C LYS A 9 14.36 5.03 4.68
N ILE A 10 13.36 4.21 4.98
CA ILE A 10 11.96 4.61 4.82
C ILE A 10 11.75 6.03 5.32
N LEU A 11 11.38 6.93 4.41
CA LEU A 11 11.13 8.31 4.76
C LEU A 11 9.68 8.51 5.22
N THR A 12 8.75 8.34 4.30
CA THR A 12 7.33 8.49 4.61
C THR A 12 6.60 7.16 4.51
N PRO A 13 6.57 6.41 5.63
CA PRO A 13 5.91 5.11 5.69
C PRO A 13 4.39 5.23 5.62
N LEU A 14 3.75 4.23 5.04
CA LEU A 14 2.29 4.22 4.91
C LEU A 14 1.63 4.60 6.23
N THR A 15 0.54 5.35 6.13
CA THR A 15 -0.20 5.78 7.32
C THR A 15 -1.59 5.17 7.36
N ASP A 16 -2.13 5.02 8.56
CA ASP A 16 -3.46 4.44 8.73
C ASP A 16 -4.51 5.29 8.00
N GLN A 17 -5.31 4.63 7.16
CA GLN A 17 -6.35 5.33 6.41
C GLN A 17 -7.70 4.66 6.61
N THR A 18 -8.74 5.48 6.81
CA THR A 18 -10.08 4.96 7.02
C THR A 18 -11.08 5.62 6.06
N VAL A 19 -11.88 4.80 5.40
CA VAL A 19 -12.87 5.29 4.46
C VAL A 19 -14.16 4.49 4.54
N ASN A 20 -15.18 4.92 3.80
CA ASN A 20 -16.47 4.25 3.79
C ASN A 20 -16.58 3.30 2.61
N LEU A 21 -17.33 2.22 2.78
CA LEU A 21 -17.53 1.23 1.73
C LEU A 21 -17.87 1.90 0.41
N GLY A 22 -17.06 1.65 -0.62
CA GLY A 22 -17.31 2.23 -1.91
C GLY A 22 -16.31 3.33 -2.25
N LYS A 23 -16.00 4.16 -1.26
CA LYS A 23 -15.06 5.25 -1.46
C LYS A 23 -13.81 4.78 -2.21
N GLU A 24 -12.99 5.73 -2.65
CA GLU A 24 -11.77 5.40 -3.37
C GLU A 24 -10.56 5.47 -2.45
N ILE A 25 -10.15 4.31 -1.94
CA ILE A 25 -8.99 4.24 -1.04
C ILE A 25 -7.74 4.76 -1.71
N CYS A 26 -6.91 5.47 -0.96
CA CYS A 26 -5.67 6.02 -1.49
C CYS A 26 -4.53 5.86 -0.49
N LEU A 27 -3.38 5.45 -0.97
CA LEU A 27 -2.21 5.25 -0.11
C LEU A 27 -0.93 5.69 -0.83
N LYS A 28 -0.17 6.56 -0.17
CA LYS A 28 1.08 7.05 -0.74
C LYS A 28 2.20 7.03 0.29
N CYS A 29 3.39 6.63 -0.14
CA CYS A 29 4.55 6.55 0.75
C CYS A 29 5.81 7.02 0.04
N GLU A 30 6.86 7.28 0.82
CA GLU A 30 8.13 7.73 0.26
C GLU A 30 9.29 6.93 0.85
N ILE A 31 10.27 6.62 0.00
CA ILE A 31 11.43 5.86 0.43
C ILE A 31 12.73 6.52 -0.03
N SER A 32 13.83 6.18 0.61
CA SER A 32 15.13 6.74 0.26
C SER A 32 15.68 6.08 -1.00
N GLU A 33 15.03 5.01 -1.44
CA GLU A 33 15.46 4.29 -2.62
C GLU A 33 14.41 4.40 -3.73
N ASN A 34 14.86 4.31 -4.98
CA ASN A 34 13.97 4.40 -6.13
C ASN A 34 13.92 3.09 -6.89
N ILE A 35 13.27 2.09 -6.31
CA ILE A 35 13.16 0.78 -6.94
C ILE A 35 11.72 0.28 -6.89
N PRO A 36 11.35 -0.54 -7.89
CA PRO A 36 10.00 -1.11 -8.00
C PRO A 36 9.73 -2.14 -6.92
N GLY A 37 8.50 -2.16 -6.41
CA GLY A 37 8.14 -3.11 -5.38
C GLY A 37 6.70 -3.58 -5.51
N LYS A 38 6.31 -4.55 -4.68
CA LYS A 38 4.96 -5.09 -4.70
C LYS A 38 4.34 -5.07 -3.31
N TRP A 39 3.03 -4.85 -3.26
CA TRP A 39 2.32 -4.80 -2.00
C TRP A 39 1.86 -6.19 -1.58
N THR A 40 1.44 -6.32 -0.32
CA THR A 40 0.97 -7.60 0.21
C THR A 40 -0.09 -7.40 1.27
N LYS A 41 -1.19 -8.13 1.14
CA LYS A 41 -2.29 -8.05 2.09
C LYS A 41 -2.43 -9.33 2.90
N ASN A 42 -2.81 -9.20 4.17
CA ASN A 42 -2.98 -10.36 5.04
C ASN A 42 -1.88 -11.39 4.79
N GLY A 43 -0.66 -10.90 4.55
CA GLY A 43 0.46 -11.79 4.30
C GLY A 43 0.32 -12.55 3.00
N LEU A 44 -0.14 -11.87 1.96
CA LEU A 44 -0.33 -12.50 0.66
C LEU A 44 -0.02 -11.50 -0.47
N PRO A 45 0.43 -12.04 -1.61
CA PRO A 45 0.77 -11.22 -2.78
C PRO A 45 -0.46 -10.60 -3.44
N VAL A 46 -0.52 -9.28 -3.46
CA VAL A 46 -1.65 -8.57 -4.05
C VAL A 46 -1.63 -8.68 -5.57
N GLN A 47 -2.77 -9.07 -6.15
CA GLN A 47 -2.88 -9.22 -7.59
C GLN A 47 -3.50 -7.97 -8.22
N GLU A 48 -2.87 -7.48 -9.29
CA GLU A 48 -3.37 -6.30 -9.98
C GLU A 48 -4.69 -6.58 -10.68
N SER A 49 -5.46 -5.53 -10.95
CA SER A 49 -6.75 -5.69 -11.62
C SER A 49 -7.29 -4.32 -12.05
N ASP A 50 -8.30 -4.35 -12.92
CA ASP A 50 -8.91 -3.12 -13.41
C ASP A 50 -9.33 -2.22 -12.25
N ARG A 51 -9.63 -2.83 -11.11
CA ARG A 51 -10.05 -2.09 -9.92
C ARG A 51 -8.85 -1.75 -9.05
N LEU A 52 -7.77 -2.51 -9.21
CA LEU A 52 -6.56 -2.29 -8.43
C LEU A 52 -5.43 -1.80 -9.31
N LYS A 53 -4.99 -0.56 -9.10
CA LYS A 53 -3.92 0.02 -9.87
C LYS A 53 -2.75 0.43 -8.97
N VAL A 54 -1.55 -0.03 -9.31
CA VAL A 54 -0.36 0.29 -8.53
C VAL A 54 0.62 1.13 -9.34
N VAL A 55 0.63 2.43 -9.07
CA VAL A 55 1.52 3.35 -9.78
C VAL A 55 2.72 3.72 -8.91
N GLN A 56 3.89 3.82 -9.54
CA GLN A 56 5.11 4.17 -8.83
C GLN A 56 5.78 5.39 -9.47
N LYS A 57 6.20 6.33 -8.63
CA LYS A 57 6.87 7.54 -9.11
C LYS A 57 8.21 7.72 -8.43
N GLY A 58 9.28 7.45 -9.17
CA GLY A 58 10.62 7.59 -8.62
C GLY A 58 10.83 6.75 -7.38
N ARG A 59 10.63 7.37 -6.21
CA ARG A 59 10.80 6.67 -4.94
C ARG A 59 9.52 6.71 -4.12
N ILE A 60 8.41 6.96 -4.79
CA ILE A 60 7.11 7.02 -4.13
C ILE A 60 6.16 5.93 -4.65
N HIS A 61 5.53 5.21 -3.73
CA HIS A 61 4.61 4.15 -4.09
C HIS A 61 3.16 4.61 -3.92
N LYS A 62 2.38 4.48 -4.98
CA LYS A 62 0.97 4.88 -4.95
C LYS A 62 0.06 3.68 -5.20
N LEU A 63 -1.02 3.59 -4.42
CA LEU A 63 -1.97 2.50 -4.56
C LEU A 63 -3.37 2.93 -4.13
N VAL A 64 -4.29 2.96 -5.09
CA VAL A 64 -5.66 3.36 -4.81
C VAL A 64 -6.66 2.34 -5.37
N ILE A 65 -7.60 1.91 -4.54
CA ILE A 65 -8.60 0.94 -4.95
C ILE A 65 -9.84 1.65 -5.52
N ALA A 66 -10.46 1.03 -6.52
CA ALA A 66 -11.64 1.59 -7.15
C ALA A 66 -12.79 1.70 -6.15
N ASN A 67 -13.09 0.59 -5.47
CA ASN A 67 -14.17 0.57 -4.49
C ASN A 67 -13.73 -0.19 -3.23
N ALA A 68 -13.83 0.48 -2.09
CA ALA A 68 -13.45 -0.12 -0.82
C ALA A 68 -14.47 -1.16 -0.37
N LEU A 69 -14.04 -2.42 -0.33
CA LEU A 69 -14.92 -3.51 0.07
C LEU A 69 -14.60 -3.97 1.49
N THR A 70 -15.54 -4.68 2.11
CA THR A 70 -15.35 -5.18 3.46
C THR A 70 -14.24 -6.22 3.52
N GLU A 71 -13.89 -6.77 2.37
CA GLU A 71 -12.84 -7.78 2.29
C GLU A 71 -11.50 -7.14 1.92
N ASP A 72 -11.54 -5.86 1.58
CA ASP A 72 -10.34 -5.12 1.20
C ASP A 72 -9.64 -4.58 2.44
N GLU A 73 -10.36 -4.49 3.55
CA GLU A 73 -9.80 -3.98 4.79
C GLU A 73 -9.15 -5.11 5.60
N GLY A 74 -7.98 -4.82 6.17
CA GLY A 74 -7.28 -5.82 6.95
C GLY A 74 -5.91 -5.35 7.39
N ASP A 75 -4.90 -5.64 6.58
CA ASP A 75 -3.53 -5.24 6.89
C ASP A 75 -2.70 -5.11 5.62
N TYR A 76 -2.42 -3.86 5.23
CA TYR A 76 -1.64 -3.60 4.02
C TYR A 76 -0.16 -3.50 4.35
N VAL A 77 0.65 -4.28 3.64
CA VAL A 77 2.10 -4.27 3.85
C VAL A 77 2.84 -4.20 2.53
N PHE A 78 3.86 -3.34 2.48
CA PHE A 78 4.66 -3.18 1.26
C PHE A 78 5.96 -3.96 1.36
N ALA A 79 6.61 -4.16 0.23
CA ALA A 79 7.87 -4.90 0.18
C ALA A 79 8.60 -4.65 -1.14
N PRO A 80 9.79 -4.03 -1.05
CA PRO A 80 10.62 -3.73 -2.22
C PRO A 80 11.20 -4.98 -2.86
N ASP A 81 11.43 -4.91 -4.17
CA ASP A 81 12.00 -6.04 -4.90
C ASP A 81 13.52 -6.03 -4.83
N ALA A 82 14.06 -5.21 -3.95
CA ALA A 82 15.50 -5.11 -3.78
C ALA A 82 15.92 -5.43 -2.35
N TYR A 83 15.02 -5.19 -1.40
CA TYR A 83 15.28 -5.45 0.01
C TYR A 83 14.24 -6.38 0.60
N ASN A 84 14.36 -6.66 1.89
CA ASN A 84 13.43 -7.54 2.58
C ASN A 84 12.70 -6.80 3.69
N VAL A 85 12.39 -5.53 3.45
CA VAL A 85 11.70 -4.70 4.43
C VAL A 85 10.19 -4.81 4.26
N THR A 86 9.45 -4.40 5.30
CA THR A 86 8.00 -4.44 5.26
C THR A 86 7.39 -3.23 5.96
N LEU A 87 6.51 -2.52 5.26
CA LEU A 87 5.86 -1.35 5.81
C LEU A 87 4.43 -1.67 6.25
N PRO A 88 4.23 -1.81 7.56
CA PRO A 88 2.92 -2.12 8.14
C PRO A 88 1.94 -0.95 8.02
N ALA A 89 0.68 -1.25 7.79
CA ALA A 89 -0.35 -0.23 7.65
C ALA A 89 -1.71 -0.76 8.09
N LYS A 90 -2.52 0.12 8.68
CA LYS A 90 -3.85 -0.26 9.15
C LYS A 90 -4.92 0.51 8.39
N VAL A 91 -6.02 -0.19 8.09
CA VAL A 91 -7.13 0.43 7.37
C VAL A 91 -8.47 -0.13 7.84
N HIS A 92 -9.52 0.67 7.69
CA HIS A 92 -10.86 0.25 8.10
C HIS A 92 -11.91 0.74 7.10
N VAL A 93 -13.03 0.03 7.02
CA VAL A 93 -14.12 0.40 6.12
C VAL A 93 -15.45 0.45 6.85
N ILE A 94 -16.17 1.56 6.67
CA ILE A 94 -17.47 1.73 7.30
C ILE A 94 -18.58 1.09 6.48
N SER A 95 -19.57 0.53 7.16
CA SER A 95 -20.70 -0.12 6.50
C SER A 95 -21.80 0.89 6.20
N GLY A 96 -22.07 1.76 7.17
CA GLY A 96 -23.11 2.76 6.99
C GLY A 96 -24.43 2.35 7.60
N PRO A 97 -25.41 3.26 7.59
CA PRO A 97 -26.74 3.00 8.14
C PRO A 97 -27.53 2.00 7.30
N SER A 98 -27.31 2.02 5.99
CA SER A 98 -28.01 1.11 5.09
C SER A 98 -27.93 -0.32 5.59
N SER A 99 -28.89 -1.14 5.17
CA SER A 99 -28.95 -2.54 5.58
C SER A 99 -28.18 -3.43 4.60
N GLY A 100 -28.63 -3.43 3.36
CA GLY A 100 -27.98 -4.24 2.33
C GLY A 100 -28.31 -3.77 0.93
N GLY A 1 29.52 1.90 13.21
CA GLY A 1 29.40 0.83 12.24
C GLY A 1 29.61 1.32 10.81
N SER A 2 30.04 0.42 9.94
CA SER A 2 30.29 0.76 8.55
C SER A 2 28.98 0.97 7.79
N SER A 3 28.60 2.24 7.62
CA SER A 3 27.37 2.57 6.92
C SER A 3 27.59 3.74 5.97
N GLY A 4 26.96 3.68 4.80
CA GLY A 4 27.09 4.73 3.82
C GLY A 4 25.99 4.71 2.79
N SER A 5 24.82 5.22 3.15
CA SER A 5 23.68 5.25 2.24
C SER A 5 23.40 3.87 1.67
N SER A 6 23.47 2.85 2.53
CA SER A 6 23.23 1.48 2.11
C SER A 6 22.01 0.90 2.81
N GLY A 7 20.95 0.65 2.04
CA GLY A 7 19.74 0.10 2.61
C GLY A 7 18.55 1.02 2.43
N LEU A 8 17.43 0.47 2.01
CA LEU A 8 16.20 1.25 1.81
C LEU A 8 15.78 1.93 3.10
N LYS A 9 15.83 3.27 3.11
CA LYS A 9 15.44 4.03 4.28
C LYS A 9 14.06 4.65 4.10
N ILE A 10 13.04 3.99 4.65
CA ILE A 10 11.68 4.48 4.55
C ILE A 10 11.55 5.90 5.08
N LEU A 11 11.38 6.85 4.18
CA LEU A 11 11.25 8.26 4.57
C LEU A 11 9.81 8.57 4.98
N THR A 12 8.86 8.13 4.16
CA THR A 12 7.44 8.37 4.44
C THR A 12 6.66 7.06 4.42
N PRO A 13 6.60 6.38 5.58
CA PRO A 13 5.89 5.11 5.71
C PRO A 13 4.37 5.30 5.63
N LEU A 14 3.68 4.25 5.20
CA LEU A 14 2.23 4.30 5.08
C LEU A 14 1.58 4.70 6.39
N THR A 15 0.29 5.00 6.35
CA THR A 15 -0.45 5.41 7.54
C THR A 15 -1.83 4.78 7.57
N ASP A 16 -2.43 4.72 8.76
CA ASP A 16 -3.75 4.15 8.93
C ASP A 16 -4.81 5.03 8.27
N GLN A 17 -5.50 4.48 7.27
CA GLN A 17 -6.54 5.21 6.56
C GLN A 17 -7.90 4.55 6.74
N THR A 18 -8.93 5.36 6.95
CA THR A 18 -10.27 4.85 7.14
C THR A 18 -11.24 5.47 6.14
N VAL A 19 -11.88 4.62 5.33
CA VAL A 19 -12.83 5.08 4.32
C VAL A 19 -14.04 4.15 4.26
N ASN A 20 -15.21 4.74 3.95
CA ASN A 20 -16.44 3.97 3.85
C ASN A 20 -16.34 2.94 2.73
N LEU A 21 -17.39 2.14 2.59
CA LEU A 21 -17.43 1.10 1.56
C LEU A 21 -17.72 1.71 0.19
N GLY A 22 -16.94 1.30 -0.81
CA GLY A 22 -17.12 1.81 -2.15
C GLY A 22 -16.30 3.05 -2.42
N LYS A 23 -15.78 3.65 -1.35
CA LYS A 23 -14.97 4.85 -1.47
C LYS A 23 -13.62 4.54 -2.09
N GLU A 24 -13.01 5.55 -2.73
CA GLU A 24 -11.72 5.38 -3.37
C GLU A 24 -10.59 5.53 -2.35
N ILE A 25 -10.04 4.40 -1.90
CA ILE A 25 -8.95 4.41 -0.94
C ILE A 25 -7.68 4.99 -1.54
N CYS A 26 -6.98 5.80 -0.75
CA CYS A 26 -5.74 6.41 -1.21
C CYS A 26 -4.59 6.10 -0.27
N LEU A 27 -3.47 5.66 -0.84
CA LEU A 27 -2.30 5.31 -0.04
C LEU A 27 -1.02 5.65 -0.81
N LYS A 28 -0.15 6.44 -0.17
CA LYS A 28 1.12 6.83 -0.77
C LYS A 28 2.24 6.87 0.27
N CYS A 29 3.42 6.42 -0.13
CA CYS A 29 4.57 6.42 0.78
C CYS A 29 5.84 6.84 0.04
N GLU A 30 6.88 7.14 0.81
CA GLU A 30 8.15 7.56 0.23
C GLU A 30 9.28 6.64 0.67
N ILE A 31 10.25 6.43 -0.23
CA ILE A 31 11.37 5.56 0.06
C ILE A 31 12.68 6.18 -0.43
N SER A 32 13.79 5.78 0.19
CA SER A 32 15.10 6.30 -0.18
C SER A 32 15.76 5.40 -1.23
N GLU A 33 14.98 5.01 -2.23
CA GLU A 33 15.48 4.15 -3.30
C GLU A 33 14.54 4.16 -4.49
N ASN A 34 15.09 3.91 -5.68
CA ASN A 34 14.29 3.90 -6.90
C ASN A 34 14.16 2.48 -7.45
N ILE A 35 13.53 1.61 -6.66
CA ILE A 35 13.34 0.22 -7.06
C ILE A 35 11.86 -0.16 -6.98
N PRO A 36 11.44 -1.04 -7.90
CA PRO A 36 10.05 -1.52 -7.96
C PRO A 36 9.70 -2.42 -6.80
N GLY A 37 8.63 -2.07 -6.08
CA GLY A 37 8.20 -2.87 -4.95
C GLY A 37 6.88 -3.57 -5.18
N LYS A 38 6.43 -4.35 -4.21
CA LYS A 38 5.17 -5.08 -4.32
C LYS A 38 4.38 -4.98 -3.03
N TRP A 39 3.07 -4.80 -3.16
CA TRP A 39 2.19 -4.69 -2.00
C TRP A 39 1.63 -6.06 -1.61
N THR A 40 1.28 -6.21 -0.33
CA THR A 40 0.75 -7.46 0.17
C THR A 40 -0.39 -7.22 1.16
N LYS A 41 -1.45 -8.01 1.07
CA LYS A 41 -2.59 -7.88 1.94
C LYS A 41 -2.73 -9.11 2.84
N ASN A 42 -3.17 -8.90 4.08
CA ASN A 42 -3.34 -9.99 5.03
C ASN A 42 -2.27 -11.06 4.83
N GLY A 43 -1.03 -10.63 4.62
CA GLY A 43 0.06 -11.56 4.41
C GLY A 43 -0.09 -12.35 3.13
N LEU A 44 -0.49 -11.67 2.06
CA LEU A 44 -0.67 -12.32 0.76
C LEU A 44 -0.30 -11.37 -0.37
N PRO A 45 0.19 -11.95 -1.49
CA PRO A 45 0.59 -11.17 -2.66
C PRO A 45 -0.60 -10.56 -3.38
N VAL A 46 -0.69 -9.23 -3.33
CA VAL A 46 -1.78 -8.51 -3.98
C VAL A 46 -1.71 -8.67 -5.50
N GLN A 47 -2.85 -8.99 -6.11
CA GLN A 47 -2.92 -9.16 -7.55
C GLN A 47 -3.38 -7.88 -8.24
N GLU A 48 -2.50 -7.30 -9.04
CA GLU A 48 -2.83 -6.07 -9.75
C GLU A 48 -3.91 -6.30 -10.79
N SER A 49 -4.94 -5.47 -10.77
CA SER A 49 -6.05 -5.59 -11.72
C SER A 49 -6.59 -4.22 -12.10
N ASP A 50 -7.62 -4.21 -12.94
CA ASP A 50 -8.24 -2.97 -13.38
C ASP A 50 -8.69 -2.12 -12.19
N ARG A 51 -9.25 -2.79 -11.18
CA ARG A 51 -9.73 -2.11 -9.99
C ARG A 51 -8.58 -1.77 -9.05
N LEU A 52 -7.43 -2.43 -9.27
CA LEU A 52 -6.25 -2.19 -8.44
C LEU A 52 -5.08 -1.71 -9.28
N LYS A 53 -4.96 -0.39 -9.41
CA LYS A 53 -3.88 0.20 -10.20
C LYS A 53 -2.75 0.68 -9.30
N VAL A 54 -1.56 0.12 -9.49
CA VAL A 54 -0.40 0.50 -8.68
C VAL A 54 0.48 1.49 -9.43
N VAL A 55 0.42 2.75 -9.03
CA VAL A 55 1.21 3.79 -9.66
C VAL A 55 2.48 4.07 -8.87
N GLN A 56 3.59 4.28 -9.58
CA GLN A 56 4.87 4.56 -8.94
C GLN A 56 5.50 5.82 -9.51
N LYS A 57 5.95 6.70 -8.61
CA LYS A 57 6.58 7.96 -9.02
C LYS A 57 7.95 8.11 -8.37
N GLY A 58 9.00 7.79 -9.14
CA GLY A 58 10.35 7.91 -8.63
C GLY A 58 10.52 7.22 -7.28
N ARG A 59 10.62 8.01 -6.22
CA ARG A 59 10.79 7.47 -4.88
C ARG A 59 9.51 7.59 -4.08
N ILE A 60 8.39 7.20 -4.70
CA ILE A 60 7.09 7.25 -4.05
C ILE A 60 6.13 6.25 -4.66
N HIS A 61 5.57 5.38 -3.81
CA HIS A 61 4.63 4.37 -4.27
C HIS A 61 3.20 4.75 -3.91
N LYS A 62 2.34 4.83 -4.91
CA LYS A 62 0.94 5.19 -4.70
C LYS A 62 0.01 4.05 -5.11
N LEU A 63 -1.00 3.79 -4.28
CA LEU A 63 -1.95 2.72 -4.57
C LEU A 63 -3.35 3.10 -4.09
N VAL A 64 -4.30 3.14 -5.02
CA VAL A 64 -5.68 3.48 -4.70
C VAL A 64 -6.66 2.48 -5.30
N ILE A 65 -7.63 2.05 -4.50
CA ILE A 65 -8.63 1.09 -4.96
C ILE A 65 -9.85 1.81 -5.52
N ALA A 66 -10.47 1.20 -6.52
CA ALA A 66 -11.66 1.77 -7.15
C ALA A 66 -12.86 1.67 -6.22
N ASN A 67 -13.02 0.52 -5.57
CA ASN A 67 -14.13 0.30 -4.66
C ASN A 67 -13.65 -0.34 -3.36
N ALA A 68 -13.75 0.42 -2.27
CA ALA A 68 -13.32 -0.07 -0.97
C ALA A 68 -14.24 -1.18 -0.46
N LEU A 69 -13.96 -2.41 -0.90
CA LEU A 69 -14.76 -3.56 -0.50
C LEU A 69 -14.36 -4.05 0.89
N THR A 70 -15.32 -4.65 1.60
CA THR A 70 -15.06 -5.16 2.94
C THR A 70 -13.72 -5.87 3.00
N GLU A 71 -13.37 -6.57 1.93
CA GLU A 71 -12.10 -7.30 1.87
C GLU A 71 -10.93 -6.39 2.24
N ASP A 72 -10.96 -5.16 1.74
CA ASP A 72 -9.90 -4.19 2.01
C ASP A 72 -9.64 -4.09 3.51
N GLU A 73 -10.68 -4.36 4.31
CA GLU A 73 -10.55 -4.30 5.76
C GLU A 73 -9.62 -5.38 6.28
N GLY A 74 -8.47 -4.95 6.80
CA GLY A 74 -7.50 -5.90 7.33
C GLY A 74 -6.16 -5.25 7.62
N ASP A 75 -5.15 -5.58 6.83
CA ASP A 75 -3.81 -5.03 7.01
C ASP A 75 -3.05 -5.00 5.68
N TYR A 76 -2.25 -3.97 5.49
CA TYR A 76 -1.48 -3.82 4.27
C TYR A 76 0.03 -3.74 4.58
N VAL A 77 0.82 -4.38 3.74
CA VAL A 77 2.28 -4.38 3.92
C VAL A 77 2.99 -4.30 2.58
N PHE A 78 3.96 -3.39 2.49
CA PHE A 78 4.74 -3.21 1.27
C PHE A 78 6.16 -3.74 1.43
N ALA A 79 6.61 -4.55 0.48
CA ALA A 79 7.95 -5.11 0.52
C ALA A 79 8.67 -4.91 -0.81
N PRO A 80 9.88 -4.32 -0.75
CA PRO A 80 10.68 -4.06 -1.94
C PRO A 80 11.24 -5.35 -2.55
N ASP A 81 11.45 -5.32 -3.87
CA ASP A 81 11.98 -6.48 -4.57
C ASP A 81 13.50 -6.48 -4.56
N ALA A 82 14.08 -5.65 -3.71
CA ALA A 82 15.53 -5.55 -3.60
C ALA A 82 15.99 -5.75 -2.15
N TYR A 83 15.12 -5.38 -1.21
CA TYR A 83 15.44 -5.51 0.20
C TYR A 83 14.36 -6.31 0.93
N ASN A 84 14.53 -6.47 2.24
CA ASN A 84 13.56 -7.21 3.05
C ASN A 84 12.81 -6.27 4.00
N VAL A 85 12.45 -5.10 3.49
CA VAL A 85 11.72 -4.12 4.28
C VAL A 85 10.22 -4.37 4.24
N THR A 86 9.51 -3.90 5.27
CA THR A 86 8.08 -4.07 5.35
C THR A 86 7.41 -2.89 6.05
N LEU A 87 6.42 -2.30 5.38
CA LEU A 87 5.71 -1.15 5.93
C LEU A 87 4.29 -1.53 6.33
N PRO A 88 4.06 -1.69 7.64
CA PRO A 88 2.75 -2.06 8.18
C PRO A 88 1.74 -0.93 8.05
N ALA A 89 0.53 -1.28 7.63
CA ALA A 89 -0.53 -0.29 7.46
C ALA A 89 -1.88 -0.86 7.90
N LYS A 90 -2.60 -0.10 8.73
CA LYS A 90 -3.90 -0.53 9.22
C LYS A 90 -5.03 0.07 8.38
N VAL A 91 -6.03 -0.74 8.07
CA VAL A 91 -7.17 -0.30 7.28
C VAL A 91 -8.49 -0.64 7.96
N HIS A 92 -9.52 0.13 7.65
CA HIS A 92 -10.84 -0.09 8.23
C HIS A 92 -11.93 0.46 7.32
N VAL A 93 -12.97 -0.34 7.09
CA VAL A 93 -14.08 0.07 6.24
C VAL A 93 -15.33 0.37 7.06
N ILE A 94 -16.07 1.39 6.66
CA ILE A 94 -17.29 1.78 7.36
C ILE A 94 -18.47 0.91 6.93
N SER A 95 -19.23 0.44 7.90
CA SER A 95 -20.39 -0.39 7.62
C SER A 95 -21.62 0.11 8.38
N GLY A 96 -22.68 0.42 7.63
CA GLY A 96 -23.90 0.92 8.25
C GLY A 96 -25.02 1.12 7.25
N PRO A 97 -25.84 0.07 7.04
CA PRO A 97 -26.96 0.11 6.10
C PRO A 97 -28.08 1.03 6.58
N SER A 98 -28.03 1.42 7.84
CA SER A 98 -29.03 2.29 8.42
C SER A 98 -28.92 3.70 7.86
N SER A 99 -30.03 4.21 7.34
CA SER A 99 -30.07 5.55 6.76
C SER A 99 -29.90 6.62 7.85
N GLY A 100 -29.50 7.82 7.42
CA GLY A 100 -29.31 8.90 8.37
C GLY A 100 -30.60 9.64 8.67
N GLY A 1 33.92 0.92 -6.73
CA GLY A 1 33.18 -0.15 -6.10
C GLY A 1 31.69 -0.02 -6.32
N SER A 2 30.91 -0.66 -5.45
CA SER A 2 29.45 -0.62 -5.55
C SER A 2 28.92 0.78 -5.26
N SER A 3 28.42 1.44 -6.29
CA SER A 3 27.89 2.79 -6.16
C SER A 3 26.76 2.82 -5.13
N GLY A 4 27.07 3.28 -3.93
CA GLY A 4 26.07 3.36 -2.88
C GLY A 4 26.24 2.27 -1.83
N SER A 5 25.14 1.82 -1.27
CA SER A 5 25.17 0.77 -0.24
C SER A 5 23.78 0.16 -0.05
N SER A 6 23.76 -1.10 0.35
CA SER A 6 22.50 -1.81 0.56
C SER A 6 21.88 -1.41 1.89
N GLY A 7 21.14 -0.30 1.89
CA GLY A 7 20.51 0.17 3.10
C GLY A 7 19.33 1.08 2.82
N LEU A 8 18.16 0.48 2.61
CA LEU A 8 16.95 1.24 2.32
C LEU A 8 16.49 2.02 3.56
N LYS A 9 16.11 3.28 3.34
CA LYS A 9 15.65 4.13 4.44
C LYS A 9 14.24 4.64 4.17
N ILE A 10 13.30 4.22 5.02
CA ILE A 10 11.91 4.63 4.87
C ILE A 10 11.71 6.06 5.39
N LEU A 11 11.37 6.97 4.48
CA LEU A 11 11.14 8.36 4.85
C LEU A 11 9.72 8.57 5.35
N THR A 12 8.74 8.17 4.54
CA THR A 12 7.34 8.31 4.91
C THR A 12 6.63 6.96 4.90
N PRO A 13 6.62 6.28 6.06
CA PRO A 13 5.97 4.98 6.20
C PRO A 13 4.46 5.06 6.13
N LEU A 14 3.86 4.18 5.34
CA LEU A 14 2.40 4.16 5.18
C LEU A 14 1.71 4.48 6.49
N THR A 15 0.58 5.17 6.41
CA THR A 15 -0.18 5.55 7.59
C THR A 15 -1.58 4.93 7.57
N ASP A 16 -2.22 4.88 8.72
CA ASP A 16 -3.56 4.31 8.83
C ASP A 16 -4.54 5.06 7.93
N GLN A 17 -5.22 4.32 7.05
CA GLN A 17 -6.18 4.91 6.14
C GLN A 17 -7.58 4.34 6.38
N THR A 18 -8.52 5.23 6.71
CA THR A 18 -9.90 4.82 6.97
C THR A 18 -10.86 5.52 6.02
N VAL A 19 -11.67 4.74 5.32
CA VAL A 19 -12.64 5.29 4.38
C VAL A 19 -13.94 4.49 4.41
N ASN A 20 -14.93 4.95 3.63
CA ASN A 20 -16.23 4.29 3.58
C ASN A 20 -16.27 3.30 2.40
N LEU A 21 -17.08 2.26 2.56
CA LEU A 21 -17.22 1.25 1.52
C LEU A 21 -17.68 1.87 0.21
N GLY A 22 -16.96 1.56 -0.87
CA GLY A 22 -17.30 2.10 -2.18
C GLY A 22 -16.34 3.18 -2.63
N LYS A 23 -15.71 3.85 -1.67
CA LYS A 23 -14.76 4.91 -1.97
C LYS A 23 -13.52 4.36 -2.68
N GLU A 24 -12.64 5.24 -3.11
CA GLU A 24 -11.42 4.84 -3.80
C GLU A 24 -10.24 4.82 -2.83
N ILE A 25 -9.80 3.61 -2.48
CA ILE A 25 -8.67 3.46 -1.57
C ILE A 25 -7.44 4.21 -2.07
N CYS A 26 -6.56 4.56 -1.14
CA CYS A 26 -5.34 5.29 -1.48
C CYS A 26 -4.25 5.04 -0.45
N LEU A 27 -3.03 4.78 -0.92
CA LEU A 27 -1.90 4.53 -0.04
C LEU A 27 -0.59 4.94 -0.70
N LYS A 28 0.02 6.00 -0.19
CA LYS A 28 1.28 6.49 -0.73
C LYS A 28 2.41 6.33 0.28
N CYS A 29 3.60 6.03 -0.20
CA CYS A 29 4.76 5.85 0.66
C CYS A 29 6.01 6.49 0.05
N GLU A 30 6.96 6.86 0.90
CA GLU A 30 8.19 7.49 0.44
C GLU A 30 9.41 6.74 0.98
N ILE A 31 10.44 6.61 0.14
CA ILE A 31 11.66 5.92 0.53
C ILE A 31 12.89 6.62 -0.03
N SER A 32 14.06 6.09 0.30
CA SER A 32 15.31 6.67 -0.18
C SER A 32 15.95 5.79 -1.24
N GLU A 33 15.14 5.34 -2.20
CA GLU A 33 15.62 4.49 -3.28
C GLU A 33 14.56 4.32 -4.37
N ASN A 34 14.90 4.70 -5.58
CA ASN A 34 13.98 4.59 -6.71
C ASN A 34 13.93 3.17 -7.25
N ILE A 35 13.03 2.36 -6.70
CA ILE A 35 12.89 0.97 -7.13
C ILE A 35 11.45 0.49 -6.98
N PRO A 36 11.02 -0.39 -7.90
CA PRO A 36 9.66 -0.93 -7.89
C PRO A 36 9.43 -1.89 -6.73
N GLY A 37 8.18 -2.03 -6.31
CA GLY A 37 7.84 -2.91 -5.20
C GLY A 37 6.48 -3.54 -5.36
N LYS A 38 6.05 -4.28 -4.35
CA LYS A 38 4.76 -4.95 -4.38
C LYS A 38 4.04 -4.79 -3.04
N TRP A 39 2.71 -4.85 -3.07
CA TRP A 39 1.90 -4.73 -1.87
C TRP A 39 1.35 -6.07 -1.43
N THR A 40 1.08 -6.22 -0.14
CA THR A 40 0.55 -7.46 0.40
C THR A 40 -0.45 -7.19 1.52
N LYS A 41 -1.58 -7.87 1.48
CA LYS A 41 -2.62 -7.71 2.49
C LYS A 41 -2.77 -8.99 3.33
N ASN A 42 -3.03 -8.80 4.62
CA ASN A 42 -3.20 -9.94 5.52
C ASN A 42 -2.17 -11.04 5.23
N GLY A 43 -0.95 -10.62 4.92
CA GLY A 43 0.10 -11.57 4.63
C GLY A 43 -0.15 -12.33 3.33
N LEU A 44 -0.57 -11.62 2.30
CA LEU A 44 -0.85 -12.22 1.01
C LEU A 44 -0.56 -11.25 -0.13
N PRO A 45 -0.11 -11.80 -1.27
CA PRO A 45 0.22 -11.00 -2.46
C PRO A 45 -1.02 -10.40 -3.11
N VAL A 46 -1.07 -9.07 -3.16
CA VAL A 46 -2.20 -8.37 -3.77
C VAL A 46 -2.23 -8.58 -5.27
N GLN A 47 -3.36 -9.06 -5.78
CA GLN A 47 -3.52 -9.29 -7.21
C GLN A 47 -3.96 -8.02 -7.92
N GLU A 48 -3.16 -7.59 -8.90
CA GLU A 48 -3.48 -6.38 -9.65
C GLU A 48 -4.58 -6.65 -10.67
N SER A 49 -5.40 -5.64 -10.95
CA SER A 49 -6.50 -5.77 -11.89
C SER A 49 -6.99 -4.40 -12.34
N ASP A 50 -7.68 -4.36 -13.48
CA ASP A 50 -8.21 -3.12 -14.02
C ASP A 50 -8.79 -2.25 -12.91
N ARG A 51 -9.26 -2.88 -11.85
CA ARG A 51 -9.84 -2.18 -10.72
C ARG A 51 -8.75 -1.62 -9.80
N LEU A 52 -7.76 -2.46 -9.52
CA LEU A 52 -6.65 -2.06 -8.64
C LEU A 52 -5.48 -1.55 -9.47
N LYS A 53 -5.28 -0.23 -9.45
CA LYS A 53 -4.18 0.39 -10.18
C LYS A 53 -3.07 0.82 -9.24
N VAL A 54 -1.85 0.37 -9.53
CA VAL A 54 -0.69 0.71 -8.71
C VAL A 54 0.25 1.66 -9.46
N VAL A 55 0.18 2.94 -9.08
CA VAL A 55 1.02 3.95 -9.71
C VAL A 55 2.35 4.09 -8.99
N GLN A 56 3.43 4.28 -9.75
CA GLN A 56 4.76 4.43 -9.17
C GLN A 56 5.31 5.83 -9.43
N LYS A 57 5.90 6.43 -8.41
CA LYS A 57 6.49 7.76 -8.54
C LYS A 57 7.90 7.80 -7.97
N GLY A 58 8.71 8.72 -8.47
CA GLY A 58 10.07 8.84 -8.00
C GLY A 58 10.19 8.68 -6.50
N ARG A 59 10.95 7.67 -6.07
CA ARG A 59 11.14 7.41 -4.65
C ARG A 59 9.81 7.48 -3.90
N ILE A 60 8.75 6.99 -4.54
CA ILE A 60 7.42 7.00 -3.94
C ILE A 60 6.53 5.93 -4.56
N HIS A 61 5.76 5.25 -3.71
CA HIS A 61 4.86 4.20 -4.17
C HIS A 61 3.41 4.52 -3.80
N LYS A 62 2.56 4.62 -4.82
CA LYS A 62 1.15 4.92 -4.61
C LYS A 62 0.27 3.76 -5.07
N LEU A 63 -0.78 3.48 -4.30
CA LEU A 63 -1.71 2.41 -4.63
C LEU A 63 -3.14 2.78 -4.24
N VAL A 64 -4.05 2.63 -5.19
CA VAL A 64 -5.46 2.95 -4.96
C VAL A 64 -6.36 1.83 -5.47
N ILE A 65 -7.54 1.71 -4.87
CA ILE A 65 -8.50 0.69 -5.26
C ILE A 65 -9.75 1.31 -5.86
N ALA A 66 -10.28 0.68 -6.91
CA ALA A 66 -11.47 1.17 -7.58
C ALA A 66 -12.62 1.34 -6.58
N ASN A 67 -13.02 0.24 -5.95
CA ASN A 67 -14.11 0.27 -4.98
C ASN A 67 -13.67 -0.36 -3.65
N ALA A 68 -13.68 0.45 -2.60
CA ALA A 68 -13.28 -0.02 -1.28
C ALA A 68 -14.23 -1.10 -0.77
N LEU A 69 -13.84 -2.35 -0.93
CA LEU A 69 -14.65 -3.48 -0.49
C LEU A 69 -14.30 -3.88 0.93
N THR A 70 -15.28 -4.42 1.66
CA THR A 70 -15.07 -4.86 3.04
C THR A 70 -13.76 -5.63 3.17
N GLU A 71 -13.45 -6.45 2.18
CA GLU A 71 -12.23 -7.25 2.19
C GLU A 71 -11.00 -6.35 2.44
N ASP A 72 -11.02 -5.16 1.86
CA ASP A 72 -9.92 -4.21 2.02
C ASP A 72 -9.52 -4.10 3.48
N GLU A 73 -10.48 -4.32 4.38
CA GLU A 73 -10.22 -4.24 5.81
C GLU A 73 -9.22 -5.30 6.25
N GLY A 74 -8.19 -4.87 6.98
CA GLY A 74 -7.18 -5.79 7.45
C GLY A 74 -5.88 -5.09 7.78
N ASP A 75 -4.82 -5.45 7.07
CA ASP A 75 -3.50 -4.86 7.29
C ASP A 75 -2.70 -4.82 5.99
N TYR A 76 -2.39 -3.61 5.53
CA TYR A 76 -1.63 -3.43 4.30
C TYR A 76 -0.13 -3.39 4.58
N VAL A 77 0.62 -4.16 3.80
CA VAL A 77 2.08 -4.22 3.97
C VAL A 77 2.78 -4.09 2.63
N PHE A 78 3.84 -3.29 2.59
CA PHE A 78 4.61 -3.08 1.37
C PHE A 78 5.90 -3.90 1.38
N ALA A 79 6.36 -4.30 0.21
CA ALA A 79 7.59 -5.08 0.09
C ALA A 79 8.30 -4.78 -1.22
N PRO A 80 9.45 -4.10 -1.13
CA PRO A 80 10.25 -3.74 -2.31
C PRO A 80 10.91 -4.96 -2.95
N ASP A 81 11.05 -4.91 -4.27
CA ASP A 81 11.67 -6.02 -5.02
C ASP A 81 13.19 -5.92 -4.95
N ALA A 82 13.69 -5.08 -4.06
CA ALA A 82 15.13 -4.89 -3.91
C ALA A 82 15.58 -5.26 -2.50
N TYR A 83 14.67 -5.11 -1.53
CA TYR A 83 14.98 -5.42 -0.14
C TYR A 83 13.90 -6.29 0.47
N ASN A 84 14.13 -6.75 1.70
CA ASN A 84 13.18 -7.61 2.39
C ASN A 84 12.51 -6.85 3.54
N VAL A 85 12.23 -5.57 3.30
CA VAL A 85 11.59 -4.74 4.31
C VAL A 85 10.07 -4.85 4.25
N THR A 86 9.40 -4.48 5.34
CA THR A 86 7.95 -4.55 5.40
C THR A 86 7.37 -3.33 6.12
N LEU A 87 6.51 -2.60 5.43
CA LEU A 87 5.88 -1.41 6.01
C LEU A 87 4.44 -1.70 6.42
N PRO A 88 4.22 -1.86 7.73
CA PRO A 88 2.89 -2.14 8.29
C PRO A 88 1.96 -0.93 8.18
N ALA A 89 0.70 -1.20 7.85
CA ALA A 89 -0.29 -0.14 7.71
C ALA A 89 -1.67 -0.62 8.15
N LYS A 90 -2.34 0.19 8.96
CA LYS A 90 -3.67 -0.14 9.46
C LYS A 90 -4.75 0.35 8.50
N VAL A 91 -5.85 -0.39 8.43
CA VAL A 91 -6.97 -0.02 7.57
C VAL A 91 -8.31 -0.31 8.23
N HIS A 92 -9.36 0.36 7.75
CA HIS A 92 -10.70 0.18 8.31
C HIS A 92 -11.75 0.52 7.27
N VAL A 93 -12.76 -0.34 7.15
CA VAL A 93 -13.84 -0.13 6.19
C VAL A 93 -15.18 0.08 6.91
N ILE A 94 -15.90 1.12 6.50
CA ILE A 94 -17.18 1.43 7.10
C ILE A 94 -18.31 0.63 6.44
N SER A 95 -19.25 0.17 7.25
CA SER A 95 -20.38 -0.60 6.75
C SER A 95 -21.66 0.22 6.78
N GLY A 96 -22.70 -0.29 6.11
CA GLY A 96 -23.97 0.41 6.08
C GLY A 96 -24.88 -0.10 4.97
N PRO A 97 -26.17 0.22 5.07
CA PRO A 97 -27.17 -0.21 4.07
C PRO A 97 -27.00 0.51 2.75
N SER A 98 -26.81 -0.26 1.68
CA SER A 98 -26.62 0.30 0.35
C SER A 98 -27.92 0.19 -0.46
N SER A 99 -28.66 1.29 -0.49
CA SER A 99 -29.92 1.32 -1.23
C SER A 99 -29.68 1.36 -2.74
N GLY A 100 -28.79 2.26 -3.16
CA GLY A 100 -28.48 2.38 -4.57
C GLY A 100 -27.02 2.07 -4.88
N GLY A 1 35.54 11.17 0.57
CA GLY A 1 34.20 10.68 0.84
C GLY A 1 33.93 9.34 0.20
N SER A 2 34.27 8.26 0.90
CA SER A 2 34.07 6.92 0.39
C SER A 2 32.64 6.75 -0.13
N SER A 3 32.51 6.11 -1.28
CA SER A 3 31.20 5.88 -1.89
C SER A 3 30.35 4.94 -1.03
N GLY A 4 29.08 5.27 -0.89
CA GLY A 4 28.18 4.44 -0.09
C GLY A 4 26.73 4.75 -0.35
N SER A 5 26.10 5.50 0.56
CA SER A 5 24.70 5.87 0.42
C SER A 5 23.88 4.69 -0.10
N SER A 6 24.20 3.49 0.39
CA SER A 6 23.50 2.28 -0.03
C SER A 6 22.56 1.80 1.07
N GLY A 7 21.29 1.62 0.71
CA GLY A 7 20.30 1.16 1.66
C GLY A 7 18.98 1.90 1.53
N LEU A 8 17.89 1.14 1.41
CA LEU A 8 16.57 1.73 1.28
C LEU A 8 16.08 2.28 2.61
N LYS A 9 16.03 3.60 2.72
CA LYS A 9 15.58 4.24 3.96
C LYS A 9 14.10 4.61 3.86
N ILE A 10 13.35 4.27 4.90
CA ILE A 10 11.92 4.57 4.93
C ILE A 10 11.67 6.00 5.38
N LEU A 11 11.51 6.90 4.42
CA LEU A 11 11.27 8.30 4.72
C LEU A 11 9.84 8.51 5.20
N THR A 12 8.87 8.30 4.32
CA THR A 12 7.46 8.46 4.67
C THR A 12 6.70 7.15 4.49
N PRO A 13 6.63 6.36 5.58
CA PRO A 13 5.93 5.07 5.56
C PRO A 13 4.42 5.22 5.47
N LEU A 14 3.73 4.13 5.19
CA LEU A 14 2.27 4.16 5.07
C LEU A 14 1.63 4.50 6.41
N THR A 15 0.40 5.00 6.35
CA THR A 15 -0.33 5.37 7.55
C THR A 15 -1.72 4.72 7.58
N ASP A 16 -2.44 4.93 8.68
CA ASP A 16 -3.78 4.37 8.83
C ASP A 16 -4.80 5.16 8.01
N GLN A 17 -5.44 4.47 7.08
CA GLN A 17 -6.44 5.11 6.22
C GLN A 17 -7.80 4.44 6.37
N THR A 18 -8.84 5.25 6.57
CA THR A 18 -10.19 4.75 6.74
C THR A 18 -11.17 5.48 5.83
N VAL A 19 -11.98 4.72 5.09
CA VAL A 19 -12.96 5.30 4.19
C VAL A 19 -14.20 4.41 4.07
N ASN A 20 -15.37 5.03 4.04
CA ASN A 20 -16.63 4.29 3.94
C ASN A 20 -16.68 3.51 2.63
N LEU A 21 -17.19 2.29 2.71
CA LEU A 21 -17.30 1.43 1.53
C LEU A 21 -17.70 2.24 0.30
N GLY A 22 -17.17 1.86 -0.85
CA GLY A 22 -17.48 2.56 -2.09
C GLY A 22 -16.50 3.67 -2.39
N LYS A 23 -15.86 4.19 -1.36
CA LYS A 23 -14.88 5.27 -1.51
C LYS A 23 -13.71 4.81 -2.37
N GLU A 24 -12.77 5.71 -2.62
CA GLU A 24 -11.60 5.40 -3.43
C GLU A 24 -10.35 5.29 -2.56
N ILE A 25 -10.03 4.07 -2.14
CA ILE A 25 -8.87 3.83 -1.30
C ILE A 25 -7.65 4.58 -1.82
N CYS A 26 -6.75 4.95 -0.92
CA CYS A 26 -5.54 5.67 -1.29
C CYS A 26 -4.42 5.41 -0.29
N LEU A 27 -3.22 5.19 -0.81
CA LEU A 27 -2.05 4.93 0.03
C LEU A 27 -0.78 5.42 -0.62
N LYS A 28 -0.14 6.41 -0.01
CA LYS A 28 1.10 6.97 -0.53
C LYS A 28 2.24 6.80 0.46
N CYS A 29 3.41 6.44 -0.04
CA CYS A 29 4.58 6.24 0.82
C CYS A 29 5.86 6.68 0.09
N GLU A 30 6.72 7.37 0.82
CA GLU A 30 7.97 7.85 0.25
C GLU A 30 9.16 7.03 0.76
N ILE A 31 10.21 6.95 -0.04
CA ILE A 31 11.40 6.19 0.32
C ILE A 31 12.67 6.86 -0.21
N SER A 32 13.81 6.43 0.29
CA SER A 32 15.09 6.98 -0.15
C SER A 32 15.65 6.22 -1.33
N GLU A 33 14.75 5.68 -2.16
CA GLU A 33 15.16 4.93 -3.34
C GLU A 33 13.97 4.69 -4.26
N ASN A 34 14.26 4.34 -5.51
CA ASN A 34 13.22 4.08 -6.50
C ASN A 34 13.33 2.67 -7.06
N ILE A 35 12.73 1.72 -6.37
CA ILE A 35 12.76 0.32 -6.81
C ILE A 35 11.35 -0.27 -6.86
N PRO A 36 11.16 -1.26 -7.75
CA PRO A 36 9.87 -1.93 -7.93
C PRO A 36 9.51 -2.81 -6.72
N GLY A 37 8.42 -2.45 -6.05
CA GLY A 37 7.99 -3.22 -4.89
C GLY A 37 6.60 -3.80 -5.07
N LYS A 38 6.27 -4.80 -4.26
CA LYS A 38 4.96 -5.45 -4.32
C LYS A 38 4.25 -5.37 -2.97
N TRP A 39 2.95 -5.13 -3.02
CA TRP A 39 2.15 -5.04 -1.80
C TRP A 39 1.61 -6.42 -1.40
N THR A 40 1.37 -6.59 -0.10
CA THR A 40 0.85 -7.85 0.41
C THR A 40 -0.14 -7.62 1.54
N LYS A 41 -1.28 -8.29 1.47
CA LYS A 41 -2.31 -8.17 2.49
C LYS A 41 -2.38 -9.41 3.36
N ASN A 42 -2.64 -9.21 4.66
CA ASN A 42 -2.73 -10.33 5.59
C ASN A 42 -1.69 -11.39 5.28
N GLY A 43 -0.51 -10.95 4.84
CA GLY A 43 0.55 -11.88 4.50
C GLY A 43 0.28 -12.64 3.23
N LEU A 44 -0.32 -11.98 2.25
CA LEU A 44 -0.63 -12.60 0.97
C LEU A 44 -0.32 -11.67 -0.20
N PRO A 45 0.16 -12.25 -1.31
CA PRO A 45 0.51 -11.49 -2.51
C PRO A 45 -0.72 -10.92 -3.21
N VAL A 46 -0.87 -9.60 -3.14
CA VAL A 46 -2.00 -8.93 -3.78
C VAL A 46 -1.86 -8.92 -5.30
N GLN A 47 -2.97 -9.15 -5.99
CA GLN A 47 -2.97 -9.17 -7.45
C GLN A 47 -3.71 -7.97 -8.01
N GLU A 48 -2.96 -6.95 -8.42
CA GLU A 48 -3.55 -5.74 -8.98
C GLU A 48 -4.59 -6.08 -10.05
N SER A 49 -5.64 -5.26 -10.12
CA SER A 49 -6.70 -5.49 -11.09
C SER A 49 -7.27 -4.16 -11.58
N ASP A 50 -8.28 -4.23 -12.44
CA ASP A 50 -8.90 -3.04 -13.00
C ASP A 50 -9.18 -2.01 -11.90
N ARG A 51 -9.48 -2.51 -10.70
CA ARG A 51 -9.77 -1.63 -9.56
C ARG A 51 -8.49 -1.25 -8.83
N LEU A 52 -7.77 -2.25 -8.34
CA LEU A 52 -6.53 -2.03 -7.62
C LEU A 52 -5.40 -1.63 -8.57
N LYS A 53 -5.04 -0.35 -8.56
CA LYS A 53 -3.98 0.16 -9.43
C LYS A 53 -2.77 0.57 -8.60
N VAL A 54 -1.58 0.15 -9.04
CA VAL A 54 -0.35 0.48 -8.35
C VAL A 54 0.52 1.41 -9.19
N VAL A 55 0.48 2.70 -8.89
CA VAL A 55 1.27 3.68 -9.61
C VAL A 55 2.64 3.88 -8.97
N GLN A 56 3.65 4.07 -9.80
CA GLN A 56 5.02 4.28 -9.31
C GLN A 56 5.47 5.71 -9.55
N LYS A 57 6.07 6.31 -8.53
CA LYS A 57 6.56 7.68 -8.63
C LYS A 57 8.00 7.78 -8.13
N GLY A 58 8.73 8.78 -8.64
CA GLY A 58 10.10 8.98 -8.24
C GLY A 58 10.31 8.79 -6.75
N ARG A 59 10.77 7.61 -6.36
CA ARG A 59 11.01 7.30 -4.95
C ARG A 59 9.72 7.42 -4.15
N ILE A 60 8.63 6.93 -4.72
CA ILE A 60 7.33 6.98 -4.05
C ILE A 60 6.37 5.94 -4.62
N HIS A 61 5.78 5.13 -3.74
CA HIS A 61 4.84 4.10 -4.17
C HIS A 61 3.43 4.46 -3.76
N LYS A 62 2.53 4.49 -4.74
CA LYS A 62 1.13 4.82 -4.49
C LYS A 62 0.21 3.67 -4.87
N LEU A 63 -0.90 3.53 -4.17
CA LEU A 63 -1.86 2.46 -4.43
C LEU A 63 -3.27 2.90 -4.09
N VAL A 64 -4.09 3.12 -5.11
CA VAL A 64 -5.47 3.53 -4.91
C VAL A 64 -6.44 2.58 -5.59
N ILE A 65 -7.44 2.12 -4.83
CA ILE A 65 -8.43 1.20 -5.37
C ILE A 65 -9.68 1.94 -5.82
N ALA A 66 -10.26 1.48 -6.92
CA ALA A 66 -11.46 2.10 -7.47
C ALA A 66 -12.56 2.19 -6.42
N ASN A 67 -13.13 1.04 -6.07
CA ASN A 67 -14.20 0.99 -5.08
C ASN A 67 -13.79 0.13 -3.89
N ALA A 68 -13.73 0.75 -2.71
CA ALA A 68 -13.35 0.04 -1.50
C ALA A 68 -14.36 -1.06 -1.16
N LEU A 69 -13.87 -2.28 -0.99
CA LEU A 69 -14.73 -3.41 -0.68
C LEU A 69 -14.40 -3.98 0.70
N THR A 70 -15.32 -4.75 1.26
CA THR A 70 -15.13 -5.35 2.57
C THR A 70 -13.92 -6.28 2.58
N GLU A 71 -13.49 -6.70 1.38
CA GLU A 71 -12.35 -7.59 1.26
C GLU A 71 -11.04 -6.79 1.23
N ASP A 72 -11.17 -5.48 1.10
CA ASP A 72 -10.00 -4.60 1.07
C ASP A 72 -9.52 -4.26 2.48
N GLU A 73 -10.40 -4.51 3.45
CA GLU A 73 -10.07 -4.22 4.85
C GLU A 73 -9.16 -5.31 5.42
N GLY A 74 -8.13 -4.88 6.14
CA GLY A 74 -7.20 -5.83 6.73
C GLY A 74 -5.88 -5.18 7.11
N ASP A 75 -4.78 -5.76 6.62
CA ASP A 75 -3.46 -5.23 6.91
C ASP A 75 -2.62 -5.12 5.63
N TYR A 76 -2.20 -3.90 5.32
CA TYR A 76 -1.40 -3.65 4.13
C TYR A 76 0.09 -3.59 4.47
N VAL A 77 0.91 -4.23 3.64
CA VAL A 77 2.35 -4.24 3.85
C VAL A 77 3.10 -4.09 2.54
N PHE A 78 4.24 -3.42 2.59
CA PHE A 78 5.06 -3.21 1.39
C PHE A 78 6.31 -4.08 1.42
N ALA A 79 6.65 -4.65 0.27
CA ALA A 79 7.83 -5.51 0.16
C ALA A 79 8.58 -5.25 -1.13
N PRO A 80 9.72 -4.56 -1.04
CA PRO A 80 10.56 -4.24 -2.20
C PRO A 80 11.24 -5.46 -2.79
N ASP A 81 11.39 -5.47 -4.11
CA ASP A 81 12.03 -6.59 -4.79
C ASP A 81 13.55 -6.48 -4.69
N ALA A 82 14.03 -5.60 -3.83
CA ALA A 82 15.47 -5.40 -3.65
C ALA A 82 15.87 -5.63 -2.20
N TYR A 83 14.95 -5.37 -1.29
CA TYR A 83 15.21 -5.55 0.14
C TYR A 83 14.10 -6.36 0.80
N ASN A 84 14.26 -6.63 2.09
CA ASN A 84 13.27 -7.39 2.85
C ASN A 84 12.46 -6.48 3.78
N VAL A 85 12.58 -5.17 3.56
CA VAL A 85 11.86 -4.20 4.37
C VAL A 85 10.37 -4.48 4.38
N THR A 86 9.68 -4.00 5.41
CA THR A 86 8.24 -4.20 5.53
C THR A 86 7.58 -3.00 6.20
N LEU A 87 6.67 -2.35 5.47
CA LEU A 87 5.96 -1.19 5.99
C LEU A 87 4.52 -1.55 6.35
N PRO A 88 4.25 -1.70 7.67
CA PRO A 88 2.92 -2.03 8.17
C PRO A 88 1.93 -0.89 8.00
N ALA A 89 0.66 -1.24 7.90
CA ALA A 89 -0.40 -0.25 7.73
C ALA A 89 -1.76 -0.82 8.07
N LYS A 90 -2.56 -0.06 8.82
CA LYS A 90 -3.89 -0.50 9.21
C LYS A 90 -4.97 0.26 8.45
N VAL A 91 -6.02 -0.45 8.07
CA VAL A 91 -7.13 0.17 7.34
C VAL A 91 -8.48 -0.36 7.82
N HIS A 92 -9.50 0.47 7.68
CA HIS A 92 -10.85 0.08 8.11
C HIS A 92 -11.90 0.55 7.09
N VAL A 93 -12.97 -0.23 6.95
CA VAL A 93 -14.04 0.11 6.02
C VAL A 93 -15.40 0.10 6.72
N ILE A 94 -16.12 1.20 6.58
CA ILE A 94 -17.45 1.32 7.19
C ILE A 94 -18.46 0.42 6.49
N SER A 95 -19.21 -0.35 7.27
CA SER A 95 -20.21 -1.25 6.73
C SER A 95 -21.47 -1.26 7.60
N GLY A 96 -22.56 -1.77 7.04
CA GLY A 96 -23.81 -1.83 7.78
C GLY A 96 -24.97 -1.23 7.01
N PRO A 97 -26.02 -0.82 7.74
CA PRO A 97 -27.21 -0.21 7.14
C PRO A 97 -26.93 1.17 6.56
N SER A 98 -25.93 1.85 7.10
CA SER A 98 -25.57 3.18 6.64
C SER A 98 -25.17 3.15 5.17
N SER A 99 -24.39 2.15 4.79
CA SER A 99 -23.93 2.00 3.41
C SER A 99 -25.12 2.03 2.45
N GLY A 100 -25.02 2.88 1.42
CA GLY A 100 -26.09 2.98 0.44
C GLY A 100 -26.75 4.34 0.46
N GLY A 1 24.53 -2.56 -11.58
CA GLY A 1 25.03 -2.66 -10.22
C GLY A 1 24.22 -1.84 -9.25
N SER A 2 23.57 -2.51 -8.30
CA SER A 2 22.75 -1.84 -7.30
C SER A 2 23.57 -1.50 -6.07
N SER A 3 24.14 -0.30 -6.04
CA SER A 3 24.95 0.15 -4.91
C SER A 3 24.82 1.65 -4.71
N GLY A 4 25.25 2.13 -3.55
CA GLY A 4 25.17 3.54 -3.24
C GLY A 4 24.12 3.86 -2.19
N SER A 5 24.11 3.07 -1.13
CA SER A 5 23.14 3.26 -0.05
C SER A 5 23.64 2.62 1.24
N SER A 6 23.43 3.31 2.36
CA SER A 6 23.85 2.79 3.66
C SER A 6 22.67 2.22 4.43
N GLY A 7 21.86 1.42 3.74
CA GLY A 7 20.70 0.81 4.38
C GLY A 7 19.43 1.59 4.12
N LEU A 8 18.60 1.08 3.21
CA LEU A 8 17.34 1.74 2.88
C LEU A 8 16.72 2.39 4.10
N LYS A 9 16.16 3.59 3.92
CA LYS A 9 15.53 4.31 5.01
C LYS A 9 14.20 4.90 4.56
N ILE A 10 13.11 4.40 5.13
CA ILE A 10 11.77 4.88 4.79
C ILE A 10 11.61 6.34 5.16
N LEU A 11 11.15 7.14 4.21
CA LEU A 11 10.95 8.56 4.43
C LEU A 11 9.51 8.86 4.84
N THR A 12 8.56 8.40 4.02
CA THR A 12 7.15 8.61 4.30
C THR A 12 6.37 7.30 4.23
N PRO A 13 6.33 6.57 5.35
CA PRO A 13 5.64 5.29 5.44
C PRO A 13 4.12 5.44 5.37
N LEU A 14 3.43 4.38 4.98
CA LEU A 14 1.98 4.40 4.88
C LEU A 14 1.34 4.74 6.23
N THR A 15 0.11 5.25 6.19
CA THR A 15 -0.60 5.61 7.40
C THR A 15 -1.98 4.96 7.44
N ASP A 16 -2.60 4.96 8.62
CA ASP A 16 -3.92 4.36 8.78
C ASP A 16 -4.97 5.17 8.03
N GLN A 17 -5.63 4.52 7.07
CA GLN A 17 -6.66 5.17 6.27
C GLN A 17 -7.99 4.44 6.40
N THR A 18 -9.01 5.15 6.85
CA THR A 18 -10.34 4.56 7.01
C THR A 18 -11.37 5.29 6.17
N VAL A 19 -12.08 4.54 5.33
CA VAL A 19 -13.10 5.12 4.46
C VAL A 19 -14.37 4.27 4.47
N ASN A 20 -15.45 4.83 3.92
CA ASN A 20 -16.72 4.13 3.88
C ASN A 20 -16.68 2.98 2.87
N LEU A 21 -17.78 2.24 2.76
CA LEU A 21 -17.86 1.12 1.83
C LEU A 21 -18.07 1.61 0.40
N GLY A 22 -17.12 1.31 -0.48
CA GLY A 22 -17.23 1.73 -1.86
C GLY A 22 -16.28 2.86 -2.21
N LYS A 23 -16.00 3.71 -1.22
CA LYS A 23 -15.09 4.84 -1.43
C LYS A 23 -13.80 4.38 -2.11
N GLU A 24 -13.03 5.35 -2.59
CA GLU A 24 -11.77 5.05 -3.26
C GLU A 24 -10.59 5.16 -2.28
N ILE A 25 -10.10 4.02 -1.83
CA ILE A 25 -8.97 3.98 -0.90
C ILE A 25 -7.69 4.44 -1.57
N CYS A 26 -6.75 4.94 -0.77
CA CYS A 26 -5.47 5.41 -1.29
C CYS A 26 -4.38 5.28 -0.23
N LEU A 27 -3.15 5.11 -0.70
CA LEU A 27 -2.01 4.96 0.20
C LEU A 27 -0.70 5.38 -0.49
N LYS A 28 -0.10 6.45 0.01
CA LYS A 28 1.15 6.96 -0.56
C LYS A 28 2.33 6.56 0.32
N CYS A 29 3.48 6.36 -0.31
CA CYS A 29 4.70 5.99 0.41
C CYS A 29 5.93 6.66 -0.20
N GLU A 30 6.97 6.82 0.60
CA GLU A 30 8.20 7.45 0.14
C GLU A 30 9.42 6.74 0.70
N ILE A 31 10.39 6.44 -0.17
CA ILE A 31 11.60 5.75 0.25
C ILE A 31 12.84 6.48 -0.25
N SER A 32 14.01 6.05 0.23
CA SER A 32 15.26 6.68 -0.16
C SER A 32 15.92 5.90 -1.30
N GLU A 33 15.10 5.18 -2.06
CA GLU A 33 15.61 4.39 -3.19
C GLU A 33 14.58 4.33 -4.31
N ASN A 34 15.06 4.16 -5.54
CA ASN A 34 14.18 4.09 -6.69
C ASN A 34 14.15 2.68 -7.26
N ILE A 35 13.44 1.79 -6.58
CA ILE A 35 13.33 0.40 -7.02
C ILE A 35 11.87 -0.06 -7.00
N PRO A 36 11.54 -0.97 -7.92
CA PRO A 36 10.18 -1.52 -8.04
C PRO A 36 9.83 -2.43 -6.87
N GLY A 37 8.62 -2.28 -6.34
CA GLY A 37 8.18 -3.11 -5.22
C GLY A 37 6.79 -3.68 -5.43
N LYS A 38 6.30 -4.41 -4.44
CA LYS A 38 4.97 -5.01 -4.51
C LYS A 38 4.25 -4.88 -3.18
N TRP A 39 2.92 -4.77 -3.24
CA TRP A 39 2.10 -4.65 -2.04
C TRP A 39 1.49 -5.98 -1.66
N THR A 40 1.17 -6.13 -0.37
CA THR A 40 0.57 -7.37 0.13
C THR A 40 -0.46 -7.08 1.21
N LYS A 41 -1.59 -7.78 1.15
CA LYS A 41 -2.66 -7.60 2.12
C LYS A 41 -2.87 -8.87 2.92
N ASN A 42 -3.17 -8.71 4.21
CA ASN A 42 -3.41 -9.85 5.09
C ASN A 42 -2.37 -10.95 4.85
N GLY A 43 -1.13 -10.53 4.54
CA GLY A 43 -0.08 -11.49 4.29
C GLY A 43 -0.28 -12.25 2.98
N LEU A 44 -0.73 -11.56 1.96
CA LEU A 44 -0.97 -12.18 0.66
C LEU A 44 -0.64 -11.20 -0.48
N PRO A 45 -0.22 -11.75 -1.62
CA PRO A 45 0.13 -10.95 -2.80
C PRO A 45 -1.09 -10.30 -3.44
N VAL A 46 -1.18 -8.98 -3.33
CA VAL A 46 -2.30 -8.23 -3.90
C VAL A 46 -2.34 -8.40 -5.42
N GLN A 47 -3.52 -8.76 -5.93
CA GLN A 47 -3.70 -8.96 -7.37
C GLN A 47 -4.07 -7.64 -8.05
N GLU A 48 -3.18 -7.17 -8.91
CA GLU A 48 -3.41 -5.91 -9.63
C GLU A 48 -4.45 -6.10 -10.74
N SER A 49 -5.45 -5.23 -10.75
CA SER A 49 -6.51 -5.30 -11.76
C SER A 49 -7.02 -3.91 -12.12
N ASP A 50 -7.86 -3.84 -13.13
CA ASP A 50 -8.43 -2.56 -13.58
C ASP A 50 -8.76 -1.68 -12.39
N ARG A 51 -9.41 -2.26 -11.39
CA ARG A 51 -9.80 -1.52 -10.20
C ARG A 51 -8.58 -1.22 -9.33
N LEU A 52 -7.76 -2.23 -9.10
CA LEU A 52 -6.55 -2.07 -8.29
C LEU A 52 -5.33 -1.83 -9.17
N LYS A 53 -4.89 -0.58 -9.24
CA LYS A 53 -3.73 -0.22 -10.05
C LYS A 53 -2.59 0.28 -9.16
N VAL A 54 -1.43 -0.38 -9.28
CA VAL A 54 -0.27 -0.01 -8.49
C VAL A 54 0.67 0.90 -9.29
N VAL A 55 0.63 2.18 -8.98
CA VAL A 55 1.48 3.15 -9.67
C VAL A 55 2.82 3.34 -8.94
N GLN A 56 3.89 3.44 -9.71
CA GLN A 56 5.22 3.61 -9.13
C GLN A 56 5.78 4.99 -9.48
N LYS A 57 6.33 5.67 -8.48
CA LYS A 57 6.91 7.00 -8.67
C LYS A 57 8.32 7.06 -8.10
N GLY A 58 9.13 7.96 -8.66
CA GLY A 58 10.50 8.12 -8.19
C GLY A 58 10.60 8.15 -6.67
N ARG A 59 11.22 7.14 -6.09
CA ARG A 59 11.38 7.07 -4.65
C ARG A 59 10.05 7.32 -3.94
N ILE A 60 8.96 6.86 -4.56
CA ILE A 60 7.63 7.04 -3.99
C ILE A 60 6.66 5.99 -4.54
N HIS A 61 5.84 5.43 -3.65
CA HIS A 61 4.87 4.42 -4.04
C HIS A 61 3.45 4.88 -3.70
N LYS A 62 2.57 4.83 -4.70
CA LYS A 62 1.18 5.25 -4.51
C LYS A 62 0.23 4.12 -4.93
N LEU A 63 -0.81 3.92 -4.13
CA LEU A 63 -1.80 2.88 -4.40
C LEU A 63 -3.21 3.38 -4.14
N VAL A 64 -4.18 2.80 -4.82
CA VAL A 64 -5.58 3.19 -4.66
C VAL A 64 -6.51 2.17 -5.29
N ILE A 65 -7.56 1.79 -4.55
CA ILE A 65 -8.52 0.82 -5.03
C ILE A 65 -9.80 1.51 -5.51
N ALA A 66 -10.35 1.00 -6.62
CA ALA A 66 -11.58 1.57 -7.18
C ALA A 66 -12.67 1.66 -6.12
N ASN A 67 -13.14 0.50 -5.67
CA ASN A 67 -14.20 0.44 -4.66
C ASN A 67 -13.68 -0.17 -3.37
N ALA A 68 -13.92 0.50 -2.25
CA ALA A 68 -13.47 0.03 -0.95
C ALA A 68 -14.37 -1.10 -0.46
N LEU A 69 -13.96 -2.34 -0.69
CA LEU A 69 -14.73 -3.50 -0.25
C LEU A 69 -14.30 -3.96 1.13
N THR A 70 -15.22 -4.59 1.85
CA THR A 70 -14.94 -5.08 3.19
C THR A 70 -13.71 -5.97 3.21
N GLU A 71 -13.51 -6.72 2.12
CA GLU A 71 -12.37 -7.62 2.02
C GLU A 71 -11.06 -6.85 2.05
N ASP A 72 -11.09 -5.62 1.54
CA ASP A 72 -9.90 -4.77 1.51
C ASP A 72 -9.41 -4.48 2.92
N GLU A 73 -10.34 -4.42 3.87
CA GLU A 73 -10.00 -4.14 5.25
C GLU A 73 -9.08 -5.23 5.82
N GLY A 74 -8.13 -4.82 6.65
CA GLY A 74 -7.20 -5.77 7.24
C GLY A 74 -5.86 -5.14 7.57
N ASP A 75 -4.84 -5.52 6.81
CA ASP A 75 -3.50 -4.99 7.03
C ASP A 75 -2.67 -5.06 5.76
N TYR A 76 -2.23 -3.91 5.28
CA TYR A 76 -1.43 -3.84 4.06
C TYR A 76 0.06 -3.80 4.38
N VAL A 77 0.88 -4.27 3.44
CA VAL A 77 2.32 -4.29 3.62
C VAL A 77 3.05 -4.15 2.29
N PHE A 78 4.08 -3.30 2.26
CA PHE A 78 4.85 -3.08 1.05
C PHE A 78 6.28 -3.59 1.22
N ALA A 79 6.73 -4.39 0.26
CA ALA A 79 8.08 -4.94 0.30
C ALA A 79 8.75 -4.85 -1.07
N PRO A 80 9.94 -4.22 -1.11
CA PRO A 80 10.70 -4.06 -2.34
C PRO A 80 11.28 -5.38 -2.85
N ASP A 81 11.41 -5.49 -4.17
CA ASP A 81 11.95 -6.70 -4.79
C ASP A 81 13.48 -6.69 -4.77
N ALA A 82 14.05 -5.72 -4.05
CA ALA A 82 15.49 -5.60 -3.96
C ALA A 82 15.95 -5.68 -2.50
N TYR A 83 15.13 -5.16 -1.60
CA TYR A 83 15.45 -5.17 -0.17
C TYR A 83 14.49 -6.06 0.60
N ASN A 84 14.69 -6.15 1.91
CA ASN A 84 13.84 -6.96 2.77
C ASN A 84 13.16 -6.10 3.84
N VAL A 85 12.38 -5.12 3.39
CA VAL A 85 11.67 -4.24 4.31
C VAL A 85 10.17 -4.37 4.17
N THR A 86 9.45 -4.12 5.25
CA THR A 86 7.99 -4.21 5.25
C THR A 86 7.36 -3.03 5.97
N LEU A 87 6.41 -2.38 5.30
CA LEU A 87 5.72 -1.23 5.87
C LEU A 87 4.28 -1.56 6.19
N PRO A 88 3.98 -1.77 7.48
CA PRO A 88 2.63 -2.11 7.95
C PRO A 88 1.67 -0.92 7.82
N ALA A 89 0.40 -1.22 7.56
CA ALA A 89 -0.62 -0.18 7.43
C ALA A 89 -1.96 -0.66 7.96
N LYS A 90 -2.58 0.15 8.81
CA LYS A 90 -3.88 -0.19 9.38
C LYS A 90 -5.02 0.32 8.51
N VAL A 91 -5.96 -0.56 8.19
CA VAL A 91 -7.10 -0.19 7.36
C VAL A 91 -8.41 -0.51 8.07
N HIS A 92 -9.48 0.17 7.67
CA HIS A 92 -10.79 -0.05 8.25
C HIS A 92 -11.90 0.40 7.30
N VAL A 93 -12.97 -0.38 7.23
CA VAL A 93 -14.10 -0.07 6.36
C VAL A 93 -15.36 0.19 7.17
N ILE A 94 -16.10 1.22 6.78
CA ILE A 94 -17.34 1.57 7.46
C ILE A 94 -18.56 1.20 6.62
N SER A 95 -19.61 0.74 7.30
CA SER A 95 -20.84 0.34 6.61
C SER A 95 -21.43 1.52 5.84
N GLY A 96 -22.31 1.22 4.89
CA GLY A 96 -22.94 2.26 4.11
C GLY A 96 -24.37 1.92 3.71
N PRO A 97 -24.87 2.56 2.65
CA PRO A 97 -26.23 2.34 2.15
C PRO A 97 -26.40 0.96 1.53
N SER A 98 -27.21 0.12 2.16
CA SER A 98 -27.45 -1.23 1.66
C SER A 98 -28.36 -1.20 0.43
N SER A 99 -29.57 -0.68 0.62
CA SER A 99 -30.53 -0.60 -0.48
C SER A 99 -29.96 0.18 -1.65
N GLY A 100 -29.61 1.44 -1.40
CA GLY A 100 -29.05 2.27 -2.45
C GLY A 100 -29.67 3.66 -2.48
N GLY A 1 33.14 -9.58 8.47
CA GLY A 1 32.46 -9.29 7.22
C GLY A 1 30.97 -9.18 7.38
N SER A 2 30.33 -8.39 6.52
CA SER A 2 28.88 -8.20 6.58
C SER A 2 28.16 -9.41 6.02
N SER A 3 27.52 -10.18 6.90
CA SER A 3 26.78 -11.37 6.50
C SER A 3 25.63 -11.01 5.57
N GLY A 4 24.86 -9.99 5.96
CA GLY A 4 23.73 -9.57 5.15
C GLY A 4 23.85 -8.12 4.71
N SER A 5 23.44 -7.83 3.48
CA SER A 5 23.50 -6.48 2.95
C SER A 5 22.15 -5.78 3.08
N SER A 6 22.15 -4.63 3.73
CA SER A 6 20.92 -3.87 3.93
C SER A 6 21.22 -2.37 4.05
N GLY A 7 20.66 -1.58 3.14
CA GLY A 7 20.88 -0.15 3.16
C GLY A 7 19.70 0.62 2.60
N LEU A 8 18.54 0.45 3.22
CA LEU A 8 17.33 1.14 2.77
C LEU A 8 16.57 1.71 3.96
N LYS A 9 16.33 3.02 3.93
CA LYS A 9 15.62 3.70 5.00
C LYS A 9 14.26 4.19 4.51
N ILE A 10 13.25 4.10 5.38
CA ILE A 10 11.90 4.54 5.04
C ILE A 10 11.67 5.98 5.46
N LEU A 11 11.49 6.86 4.48
CA LEU A 11 11.26 8.27 4.74
C LEU A 11 9.81 8.52 5.15
N THR A 12 8.90 8.36 4.20
CA THR A 12 7.48 8.55 4.47
C THR A 12 6.72 7.23 4.44
N PRO A 13 6.66 6.56 5.59
CA PRO A 13 5.96 5.27 5.72
C PRO A 13 4.45 5.42 5.61
N LEU A 14 3.80 4.38 5.09
CA LEU A 14 2.35 4.40 4.93
C LEU A 14 1.66 4.90 6.20
N THR A 15 0.41 5.35 6.05
CA THR A 15 -0.35 5.85 7.17
C THR A 15 -1.76 5.27 7.20
N ASP A 16 -2.28 5.05 8.40
CA ASP A 16 -3.63 4.49 8.55
C ASP A 16 -4.64 5.28 7.73
N GLN A 17 -5.46 4.56 6.97
CA GLN A 17 -6.47 5.19 6.13
C GLN A 17 -7.81 4.47 6.26
N THR A 18 -8.86 5.25 6.54
CA THR A 18 -10.20 4.68 6.69
C THR A 18 -11.22 5.44 5.84
N VAL A 19 -12.15 4.71 5.26
CA VAL A 19 -13.19 5.31 4.42
C VAL A 19 -14.46 4.46 4.42
N ASN A 20 -15.51 4.99 3.80
CA ASN A 20 -16.79 4.29 3.73
C ASN A 20 -16.83 3.36 2.52
N LEU A 21 -17.56 2.25 2.65
CA LEU A 21 -17.68 1.29 1.57
C LEU A 21 -18.02 1.99 0.25
N GLY A 22 -17.26 1.68 -0.80
CA GLY A 22 -17.50 2.28 -2.09
C GLY A 22 -16.53 3.40 -2.41
N LYS A 23 -16.10 4.12 -1.37
CA LYS A 23 -15.16 5.23 -1.54
C LYS A 23 -13.88 4.74 -2.21
N GLU A 24 -13.11 5.68 -2.75
CA GLU A 24 -11.86 5.36 -3.42
C GLU A 24 -10.67 5.51 -2.47
N ILE A 25 -10.15 4.38 -1.98
CA ILE A 25 -9.02 4.40 -1.07
C ILE A 25 -7.74 4.79 -1.78
N CYS A 26 -6.81 5.38 -1.04
CA CYS A 26 -5.53 5.80 -1.60
C CYS A 26 -4.45 5.86 -0.53
N LEU A 27 -3.23 5.52 -0.90
CA LEU A 27 -2.11 5.53 0.04
C LEU A 27 -0.87 6.15 -0.61
N LYS A 28 0.00 6.71 0.22
CA LYS A 28 1.22 7.34 -0.27
C LYS A 28 2.39 7.05 0.67
N CYS A 29 3.51 6.61 0.10
CA CYS A 29 4.70 6.30 0.88
C CYS A 29 5.97 6.61 0.09
N GLU A 30 7.00 7.03 0.81
CA GLU A 30 8.27 7.38 0.18
C GLU A 30 9.42 6.55 0.77
N ILE A 31 10.47 6.35 -0.02
CA ILE A 31 11.62 5.59 0.43
C ILE A 31 12.93 6.29 0.08
N SER A 32 14.04 5.64 0.37
CA SER A 32 15.36 6.21 0.09
C SER A 32 15.96 5.60 -1.18
N GLU A 33 15.11 5.31 -2.15
CA GLU A 33 15.56 4.72 -3.41
C GLU A 33 14.40 4.59 -4.39
N ASN A 34 14.72 4.34 -5.65
CA ASN A 34 13.71 4.19 -6.68
C ASN A 34 13.77 2.80 -7.31
N ILE A 35 13.29 1.81 -6.57
CA ILE A 35 13.29 0.43 -7.05
C ILE A 35 11.87 -0.12 -7.13
N PRO A 36 11.66 -1.06 -8.06
CA PRO A 36 10.34 -1.70 -8.25
C PRO A 36 9.97 -2.62 -7.09
N GLY A 37 8.92 -2.25 -6.37
CA GLY A 37 8.47 -3.06 -5.26
C GLY A 37 7.07 -3.60 -5.45
N LYS A 38 6.64 -4.46 -4.54
CA LYS A 38 5.31 -5.06 -4.61
C LYS A 38 4.61 -4.98 -3.27
N TRP A 39 3.28 -4.88 -3.31
CA TRP A 39 2.48 -4.81 -2.09
C TRP A 39 2.02 -6.19 -1.65
N THR A 40 1.58 -6.29 -0.40
CA THR A 40 1.12 -7.56 0.15
C THR A 40 0.09 -7.33 1.25
N LYS A 41 -1.03 -8.05 1.15
CA LYS A 41 -2.09 -7.93 2.15
C LYS A 41 -2.20 -9.21 2.98
N ASN A 42 -2.53 -9.04 4.26
CA ASN A 42 -2.67 -10.19 5.16
C ASN A 42 -1.61 -11.25 4.87
N GLY A 43 -0.40 -10.80 4.58
CA GLY A 43 0.68 -11.73 4.27
C GLY A 43 0.46 -12.47 2.97
N LEU A 44 -0.04 -11.77 1.96
CA LEU A 44 -0.30 -12.38 0.66
C LEU A 44 -0.05 -11.37 -0.47
N PRO A 45 0.32 -11.89 -1.64
CA PRO A 45 0.59 -11.07 -2.82
C PRO A 45 -0.66 -10.43 -3.39
N VAL A 46 -0.83 -9.13 -3.13
CA VAL A 46 -1.99 -8.40 -3.61
C VAL A 46 -2.19 -8.60 -5.11
N GLN A 47 -3.33 -9.15 -5.49
CA GLN A 47 -3.64 -9.39 -6.90
C GLN A 47 -4.15 -8.13 -7.58
N GLU A 48 -3.38 -7.61 -8.52
CA GLU A 48 -3.75 -6.40 -9.24
C GLU A 48 -4.83 -6.69 -10.28
N SER A 49 -5.55 -5.65 -10.69
CA SER A 49 -6.61 -5.80 -11.67
C SER A 49 -7.17 -4.45 -12.08
N ASP A 50 -8.02 -4.44 -13.10
CA ASP A 50 -8.62 -3.20 -13.59
C ASP A 50 -9.04 -2.31 -12.43
N ARG A 51 -9.50 -2.92 -11.34
CA ARG A 51 -9.93 -2.17 -10.17
C ARG A 51 -8.73 -1.69 -9.36
N LEU A 52 -7.86 -2.62 -8.99
CA LEU A 52 -6.67 -2.30 -8.21
C LEU A 52 -5.60 -1.67 -9.10
N LYS A 53 -5.26 -0.42 -8.82
CA LYS A 53 -4.24 0.30 -9.58
C LYS A 53 -3.07 0.70 -8.70
N VAL A 54 -1.88 0.23 -9.05
CA VAL A 54 -0.67 0.54 -8.29
C VAL A 54 0.25 1.47 -9.08
N VAL A 55 0.14 2.76 -8.82
CA VAL A 55 0.97 3.75 -9.49
C VAL A 55 2.23 4.06 -8.70
N GLN A 56 3.33 4.28 -9.40
CA GLN A 56 4.61 4.59 -8.76
C GLN A 56 5.19 5.89 -9.30
N LYS A 57 5.60 6.77 -8.38
CA LYS A 57 6.17 8.05 -8.77
C LYS A 57 7.58 8.21 -8.20
N GLY A 58 8.59 7.88 -8.99
CA GLY A 58 9.97 8.00 -8.54
C GLY A 58 10.23 7.18 -7.29
N ARG A 59 10.46 7.86 -6.17
CA ARG A 59 10.74 7.19 -4.91
C ARG A 59 9.46 7.00 -4.10
N ILE A 60 8.37 7.59 -4.59
CA ILE A 60 7.07 7.49 -3.92
C ILE A 60 6.19 6.43 -4.58
N HIS A 61 5.44 5.70 -3.76
CA HIS A 61 4.55 4.66 -4.26
C HIS A 61 3.11 4.93 -3.84
N LYS A 62 2.22 5.05 -4.83
CA LYS A 62 0.81 5.31 -4.57
C LYS A 62 -0.04 4.10 -4.95
N LEU A 63 -1.00 3.77 -4.10
CA LEU A 63 -1.89 2.64 -4.33
C LEU A 63 -3.32 2.98 -3.96
N VAL A 64 -4.16 3.20 -4.96
CA VAL A 64 -5.56 3.54 -4.73
C VAL A 64 -6.48 2.43 -5.24
N ILE A 65 -7.54 2.15 -4.49
CA ILE A 65 -8.50 1.12 -4.86
C ILE A 65 -9.77 1.73 -5.43
N ALA A 66 -10.35 1.06 -6.43
CA ALA A 66 -11.58 1.53 -7.06
C ALA A 66 -12.70 1.65 -6.04
N ASN A 67 -13.08 0.53 -5.44
CA ASN A 67 -14.15 0.52 -4.45
C ASN A 67 -13.69 -0.18 -3.17
N ALA A 68 -13.82 0.51 -2.04
CA ALA A 68 -13.43 -0.04 -0.75
C ALA A 68 -14.24 -1.29 -0.43
N LEU A 69 -13.77 -2.43 -0.91
CA LEU A 69 -14.45 -3.70 -0.67
C LEU A 69 -14.33 -4.11 0.79
N THR A 70 -15.31 -4.87 1.28
CA THR A 70 -15.30 -5.33 2.66
C THR A 70 -14.11 -6.24 2.93
N GLU A 71 -13.52 -6.79 1.87
CA GLU A 71 -12.38 -7.68 1.99
C GLU A 71 -11.08 -6.87 2.17
N ASP A 72 -11.08 -5.66 1.63
CA ASP A 72 -9.90 -4.79 1.73
C ASP A 72 -9.57 -4.50 3.19
N GLU A 73 -10.59 -4.51 4.04
CA GLU A 73 -10.41 -4.24 5.46
C GLU A 73 -9.49 -5.28 6.10
N GLY A 74 -8.29 -4.84 6.48
CA GLY A 74 -7.34 -5.75 7.09
C GLY A 74 -6.01 -5.08 7.39
N ASP A 75 -4.97 -5.52 6.71
CA ASP A 75 -3.64 -4.96 6.90
C ASP A 75 -2.79 -5.11 5.63
N TYR A 76 -2.20 -4.01 5.19
CA TYR A 76 -1.37 -4.02 3.99
C TYR A 76 0.11 -3.88 4.35
N VAL A 77 0.98 -4.40 3.48
CA VAL A 77 2.41 -4.34 3.70
C VAL A 77 3.16 -4.23 2.38
N PHE A 78 4.08 -3.27 2.31
CA PHE A 78 4.87 -3.06 1.10
C PHE A 78 6.28 -3.61 1.28
N ALA A 79 6.72 -4.42 0.31
CA ALA A 79 8.05 -5.01 0.36
C ALA A 79 8.76 -4.86 -0.98
N PRO A 80 9.99 -4.33 -0.94
CA PRO A 80 10.81 -4.12 -2.15
C PRO A 80 11.29 -5.43 -2.74
N ASP A 81 11.59 -5.40 -4.04
CA ASP A 81 12.07 -6.59 -4.74
C ASP A 81 13.59 -6.72 -4.62
N ALA A 82 14.17 -5.96 -3.70
CA ALA A 82 15.61 -5.98 -3.48
C ALA A 82 15.95 -6.22 -2.02
N TYR A 83 15.09 -5.71 -1.13
CA TYR A 83 15.30 -5.87 0.30
C TYR A 83 14.13 -6.61 0.95
N ASN A 84 14.24 -6.85 2.25
CA ASN A 84 13.18 -7.55 2.98
C ASN A 84 12.37 -6.57 3.82
N VAL A 85 12.58 -5.28 3.58
CA VAL A 85 11.86 -4.24 4.32
C VAL A 85 10.36 -4.44 4.20
N THR A 86 9.62 -3.94 5.20
CA THR A 86 8.17 -4.07 5.23
C THR A 86 7.53 -2.84 5.86
N LEU A 87 6.48 -2.32 5.22
CA LEU A 87 5.77 -1.15 5.73
C LEU A 87 4.35 -1.51 6.12
N PRO A 88 4.11 -1.62 7.44
CA PRO A 88 2.80 -1.95 7.99
C PRO A 88 1.80 -0.82 7.81
N ALA A 89 0.56 -1.18 7.46
CA ALA A 89 -0.49 -0.20 7.25
C ALA A 89 -1.84 -0.73 7.72
N LYS A 90 -2.57 0.09 8.46
CA LYS A 90 -3.88 -0.30 8.98
C LYS A 90 -5.00 0.29 8.11
N VAL A 91 -5.98 -0.54 7.78
CA VAL A 91 -7.11 -0.11 6.97
C VAL A 91 -8.43 -0.44 7.64
N HIS A 92 -9.45 0.35 7.34
CA HIS A 92 -10.77 0.14 7.92
C HIS A 92 -11.87 0.51 6.91
N VAL A 93 -13.00 -0.19 6.99
CA VAL A 93 -14.12 0.06 6.09
C VAL A 93 -15.41 0.30 6.88
N ILE A 94 -16.26 1.17 6.35
CA ILE A 94 -17.53 1.49 6.99
C ILE A 94 -18.71 1.00 6.16
N SER A 95 -19.70 0.43 6.84
CA SER A 95 -20.88 -0.08 6.16
C SER A 95 -22.12 0.07 7.04
N GLY A 96 -23.21 0.57 6.45
CA GLY A 96 -24.44 0.76 7.20
C GLY A 96 -25.67 0.68 6.32
N PRO A 97 -26.77 0.15 6.88
CA PRO A 97 -28.03 0.00 6.15
C PRO A 97 -28.70 1.34 5.87
N SER A 98 -28.65 2.23 6.86
CA SER A 98 -29.25 3.55 6.74
C SER A 98 -28.58 4.35 5.62
N SER A 99 -29.36 4.70 4.60
CA SER A 99 -28.85 5.47 3.47
C SER A 99 -29.02 6.97 3.70
N GLY A 100 -28.47 7.76 2.78
CA GLY A 100 -28.58 9.21 2.91
C GLY A 100 -27.29 9.91 2.55
N GLY A 1 31.47 10.24 -7.97
CA GLY A 1 31.96 9.01 -7.37
C GLY A 1 30.93 8.36 -6.46
N SER A 2 30.62 7.09 -6.72
CA SER A 2 29.65 6.37 -5.93
C SER A 2 30.05 6.34 -4.46
N SER A 3 29.06 6.45 -3.58
CA SER A 3 29.31 6.44 -2.14
C SER A 3 28.16 5.79 -1.39
N GLY A 4 28.46 4.71 -0.68
CA GLY A 4 27.44 4.00 0.07
C GLY A 4 26.25 3.61 -0.79
N SER A 5 25.09 4.18 -0.47
CA SER A 5 23.88 3.88 -1.22
C SER A 5 23.58 2.38 -1.19
N SER A 6 23.82 1.76 -0.04
CA SER A 6 23.57 0.34 0.13
C SER A 6 22.29 0.09 0.91
N GLY A 7 22.28 0.52 2.17
CA GLY A 7 21.11 0.33 3.01
C GLY A 7 19.92 1.14 2.52
N LEU A 8 18.73 0.80 3.02
CA LEU A 8 17.51 1.50 2.63
C LEU A 8 16.75 2.00 3.86
N LYS A 9 16.22 3.20 3.77
CA LYS A 9 15.47 3.79 4.88
C LYS A 9 14.12 4.33 4.39
N ILE A 10 13.12 4.30 5.26
CA ILE A 10 11.79 4.79 4.92
C ILE A 10 11.58 6.21 5.41
N LEU A 11 11.21 7.10 4.49
CA LEU A 11 10.97 8.50 4.83
C LEU A 11 9.53 8.73 5.28
N THR A 12 8.59 8.23 4.48
CA THR A 12 7.17 8.37 4.78
C THR A 12 6.46 7.03 4.72
N PRO A 13 6.44 6.32 5.86
CA PRO A 13 5.79 5.00 5.96
C PRO A 13 4.27 5.10 5.88
N LEU A 14 3.64 4.07 5.31
CA LEU A 14 2.19 4.05 5.18
C LEU A 14 1.51 4.37 6.51
N THR A 15 0.47 5.19 6.45
CA THR A 15 -0.27 5.58 7.64
C THR A 15 -1.68 5.00 7.63
N ASP A 16 -2.25 4.81 8.82
CA ASP A 16 -3.60 4.27 8.95
C ASP A 16 -4.62 5.17 8.26
N GLN A 17 -5.29 4.63 7.26
CA GLN A 17 -6.30 5.39 6.52
C GLN A 17 -7.64 4.67 6.53
N THR A 18 -8.65 5.31 7.10
CA THR A 18 -9.99 4.74 7.17
C THR A 18 -10.97 5.50 6.29
N VAL A 19 -11.69 4.77 5.44
CA VAL A 19 -12.67 5.39 4.55
C VAL A 19 -13.97 4.61 4.55
N ASN A 20 -14.98 5.15 3.88
CA ASN A 20 -16.29 4.50 3.80
C ASN A 20 -16.37 3.58 2.58
N LEU A 21 -17.28 2.61 2.64
CA LEU A 21 -17.46 1.67 1.54
C LEU A 21 -17.78 2.40 0.24
N GLY A 22 -17.02 2.10 -0.81
CA GLY A 22 -17.24 2.74 -2.09
C GLY A 22 -16.18 3.76 -2.42
N LYS A 23 -15.67 4.43 -1.39
CA LYS A 23 -14.64 5.44 -1.57
C LYS A 23 -13.43 4.88 -2.31
N GLU A 24 -12.73 5.74 -3.05
CA GLU A 24 -11.55 5.32 -3.79
C GLU A 24 -10.34 5.20 -2.87
N ILE A 25 -10.13 4.01 -2.33
CA ILE A 25 -9.00 3.76 -1.44
C ILE A 25 -7.74 4.49 -1.92
N CYS A 26 -6.85 4.78 -0.99
CA CYS A 26 -5.61 5.47 -1.32
C CYS A 26 -4.53 5.19 -0.27
N LEU A 27 -3.30 4.96 -0.74
CA LEU A 27 -2.19 4.67 0.16
C LEU A 27 -0.86 5.05 -0.48
N LYS A 28 -0.24 6.10 0.04
CA LYS A 28 1.04 6.57 -0.48
C LYS A 28 2.15 6.37 0.54
N CYS A 29 3.37 6.13 0.06
CA CYS A 29 4.51 5.92 0.93
C CYS A 29 5.80 6.36 0.24
N GLU A 30 6.67 7.04 1.00
CA GLU A 30 7.94 7.51 0.46
C GLU A 30 9.10 6.62 0.92
N ILE A 31 10.14 6.55 0.11
CA ILE A 31 11.31 5.75 0.43
C ILE A 31 12.60 6.49 0.11
N SER A 32 13.73 5.90 0.51
CA SER A 32 15.02 6.51 0.26
C SER A 32 15.74 5.82 -0.90
N GLU A 33 14.99 5.51 -1.95
CA GLU A 33 15.56 4.84 -3.12
C GLU A 33 14.57 4.87 -4.29
N ASN A 34 15.08 4.66 -5.50
CA ASN A 34 14.25 4.66 -6.70
C ASN A 34 14.15 3.26 -7.29
N ILE A 35 13.61 2.33 -6.52
CA ILE A 35 13.45 0.96 -6.97
C ILE A 35 12.00 0.51 -6.89
N PRO A 36 11.61 -0.43 -7.76
CA PRO A 36 10.24 -0.97 -7.80
C PRO A 36 9.92 -1.83 -6.58
N GLY A 37 8.63 -2.09 -6.38
CA GLY A 37 8.22 -2.90 -5.24
C GLY A 37 6.85 -3.54 -5.46
N LYS A 38 6.40 -4.30 -4.47
CA LYS A 38 5.11 -4.97 -4.55
C LYS A 38 4.36 -4.87 -3.23
N TRP A 39 3.03 -4.89 -3.30
CA TRP A 39 2.19 -4.79 -2.11
C TRP A 39 1.64 -6.17 -1.74
N THR A 40 1.38 -6.37 -0.45
CA THR A 40 0.85 -7.62 0.05
C THR A 40 -0.15 -7.40 1.17
N LYS A 41 -1.25 -8.13 1.14
CA LYS A 41 -2.28 -8.02 2.16
C LYS A 41 -2.24 -9.21 3.12
N ASN A 42 -2.48 -8.94 4.40
CA ASN A 42 -2.47 -9.99 5.41
C ASN A 42 -1.41 -11.04 5.09
N GLY A 43 -0.22 -10.58 4.72
CA GLY A 43 0.86 -11.50 4.39
C GLY A 43 0.56 -12.33 3.16
N LEU A 44 0.01 -11.69 2.13
CA LEU A 44 -0.33 -12.38 0.88
C LEU A 44 -0.13 -11.46 -0.32
N PRO A 45 0.22 -12.05 -1.46
CA PRO A 45 0.44 -11.31 -2.71
C PRO A 45 -0.85 -10.75 -3.28
N VAL A 46 -0.93 -9.42 -3.36
CA VAL A 46 -2.12 -8.76 -3.90
C VAL A 46 -2.23 -8.97 -5.40
N GLN A 47 -3.42 -9.31 -5.86
CA GLN A 47 -3.66 -9.54 -7.29
C GLN A 47 -4.02 -8.24 -7.98
N GLU A 48 -3.19 -7.84 -8.94
CA GLU A 48 -3.42 -6.61 -9.70
C GLU A 48 -4.57 -6.79 -10.69
N SER A 49 -5.57 -5.92 -10.59
CA SER A 49 -6.73 -6.00 -11.48
C SER A 49 -7.09 -4.60 -11.99
N ASP A 50 -8.01 -4.56 -12.95
CA ASP A 50 -8.46 -3.29 -13.52
C ASP A 50 -8.93 -2.33 -12.44
N ARG A 51 -9.39 -2.89 -11.31
CA ARG A 51 -9.86 -2.08 -10.20
C ARG A 51 -8.73 -1.77 -9.23
N LEU A 52 -7.66 -2.54 -9.33
CA LEU A 52 -6.50 -2.34 -8.45
C LEU A 52 -5.24 -2.06 -9.27
N LYS A 53 -4.91 -0.78 -9.42
CA LYS A 53 -3.74 -0.38 -10.18
C LYS A 53 -2.66 0.18 -9.25
N VAL A 54 -1.48 -0.42 -9.30
CA VAL A 54 -0.37 0.01 -8.47
C VAL A 54 0.54 0.99 -9.22
N VAL A 55 0.38 2.27 -8.94
CA VAL A 55 1.18 3.30 -9.59
C VAL A 55 2.42 3.63 -8.76
N GLN A 56 3.55 3.80 -9.44
CA GLN A 56 4.81 4.12 -8.78
C GLN A 56 5.43 5.37 -9.38
N LYS A 57 5.82 6.30 -8.51
CA LYS A 57 6.44 7.55 -8.95
C LYS A 57 7.78 7.77 -8.26
N GLY A 58 8.86 7.61 -9.01
CA GLY A 58 10.19 7.80 -8.45
C GLY A 58 10.38 7.03 -7.16
N ARG A 59 10.70 7.76 -6.09
CA ARG A 59 10.91 7.13 -4.79
C ARG A 59 9.63 7.17 -3.95
N ILE A 60 8.50 6.94 -4.60
CA ILE A 60 7.21 6.94 -3.92
C ILE A 60 6.26 5.94 -4.56
N HIS A 61 5.63 5.12 -3.73
CA HIS A 61 4.68 4.11 -4.22
C HIS A 61 3.25 4.49 -3.83
N LYS A 62 2.35 4.39 -4.80
CA LYS A 62 0.94 4.71 -4.56
C LYS A 62 0.04 3.54 -4.93
N LEU A 63 -1.00 3.32 -4.13
CA LEU A 63 -1.94 2.23 -4.38
C LEU A 63 -3.37 2.66 -4.05
N VAL A 64 -4.21 2.74 -5.08
CA VAL A 64 -5.60 3.14 -4.90
C VAL A 64 -6.54 2.12 -5.53
N ILE A 65 -7.71 1.94 -4.93
CA ILE A 65 -8.70 1.00 -5.43
C ILE A 65 -9.94 1.73 -5.92
N ALA A 66 -10.50 1.25 -7.03
CA ALA A 66 -11.70 1.86 -7.60
C ALA A 66 -12.81 1.98 -6.56
N ASN A 67 -13.31 0.83 -6.11
CA ASN A 67 -14.38 0.81 -5.10
C ASN A 67 -13.93 0.05 -3.86
N ALA A 68 -13.94 0.74 -2.72
CA ALA A 68 -13.54 0.12 -1.46
C ALA A 68 -14.59 -0.86 -0.97
N LEU A 69 -14.19 -2.12 -0.80
CA LEU A 69 -15.10 -3.16 -0.34
C LEU A 69 -14.89 -3.44 1.15
N THR A 70 -15.73 -4.31 1.71
CA THR A 70 -15.63 -4.67 3.11
C THR A 70 -14.56 -5.73 3.34
N GLU A 71 -13.90 -6.13 2.27
CA GLU A 71 -12.84 -7.13 2.35
C GLU A 71 -11.46 -6.48 2.26
N ASP A 72 -11.41 -5.30 1.64
CA ASP A 72 -10.16 -4.59 1.48
C ASP A 72 -9.51 -4.33 2.83
N GLU A 73 -10.31 -3.90 3.80
CA GLU A 73 -9.81 -3.61 5.14
C GLU A 73 -8.99 -4.78 5.68
N GLY A 74 -8.11 -4.49 6.63
CA GLY A 74 -7.27 -5.53 7.21
C GLY A 74 -5.89 -5.04 7.55
N ASP A 75 -4.88 -5.66 6.94
CA ASP A 75 -3.49 -5.28 7.17
C ASP A 75 -2.69 -5.26 5.87
N TYR A 76 -2.30 -4.07 5.45
CA TYR A 76 -1.53 -3.91 4.22
C TYR A 76 -0.05 -3.78 4.51
N VAL A 77 0.77 -4.47 3.71
CA VAL A 77 2.21 -4.43 3.88
C VAL A 77 2.92 -4.27 2.54
N PHE A 78 3.96 -3.45 2.51
CA PHE A 78 4.72 -3.21 1.29
C PHE A 78 6.03 -3.99 1.31
N ALA A 79 6.51 -4.37 0.13
CA ALA A 79 7.76 -5.11 0.01
C ALA A 79 8.51 -4.72 -1.26
N PRO A 80 9.66 -4.08 -1.08
CA PRO A 80 10.50 -3.63 -2.20
C PRO A 80 11.17 -4.80 -2.93
N ASP A 81 11.29 -4.67 -4.25
CA ASP A 81 11.90 -5.72 -5.06
C ASP A 81 13.43 -5.59 -5.05
N ALA A 82 13.94 -4.73 -4.18
CA ALA A 82 15.37 -4.52 -4.07
C ALA A 82 15.88 -4.93 -2.69
N TYR A 83 14.98 -4.95 -1.71
CA TYR A 83 15.34 -5.31 -0.34
C TYR A 83 14.23 -6.13 0.30
N ASN A 84 14.41 -6.46 1.58
CA ASN A 84 13.42 -7.23 2.32
C ASN A 84 12.78 -6.39 3.42
N VAL A 85 12.22 -5.26 3.03
CA VAL A 85 11.58 -4.36 3.99
C VAL A 85 10.07 -4.60 4.03
N THR A 86 9.45 -4.26 5.16
CA THR A 86 8.02 -4.44 5.32
C THR A 86 7.40 -3.25 6.04
N LEU A 87 6.48 -2.57 5.36
CA LEU A 87 5.81 -1.41 5.94
C LEU A 87 4.40 -1.76 6.41
N PRO A 88 4.23 -1.91 7.72
CA PRO A 88 2.94 -2.25 8.32
C PRO A 88 1.94 -1.11 8.23
N ALA A 89 0.76 -1.40 7.70
CA ALA A 89 -0.29 -0.40 7.56
C ALA A 89 -1.65 -0.96 8.00
N LYS A 90 -2.46 -0.09 8.60
CA LYS A 90 -3.78 -0.49 9.06
C LYS A 90 -4.88 0.25 8.30
N VAL A 91 -6.00 -0.43 8.07
CA VAL A 91 -7.12 0.18 7.35
C VAL A 91 -8.44 -0.34 7.88
N HIS A 92 -9.49 0.46 7.74
CA HIS A 92 -10.82 0.09 8.20
C HIS A 92 -11.88 0.46 7.17
N VAL A 93 -13.00 -0.26 7.19
CA VAL A 93 -14.10 0.01 6.27
C VAL A 93 -15.42 0.18 7.00
N ILE A 94 -16.12 1.26 6.71
CA ILE A 94 -17.41 1.55 7.34
C ILE A 94 -18.56 1.13 6.44
N SER A 95 -19.51 0.39 7.01
CA SER A 95 -20.66 -0.08 6.26
C SER A 95 -21.78 0.96 6.29
N GLY A 96 -22.72 0.84 5.35
CA GLY A 96 -23.82 1.77 5.28
C GLY A 96 -25.11 1.11 4.86
N PRO A 97 -26.24 1.56 5.43
CA PRO A 97 -27.56 1.02 5.13
C PRO A 97 -28.03 1.38 3.72
N SER A 98 -27.56 2.52 3.21
CA SER A 98 -27.92 2.97 1.89
C SER A 98 -27.16 2.20 0.81
N SER A 99 -27.49 2.47 -0.45
CA SER A 99 -26.83 1.79 -1.56
C SER A 99 -25.43 2.35 -1.79
N GLY A 100 -24.70 1.75 -2.73
CA GLY A 100 -23.36 2.20 -3.03
C GLY A 100 -22.66 1.31 -4.04
N GLY A 1 28.17 -8.72 -8.34
CA GLY A 1 29.40 -7.97 -8.15
C GLY A 1 29.20 -6.76 -7.25
N SER A 2 29.10 -5.58 -7.86
CA SER A 2 28.92 -4.35 -7.11
C SER A 2 27.52 -3.78 -7.33
N SER A 3 26.58 -4.21 -6.51
CA SER A 3 25.20 -3.76 -6.61
C SER A 3 25.13 -2.23 -6.60
N GLY A 4 25.78 -1.62 -5.62
CA GLY A 4 25.78 -0.17 -5.51
C GLY A 4 25.62 0.31 -4.08
N SER A 5 24.39 0.58 -3.69
CA SER A 5 24.10 1.06 -2.34
C SER A 5 23.01 0.21 -1.69
N SER A 6 23.40 -0.55 -0.66
CA SER A 6 22.44 -1.40 0.05
C SER A 6 21.75 -0.63 1.16
N GLY A 7 20.80 -1.29 1.82
CA GLY A 7 20.06 -0.65 2.90
C GLY A 7 18.95 0.24 2.39
N LEU A 8 17.81 0.21 3.06
CA LEU A 8 16.65 1.01 2.68
C LEU A 8 16.08 1.75 3.88
N LYS A 9 15.98 3.08 3.76
CA LYS A 9 15.44 3.90 4.84
C LYS A 9 14.02 4.35 4.53
N ILE A 10 13.09 4.05 5.42
CA ILE A 10 11.69 4.43 5.23
C ILE A 10 11.48 5.91 5.55
N LEU A 11 11.16 6.68 4.52
CA LEU A 11 10.93 8.11 4.67
C LEU A 11 9.51 8.38 5.15
N THR A 12 8.53 7.94 4.36
CA THR A 12 7.12 8.14 4.71
C THR A 12 6.36 6.82 4.64
N PRO A 13 6.30 6.11 5.79
CA PRO A 13 5.60 4.83 5.88
C PRO A 13 4.08 4.98 5.79
N LEU A 14 3.43 4.01 5.17
CA LEU A 14 1.99 4.04 5.00
C LEU A 14 1.30 4.38 6.32
N THR A 15 0.36 5.31 6.27
CA THR A 15 -0.37 5.73 7.46
C THR A 15 -1.79 5.15 7.48
N ASP A 16 -2.25 4.76 8.66
CA ASP A 16 -3.59 4.20 8.81
C ASP A 16 -4.63 5.07 8.11
N GLN A 17 -5.30 4.48 7.13
CA GLN A 17 -6.33 5.20 6.38
C GLN A 17 -7.68 4.48 6.48
N THR A 18 -8.73 5.25 6.78
CA THR A 18 -10.06 4.70 6.91
C THR A 18 -11.06 5.47 6.05
N VAL A 19 -11.92 4.73 5.35
CA VAL A 19 -12.93 5.35 4.49
C VAL A 19 -14.20 4.53 4.46
N ASN A 20 -15.27 5.10 3.91
CA ASN A 20 -16.55 4.41 3.82
C ASN A 20 -16.57 3.45 2.64
N LEU A 21 -17.51 2.51 2.67
CA LEU A 21 -17.64 1.53 1.60
C LEU A 21 -17.83 2.21 0.25
N GLY A 22 -17.19 1.65 -0.78
CA GLY A 22 -17.30 2.22 -2.11
C GLY A 22 -16.23 3.25 -2.39
N LYS A 23 -15.92 4.06 -1.39
CA LYS A 23 -14.90 5.10 -1.52
C LYS A 23 -13.68 4.56 -2.26
N GLU A 24 -12.93 5.46 -2.89
CA GLU A 24 -11.73 5.08 -3.61
C GLU A 24 -10.51 5.05 -2.70
N ILE A 25 -10.14 3.87 -2.24
CA ILE A 25 -9.00 3.71 -1.36
C ILE A 25 -7.76 4.40 -1.93
N CYS A 26 -6.87 4.83 -1.05
CA CYS A 26 -5.64 5.50 -1.45
C CYS A 26 -4.53 5.28 -0.45
N LEU A 27 -3.32 5.00 -0.94
CA LEU A 27 -2.17 4.77 -0.08
C LEU A 27 -0.88 5.19 -0.76
N LYS A 28 -0.26 6.25 -0.24
CA LYS A 28 0.98 6.77 -0.80
C LYS A 28 2.11 6.70 0.24
N CYS A 29 3.30 6.36 -0.22
CA CYS A 29 4.46 6.27 0.66
C CYS A 29 5.74 6.65 -0.08
N GLU A 30 6.76 7.06 0.67
CA GLU A 30 8.03 7.46 0.09
C GLU A 30 9.16 6.51 0.54
N ILE A 31 10.19 6.41 -0.28
CA ILE A 31 11.32 5.55 0.03
C ILE A 31 12.63 6.15 -0.47
N SER A 32 13.72 5.84 0.22
CA SER A 32 15.03 6.35 -0.15
C SER A 32 15.68 5.48 -1.22
N GLU A 33 14.88 5.10 -2.22
CA GLU A 33 15.37 4.26 -3.31
C GLU A 33 14.43 4.32 -4.50
N ASN A 34 14.98 4.20 -5.70
CA ASN A 34 14.18 4.23 -6.92
C ASN A 34 14.07 2.84 -7.54
N ILE A 35 13.40 1.94 -6.81
CA ILE A 35 13.21 0.57 -7.28
C ILE A 35 11.76 0.14 -7.14
N PRO A 36 11.32 -0.78 -8.02
CA PRO A 36 9.95 -1.29 -8.02
C PRO A 36 9.68 -2.19 -6.82
N GLY A 37 8.45 -2.15 -6.32
CA GLY A 37 8.08 -2.97 -5.19
C GLY A 37 6.66 -3.49 -5.28
N LYS A 38 6.35 -4.52 -4.49
CA LYS A 38 5.03 -5.11 -4.49
C LYS A 38 4.38 -5.01 -3.11
N TRP A 39 3.05 -5.06 -3.08
CA TRP A 39 2.31 -4.97 -1.82
C TRP A 39 1.79 -6.34 -1.40
N THR A 40 1.38 -6.45 -0.14
CA THR A 40 0.86 -7.70 0.39
C THR A 40 -0.14 -7.45 1.51
N LYS A 41 -1.28 -8.14 1.46
CA LYS A 41 -2.31 -8.00 2.47
C LYS A 41 -2.41 -9.26 3.34
N ASN A 42 -2.68 -9.06 4.62
CA ASN A 42 -2.80 -10.19 5.54
C ASN A 42 -1.78 -11.27 5.23
N GLY A 43 -0.56 -10.86 4.89
CA GLY A 43 0.49 -11.80 4.57
C GLY A 43 0.19 -12.57 3.30
N LEU A 44 -0.20 -11.86 2.25
CA LEU A 44 -0.52 -12.48 0.97
C LEU A 44 -0.28 -11.51 -0.19
N PRO A 45 0.02 -12.05 -1.37
CA PRO A 45 0.27 -11.26 -2.57
C PRO A 45 -1.00 -10.59 -3.09
N VAL A 46 -1.00 -9.26 -3.10
CA VAL A 46 -2.14 -8.50 -3.59
C VAL A 46 -2.27 -8.59 -5.10
N GLN A 47 -3.50 -8.80 -5.58
CA GLN A 47 -3.75 -8.89 -7.01
C GLN A 47 -3.80 -7.52 -7.65
N GLU A 48 -3.01 -7.33 -8.71
CA GLU A 48 -2.97 -6.06 -9.42
C GLU A 48 -3.80 -6.12 -10.70
N SER A 49 -4.85 -5.29 -10.76
CA SER A 49 -5.72 -5.25 -11.93
C SER A 49 -6.26 -3.85 -12.14
N ASP A 50 -7.01 -3.67 -13.23
CA ASP A 50 -7.60 -2.38 -13.55
C ASP A 50 -8.05 -1.65 -12.29
N ARG A 51 -8.82 -2.34 -11.46
CA ARG A 51 -9.32 -1.76 -10.21
C ARG A 51 -8.17 -1.33 -9.32
N LEU A 52 -7.23 -2.24 -9.07
CA LEU A 52 -6.09 -1.96 -8.22
C LEU A 52 -4.82 -1.79 -9.07
N LYS A 53 -4.40 -0.54 -9.24
CA LYS A 53 -3.20 -0.24 -10.02
C LYS A 53 -2.12 0.36 -9.13
N VAL A 54 -0.87 -0.05 -9.37
CA VAL A 54 0.25 0.45 -8.61
C VAL A 54 1.06 1.46 -9.41
N VAL A 55 0.83 2.74 -9.14
CA VAL A 55 1.54 3.81 -9.83
C VAL A 55 2.80 4.23 -9.08
N GLN A 56 3.84 4.59 -9.81
CA GLN A 56 5.09 5.02 -9.21
C GLN A 56 5.39 6.48 -9.54
N LYS A 57 5.77 7.24 -8.52
CA LYS A 57 6.09 8.65 -8.70
C LYS A 57 7.42 9.00 -8.03
N GLY A 58 8.49 8.97 -8.83
CA GLY A 58 9.80 9.28 -8.30
C GLY A 58 9.99 8.82 -6.86
N ARG A 59 10.32 7.54 -6.70
CA ARG A 59 10.52 6.97 -5.38
C ARG A 59 9.25 7.07 -4.54
N ILE A 60 8.13 6.64 -5.12
CA ILE A 60 6.85 6.69 -4.43
C ILE A 60 5.92 5.58 -4.92
N HIS A 61 5.34 4.85 -3.99
CA HIS A 61 4.42 3.77 -4.31
C HIS A 61 2.97 4.16 -4.04
N LYS A 62 2.18 4.26 -5.09
CA LYS A 62 0.77 4.63 -4.96
C LYS A 62 -0.13 3.42 -5.18
N LEU A 63 -1.19 3.32 -4.38
CA LEU A 63 -2.13 2.21 -4.48
C LEU A 63 -3.54 2.67 -4.15
N VAL A 64 -4.38 2.79 -5.17
CA VAL A 64 -5.76 3.21 -4.99
C VAL A 64 -6.73 2.16 -5.53
N ILE A 65 -7.70 1.78 -4.70
CA ILE A 65 -8.69 0.79 -5.10
C ILE A 65 -9.93 1.46 -5.68
N ALA A 66 -10.48 0.85 -6.73
CA ALA A 66 -11.67 1.39 -7.38
C ALA A 66 -12.81 1.58 -6.38
N ASN A 67 -13.13 0.51 -5.64
CA ASN A 67 -14.19 0.57 -4.65
C ASN A 67 -13.75 -0.07 -3.34
N ALA A 68 -13.84 0.69 -2.25
CA ALA A 68 -13.45 0.20 -0.94
C ALA A 68 -14.40 -0.90 -0.46
N LEU A 69 -14.00 -2.15 -0.64
CA LEU A 69 -14.82 -3.28 -0.22
C LEU A 69 -14.37 -3.80 1.13
N THR A 70 -15.32 -4.35 1.89
CA THR A 70 -15.03 -4.90 3.21
C THR A 70 -13.71 -5.67 3.21
N GLU A 71 -13.37 -6.23 2.05
CA GLU A 71 -12.13 -7.00 1.92
C GLU A 71 -10.92 -6.15 2.30
N ASP A 72 -10.86 -4.94 1.77
CA ASP A 72 -9.75 -4.03 2.05
C ASP A 72 -9.44 -4.02 3.55
N GLU A 73 -10.47 -4.22 4.37
CA GLU A 73 -10.31 -4.22 5.82
C GLU A 73 -9.28 -5.27 6.25
N GLY A 74 -8.15 -4.82 6.78
CA GLY A 74 -7.13 -5.74 7.22
C GLY A 74 -5.79 -5.05 7.45
N ASP A 75 -4.70 -5.76 7.15
CA ASP A 75 -3.37 -5.20 7.33
C ASP A 75 -2.62 -5.15 6.00
N TYR A 76 -2.16 -3.96 5.64
CA TYR A 76 -1.43 -3.77 4.39
C TYR A 76 0.07 -3.70 4.64
N VAL A 77 0.82 -4.47 3.86
CA VAL A 77 2.28 -4.50 3.99
C VAL A 77 2.96 -4.37 2.63
N PHE A 78 3.96 -3.50 2.56
CA PHE A 78 4.69 -3.27 1.32
C PHE A 78 6.09 -3.88 1.39
N ALA A 79 6.48 -4.57 0.33
CA ALA A 79 7.80 -5.20 0.27
C ALA A 79 8.44 -5.00 -1.09
N PRO A 80 9.62 -4.35 -1.10
CA PRO A 80 10.36 -4.08 -2.34
C PRO A 80 10.95 -5.35 -2.95
N ASP A 81 11.28 -5.28 -4.24
CA ASP A 81 11.84 -6.42 -4.94
C ASP A 81 13.36 -6.39 -4.90
N ALA A 82 13.91 -5.53 -4.05
CA ALA A 82 15.36 -5.39 -3.92
C ALA A 82 15.79 -5.61 -2.47
N TYR A 83 14.96 -5.20 -1.53
CA TYR A 83 15.26 -5.35 -0.12
C TYR A 83 14.16 -6.13 0.59
N ASN A 84 14.41 -6.47 1.86
CA ASN A 84 13.44 -7.22 2.66
C ASN A 84 12.74 -6.32 3.65
N VAL A 85 12.43 -5.09 3.22
CA VAL A 85 11.76 -4.13 4.08
C VAL A 85 10.25 -4.40 4.14
N THR A 86 9.62 -3.94 5.20
CA THR A 86 8.18 -4.13 5.37
C THR A 86 7.54 -2.91 6.03
N LEU A 87 6.54 -2.34 5.37
CA LEU A 87 5.83 -1.18 5.90
C LEU A 87 4.42 -1.54 6.33
N PRO A 88 4.22 -1.65 7.64
CA PRO A 88 2.92 -1.99 8.22
C PRO A 88 1.90 -0.86 8.06
N ALA A 89 0.66 -1.23 7.78
CA ALA A 89 -0.41 -0.24 7.61
C ALA A 89 -1.76 -0.81 8.05
N LYS A 90 -2.56 0.03 8.70
CA LYS A 90 -3.88 -0.39 9.18
C LYS A 90 -4.98 0.30 8.37
N VAL A 91 -5.97 -0.49 7.96
CA VAL A 91 -7.09 0.04 7.19
C VAL A 91 -8.42 -0.47 7.73
N HIS A 92 -9.48 0.32 7.52
CA HIS A 92 -10.81 -0.06 7.99
C HIS A 92 -11.88 0.48 7.05
N VAL A 93 -12.98 -0.26 6.92
CA VAL A 93 -14.08 0.14 6.06
C VAL A 93 -15.36 0.34 6.86
N ILE A 94 -16.15 1.33 6.48
CA ILE A 94 -17.40 1.62 7.15
C ILE A 94 -18.60 1.14 6.33
N SER A 95 -19.44 0.32 6.95
CA SER A 95 -20.62 -0.22 6.27
C SER A 95 -21.73 0.82 6.21
N GLY A 96 -22.32 0.98 5.03
CA GLY A 96 -23.40 1.95 4.86
C GLY A 96 -23.71 2.21 3.40
N PRO A 97 -24.65 1.43 2.85
CA PRO A 97 -25.07 1.55 1.45
C PRO A 97 -25.85 2.83 1.19
N SER A 98 -25.13 3.93 0.97
CA SER A 98 -25.75 5.22 0.73
C SER A 98 -26.46 5.22 -0.63
N SER A 99 -27.74 4.86 -0.63
CA SER A 99 -28.53 4.81 -1.86
C SER A 99 -29.91 5.41 -1.64
N GLY A 100 -30.19 6.51 -2.35
CA GLY A 100 -31.47 7.16 -2.22
C GLY A 100 -31.75 7.62 -0.81
N GLY A 1 28.88 -14.92 4.22
CA GLY A 1 28.83 -13.49 4.01
C GLY A 1 27.50 -13.04 3.43
N SER A 2 27.55 -12.03 2.58
CA SER A 2 26.34 -11.49 1.96
C SER A 2 25.34 -11.04 3.02
N SER A 3 25.85 -10.43 4.09
CA SER A 3 25.01 -9.96 5.18
C SER A 3 24.71 -8.47 5.02
N GLY A 4 23.74 -7.98 5.80
CA GLY A 4 23.37 -6.58 5.73
C GLY A 4 22.52 -6.15 6.91
N SER A 5 22.94 -5.09 7.59
CA SER A 5 22.21 -4.58 8.74
C SER A 5 21.34 -3.38 8.35
N SER A 6 21.94 -2.45 7.63
CA SER A 6 21.22 -1.26 7.19
C SER A 6 21.14 -1.19 5.66
N GLY A 7 20.06 -0.61 5.16
CA GLY A 7 19.88 -0.49 3.72
C GLY A 7 18.91 0.60 3.34
N LEU A 8 17.70 0.21 2.97
CA LEU A 8 16.67 1.17 2.59
C LEU A 8 16.12 1.91 3.80
N LYS A 9 15.97 3.22 3.67
CA LYS A 9 15.46 4.05 4.76
C LYS A 9 14.09 4.61 4.41
N ILE A 10 13.04 4.00 4.97
CA ILE A 10 11.67 4.44 4.72
C ILE A 10 11.47 5.89 5.17
N LEU A 11 11.33 6.79 4.20
CA LEU A 11 11.13 8.20 4.50
C LEU A 11 9.67 8.48 4.85
N THR A 12 8.78 8.16 3.91
CA THR A 12 7.35 8.38 4.11
C THR A 12 6.58 7.07 4.07
N PRO A 13 6.46 6.41 5.22
CA PRO A 13 5.75 5.13 5.34
C PRO A 13 4.24 5.28 5.16
N LEU A 14 3.56 4.16 4.96
CA LEU A 14 2.11 4.18 4.76
C LEU A 14 1.40 4.48 6.08
N THR A 15 0.45 5.41 6.04
CA THR A 15 -0.32 5.77 7.23
C THR A 15 -1.59 4.96 7.34
N ASP A 16 -2.40 5.26 8.35
CA ASP A 16 -3.66 4.57 8.56
C ASP A 16 -4.82 5.32 7.93
N GLN A 17 -5.55 4.65 7.05
CA GLN A 17 -6.68 5.27 6.36
C GLN A 17 -7.97 4.48 6.63
N THR A 18 -9.05 5.20 6.92
CA THR A 18 -10.33 4.57 7.19
C THR A 18 -11.45 5.22 6.37
N VAL A 19 -12.11 4.41 5.55
CA VAL A 19 -13.20 4.90 4.72
C VAL A 19 -14.37 3.92 4.69
N ASN A 20 -15.54 4.40 4.31
CA ASN A 20 -16.74 3.57 4.25
C ASN A 20 -16.66 2.63 3.05
N LEU A 21 -17.71 1.81 2.89
CA LEU A 21 -17.76 0.86 1.78
C LEU A 21 -18.09 1.57 0.46
N GLY A 22 -17.28 1.33 -0.55
CA GLY A 22 -17.49 1.95 -1.84
C GLY A 22 -16.70 3.23 -2.01
N LYS A 23 -15.77 3.46 -1.10
CA LYS A 23 -14.93 4.67 -1.15
C LYS A 23 -13.62 4.38 -1.86
N GLU A 24 -13.05 5.41 -2.50
CA GLU A 24 -11.79 5.27 -3.21
C GLU A 24 -10.61 5.44 -2.26
N ILE A 25 -10.09 4.32 -1.75
CA ILE A 25 -8.95 4.35 -0.84
C ILE A 25 -7.69 4.83 -1.55
N CYS A 26 -6.93 5.68 -0.88
CA CYS A 26 -5.69 6.21 -1.44
C CYS A 26 -4.53 6.03 -0.46
N LEU A 27 -3.37 5.64 -0.99
CA LEU A 27 -2.19 5.44 -0.16
C LEU A 27 -0.93 5.86 -0.91
N LYS A 28 -0.12 6.69 -0.26
CA LYS A 28 1.12 7.17 -0.86
C LYS A 28 2.28 7.07 0.12
N CYS A 29 3.44 6.64 -0.37
CA CYS A 29 4.63 6.50 0.47
C CYS A 29 5.88 6.96 -0.27
N GLU A 30 6.95 7.20 0.48
CA GLU A 30 8.20 7.65 -0.11
C GLU A 30 9.37 6.84 0.45
N ILE A 31 10.28 6.45 -0.44
CA ILE A 31 11.45 5.67 -0.04
C ILE A 31 12.75 6.39 -0.41
N SER A 32 13.86 5.89 0.10
CA SER A 32 15.17 6.49 -0.16
C SER A 32 15.79 5.87 -1.41
N GLU A 33 15.34 4.68 -1.77
CA GLU A 33 15.86 3.98 -2.93
C GLU A 33 14.85 3.99 -4.07
N ASN A 34 15.34 3.92 -5.30
CA ASN A 34 14.47 3.92 -6.48
C ASN A 34 14.39 2.52 -7.09
N ILE A 35 13.61 1.66 -6.45
CA ILE A 35 13.44 0.30 -6.93
C ILE A 35 11.98 -0.14 -6.86
N PRO A 36 11.58 -1.03 -7.77
CA PRO A 36 10.20 -1.54 -7.83
C PRO A 36 9.88 -2.46 -6.65
N GLY A 37 8.58 -2.58 -6.35
CA GLY A 37 8.16 -3.43 -5.25
C GLY A 37 6.77 -4.00 -5.46
N LYS A 38 6.28 -4.72 -4.45
CA LYS A 38 4.95 -5.31 -4.52
C LYS A 38 4.22 -5.20 -3.19
N TRP A 39 2.90 -5.06 -3.25
CA TRP A 39 2.09 -4.94 -2.04
C TRP A 39 1.50 -6.29 -1.65
N THR A 40 1.33 -6.51 -0.36
CA THR A 40 0.78 -7.76 0.16
C THR A 40 -0.22 -7.50 1.28
N LYS A 41 -1.38 -8.14 1.19
CA LYS A 41 -2.42 -7.99 2.19
C LYS A 41 -2.53 -9.23 3.08
N ASN A 42 -2.84 -9.03 4.35
CA ASN A 42 -2.97 -10.14 5.29
C ASN A 42 -1.95 -11.24 4.98
N GLY A 43 -0.73 -10.82 4.64
CA GLY A 43 0.32 -11.78 4.32
C GLY A 43 0.02 -12.56 3.05
N LEU A 44 -0.32 -11.84 1.99
CA LEU A 44 -0.62 -12.47 0.71
C LEU A 44 -0.43 -11.49 -0.45
N PRO A 45 -0.11 -12.02 -1.63
CA PRO A 45 0.10 -11.21 -2.83
C PRO A 45 -1.18 -10.58 -3.35
N VAL A 46 -1.27 -9.26 -3.26
CA VAL A 46 -2.45 -8.54 -3.72
C VAL A 46 -2.59 -8.63 -5.23
N GLN A 47 -3.76 -9.08 -5.68
CA GLN A 47 -4.02 -9.20 -7.12
C GLN A 47 -4.25 -7.84 -7.76
N GLU A 48 -3.32 -7.41 -8.59
CA GLU A 48 -3.43 -6.12 -9.27
C GLU A 48 -4.17 -6.26 -10.59
N SER A 49 -5.09 -5.33 -10.84
CA SER A 49 -5.88 -5.35 -12.07
C SER A 49 -6.45 -3.96 -12.36
N ASP A 50 -7.18 -3.85 -13.46
CA ASP A 50 -7.78 -2.58 -13.86
C ASP A 50 -8.21 -1.78 -12.64
N ARG A 51 -8.81 -2.46 -11.68
CA ARG A 51 -9.28 -1.81 -10.46
C ARG A 51 -8.10 -1.29 -9.64
N LEU A 52 -7.29 -2.20 -9.12
CA LEU A 52 -6.13 -1.84 -8.32
C LEU A 52 -4.92 -1.53 -9.21
N LYS A 53 -4.45 -0.30 -9.15
CA LYS A 53 -3.30 0.12 -9.95
C LYS A 53 -2.21 0.72 -9.06
N VAL A 54 -0.99 0.22 -9.23
CA VAL A 54 0.14 0.70 -8.45
C VAL A 54 1.01 1.67 -9.26
N VAL A 55 0.86 2.95 -8.99
CA VAL A 55 1.63 3.98 -9.69
C VAL A 55 2.91 4.29 -8.95
N GLN A 56 3.97 4.55 -9.71
CA GLN A 56 5.27 4.88 -9.12
C GLN A 56 5.71 6.28 -9.52
N LYS A 57 6.14 7.06 -8.52
CA LYS A 57 6.58 8.42 -8.76
C LYS A 57 7.93 8.68 -8.08
N GLY A 58 9.00 8.51 -8.84
CA GLY A 58 10.34 8.73 -8.31
C GLY A 58 10.43 8.34 -6.84
N ARG A 59 10.74 7.07 -6.58
CA ARG A 59 10.85 6.57 -5.22
C ARG A 59 9.56 6.81 -4.44
N ILE A 60 8.46 6.37 -5.01
CA ILE A 60 7.15 6.53 -4.37
C ILE A 60 6.17 5.46 -4.85
N HIS A 61 5.73 4.61 -3.93
CA HIS A 61 4.78 3.55 -4.25
C HIS A 61 3.37 3.91 -3.78
N LYS A 62 2.55 4.37 -4.71
CA LYS A 62 1.17 4.75 -4.40
C LYS A 62 0.19 3.66 -4.84
N LEU A 63 -0.89 3.51 -4.08
CA LEU A 63 -1.90 2.51 -4.40
C LEU A 63 -3.29 3.01 -4.01
N VAL A 64 -4.25 2.83 -4.92
CA VAL A 64 -5.62 3.26 -4.67
C VAL A 64 -6.62 2.30 -5.33
N ILE A 65 -7.66 1.96 -4.59
CA ILE A 65 -8.70 1.05 -5.10
C ILE A 65 -9.92 1.83 -5.56
N ALA A 66 -10.52 1.38 -6.66
CA ALA A 66 -11.71 2.03 -7.20
C ALA A 66 -12.87 1.98 -6.22
N ASN A 67 -13.23 0.76 -5.80
CA ASN A 67 -14.32 0.57 -4.86
C ASN A 67 -13.86 -0.23 -3.65
N ALA A 68 -13.85 0.41 -2.49
CA ALA A 68 -13.42 -0.25 -1.25
C ALA A 68 -14.44 -1.30 -0.82
N LEU A 69 -13.96 -2.50 -0.51
CA LEU A 69 -14.83 -3.59 -0.09
C LEU A 69 -14.66 -3.87 1.41
N THR A 70 -15.48 -4.77 1.93
CA THR A 70 -15.42 -5.13 3.34
C THR A 70 -14.24 -6.06 3.62
N GLU A 71 -13.57 -6.48 2.55
CA GLU A 71 -12.42 -7.39 2.69
C GLU A 71 -11.11 -6.62 2.53
N ASP A 72 -11.13 -5.58 1.70
CA ASP A 72 -9.95 -4.77 1.47
C ASP A 72 -9.26 -4.41 2.77
N GLU A 73 -10.05 -3.96 3.75
CA GLU A 73 -9.52 -3.58 5.05
C GLU A 73 -8.62 -4.68 5.61
N GLY A 74 -7.90 -4.36 6.69
CA GLY A 74 -7.00 -5.33 7.29
C GLY A 74 -5.65 -4.75 7.59
N ASP A 75 -4.60 -5.41 7.10
CA ASP A 75 -3.23 -4.95 7.31
C ASP A 75 -2.44 -4.97 6.01
N TYR A 76 -2.19 -3.80 5.46
CA TYR A 76 -1.44 -3.67 4.21
C TYR A 76 0.06 -3.57 4.48
N VAL A 77 0.83 -4.34 3.73
CA VAL A 77 2.29 -4.32 3.88
C VAL A 77 2.98 -4.22 2.52
N PHE A 78 4.01 -3.38 2.45
CA PHE A 78 4.76 -3.19 1.23
C PHE A 78 6.13 -3.85 1.31
N ALA A 79 6.47 -4.62 0.28
CA ALA A 79 7.75 -5.31 0.24
C ALA A 79 8.46 -5.09 -1.10
N PRO A 80 9.59 -4.36 -1.06
CA PRO A 80 10.37 -4.06 -2.26
C PRO A 80 11.07 -5.30 -2.82
N ASP A 81 11.25 -5.31 -4.14
CA ASP A 81 11.91 -6.43 -4.80
C ASP A 81 13.43 -6.30 -4.72
N ALA A 82 13.89 -5.42 -3.85
CA ALA A 82 15.33 -5.19 -3.68
C ALA A 82 15.74 -5.37 -2.22
N TYR A 83 14.78 -5.23 -1.31
CA TYR A 83 15.05 -5.37 0.11
C TYR A 83 13.92 -6.14 0.80
N ASN A 84 14.05 -6.33 2.10
CA ASN A 84 13.05 -7.05 2.88
C ASN A 84 12.27 -6.10 3.79
N VAL A 85 12.28 -4.82 3.44
CA VAL A 85 11.58 -3.80 4.22
C VAL A 85 10.09 -4.07 4.25
N THR A 86 9.46 -3.77 5.38
CA THR A 86 8.03 -3.99 5.54
C THR A 86 7.36 -2.77 6.16
N LEU A 87 6.41 -2.19 5.42
CA LEU A 87 5.70 -1.01 5.90
C LEU A 87 4.26 -1.36 6.28
N PRO A 88 3.99 -1.47 7.57
CA PRO A 88 2.66 -1.80 8.09
C PRO A 88 1.66 -0.66 7.88
N ALA A 89 0.46 -1.02 7.44
CA ALA A 89 -0.59 -0.03 7.20
C ALA A 89 -1.94 -0.53 7.69
N LYS A 90 -2.52 0.18 8.65
CA LYS A 90 -3.82 -0.19 9.21
C LYS A 90 -4.94 0.46 8.43
N VAL A 91 -6.00 -0.32 8.18
CA VAL A 91 -7.16 0.18 7.44
C VAL A 91 -8.45 -0.45 7.94
N HIS A 92 -9.56 0.27 7.80
CA HIS A 92 -10.85 -0.22 8.24
C HIS A 92 -11.95 0.20 7.26
N VAL A 93 -12.95 -0.67 7.09
CA VAL A 93 -14.06 -0.38 6.20
C VAL A 93 -15.38 -0.35 6.94
N ILE A 94 -16.18 0.69 6.70
CA ILE A 94 -17.48 0.83 7.35
C ILE A 94 -18.61 0.59 6.37
N SER A 95 -19.62 -0.16 6.81
CA SER A 95 -20.77 -0.46 5.97
C SER A 95 -22.07 -0.04 6.65
N GLY A 96 -23.16 -0.06 5.89
CA GLY A 96 -24.45 0.32 6.44
C GLY A 96 -25.53 0.40 5.37
N PRO A 97 -26.75 0.76 5.79
CA PRO A 97 -27.90 0.88 4.88
C PRO A 97 -27.76 2.06 3.94
N SER A 98 -26.79 2.93 4.21
CA SER A 98 -26.56 4.11 3.38
C SER A 98 -26.60 3.75 1.90
N SER A 99 -27.46 4.44 1.15
CA SER A 99 -27.59 4.19 -0.28
C SER A 99 -26.23 4.11 -0.95
N GLY A 100 -26.19 3.48 -2.12
CA GLY A 100 -24.94 3.34 -2.85
C GLY A 100 -24.61 4.58 -3.66
N GLY A 1 36.57 3.46 0.92
CA GLY A 1 35.74 3.01 -0.19
C GLY A 1 35.22 4.16 -1.02
N SER A 2 33.90 4.35 -1.01
CA SER A 2 33.27 5.41 -1.78
C SER A 2 32.19 6.11 -0.96
N SER A 3 32.24 7.43 -0.91
CA SER A 3 31.27 8.21 -0.17
C SER A 3 29.85 7.97 -0.69
N GLY A 4 28.91 7.75 0.21
CA GLY A 4 27.54 7.51 -0.19
C GLY A 4 26.71 6.90 0.94
N SER A 5 25.39 6.99 0.80
CA SER A 5 24.49 6.44 1.81
C SER A 5 24.08 5.02 1.47
N SER A 6 24.24 4.12 2.43
CA SER A 6 23.89 2.71 2.22
C SER A 6 22.61 2.36 2.97
N GLY A 7 21.96 1.29 2.53
CA GLY A 7 20.72 0.86 3.17
C GLY A 7 19.52 1.63 2.68
N LEU A 8 18.33 1.10 2.95
CA LEU A 8 17.09 1.74 2.53
C LEU A 8 16.44 2.49 3.68
N LYS A 9 16.35 3.81 3.55
CA LYS A 9 15.75 4.64 4.58
C LYS A 9 14.34 5.08 4.18
N ILE A 10 13.36 4.70 5.00
CA ILE A 10 11.97 5.05 4.73
C ILE A 10 11.62 6.41 5.33
N LEU A 11 11.42 7.40 4.47
CA LEU A 11 11.07 8.75 4.92
C LEU A 11 9.64 8.79 5.44
N THR A 12 8.69 8.47 4.57
CA THR A 12 7.28 8.47 4.94
C THR A 12 6.62 7.15 4.58
N PRO A 13 6.59 6.21 5.54
CA PRO A 13 5.99 4.90 5.35
C PRO A 13 4.47 4.96 5.25
N LEU A 14 3.85 3.82 5.00
CA LEU A 14 2.39 3.75 4.88
C LEU A 14 1.72 4.09 6.22
N THR A 15 0.68 4.91 6.16
CA THR A 15 -0.04 5.32 7.36
C THR A 15 -1.44 4.70 7.38
N ASP A 16 -2.12 4.85 8.51
CA ASP A 16 -3.47 4.30 8.66
C ASP A 16 -4.49 5.18 7.95
N GLN A 17 -5.35 4.56 7.16
CA GLN A 17 -6.38 5.28 6.42
C GLN A 17 -7.76 4.71 6.69
N THR A 18 -8.76 5.57 6.75
CA THR A 18 -10.13 5.14 7.00
C THR A 18 -11.10 5.78 6.01
N VAL A 19 -11.61 4.97 5.09
CA VAL A 19 -12.55 5.45 4.08
C VAL A 19 -13.80 4.58 4.05
N ASN A 20 -14.96 5.23 3.87
CA ASN A 20 -16.23 4.52 3.82
C ASN A 20 -16.20 3.45 2.73
N LEU A 21 -17.23 2.60 2.72
CA LEU A 21 -17.32 1.53 1.74
C LEU A 21 -17.76 2.08 0.38
N GLY A 22 -17.06 1.66 -0.67
CA GLY A 22 -17.38 2.12 -2.01
C GLY A 22 -16.49 3.26 -2.47
N LYS A 23 -16.04 4.08 -1.52
CA LYS A 23 -15.18 5.21 -1.84
C LYS A 23 -13.89 4.73 -2.51
N GLU A 24 -13.02 5.68 -2.85
CA GLU A 24 -11.76 5.36 -3.50
C GLU A 24 -10.60 5.45 -2.51
N ILE A 25 -10.18 4.31 -1.97
CA ILE A 25 -9.08 4.26 -1.02
C ILE A 25 -7.81 4.85 -1.62
N CYS A 26 -6.92 5.33 -0.76
CA CYS A 26 -5.65 5.90 -1.21
C CYS A 26 -4.53 5.57 -0.24
N LEU A 27 -3.44 5.03 -0.76
CA LEU A 27 -2.29 4.66 0.05
C LEU A 27 -0.98 4.98 -0.66
N LYS A 28 -0.22 5.92 -0.09
CA LYS A 28 1.06 6.32 -0.67
C LYS A 28 2.14 6.39 0.40
N CYS A 29 3.40 6.26 -0.02
CA CYS A 29 4.53 6.32 0.90
C CYS A 29 5.78 6.83 0.20
N GLU A 30 6.60 7.56 0.94
CA GLU A 30 7.84 8.11 0.38
C GLU A 30 9.06 7.39 0.94
N ILE A 31 9.93 6.95 0.04
CA ILE A 31 11.14 6.24 0.45
C ILE A 31 12.39 6.90 -0.13
N SER A 32 13.55 6.54 0.43
CA SER A 32 14.82 7.11 -0.04
C SER A 32 15.42 6.25 -1.14
N GLU A 33 14.57 5.75 -2.03
CA GLU A 33 15.02 4.93 -3.14
C GLU A 33 14.00 4.91 -4.26
N ASN A 34 14.49 4.79 -5.49
CA ASN A 34 13.61 4.77 -6.66
C ASN A 34 13.51 3.36 -7.24
N ILE A 35 13.50 2.37 -6.36
CA ILE A 35 13.41 0.97 -6.78
C ILE A 35 11.97 0.48 -6.72
N PRO A 36 11.61 -0.42 -7.67
CA PRO A 36 10.27 -0.99 -7.74
C PRO A 36 9.98 -1.95 -6.59
N GLY A 37 8.73 -1.95 -6.14
CA GLY A 37 8.33 -2.83 -5.04
C GLY A 37 6.98 -3.47 -5.26
N LYS A 38 6.61 -4.38 -4.37
CA LYS A 38 5.33 -5.06 -4.47
C LYS A 38 4.51 -4.88 -3.20
N TRP A 39 3.20 -5.11 -3.29
CA TRP A 39 2.31 -4.97 -2.14
C TRP A 39 1.77 -6.33 -1.72
N THR A 40 1.44 -6.45 -0.43
CA THR A 40 0.91 -7.69 0.10
C THR A 40 -0.16 -7.43 1.16
N LYS A 41 -1.26 -8.15 1.07
CA LYS A 41 -2.35 -7.99 2.02
C LYS A 41 -2.60 -9.28 2.80
N ASN A 42 -2.95 -9.15 4.07
CA ASN A 42 -3.21 -10.31 4.92
C ASN A 42 -2.11 -11.35 4.77
N GLY A 43 -0.89 -10.89 4.54
CA GLY A 43 0.23 -11.79 4.37
C GLY A 43 0.14 -12.59 3.08
N LEU A 44 -0.44 -11.99 2.06
CA LEU A 44 -0.60 -12.65 0.76
C LEU A 44 -0.30 -11.68 -0.38
N PRO A 45 0.17 -12.22 -1.51
CA PRO A 45 0.49 -11.43 -2.70
C PRO A 45 -0.75 -10.87 -3.38
N VAL A 46 -0.93 -9.55 -3.29
CA VAL A 46 -2.06 -8.88 -3.89
C VAL A 46 -2.14 -9.16 -5.39
N GLN A 47 -3.35 -9.41 -5.89
CA GLN A 47 -3.54 -9.68 -7.30
C GLN A 47 -4.06 -8.45 -8.04
N GLU A 48 -3.17 -7.76 -8.72
CA GLU A 48 -3.54 -6.55 -9.47
C GLU A 48 -4.79 -6.81 -10.30
N SER A 49 -5.49 -5.72 -10.64
CA SER A 49 -6.71 -5.82 -11.44
C SER A 49 -7.12 -4.45 -11.97
N ASP A 50 -8.11 -4.44 -12.86
CA ASP A 50 -8.60 -3.20 -13.45
C ASP A 50 -9.11 -2.25 -12.37
N ARG A 51 -9.34 -2.79 -11.18
CA ARG A 51 -9.83 -1.99 -10.06
C ARG A 51 -8.70 -1.65 -9.09
N LEU A 52 -7.56 -2.32 -9.27
CA LEU A 52 -6.40 -2.10 -8.41
C LEU A 52 -5.16 -1.78 -9.23
N LYS A 53 -4.80 -0.51 -9.30
CA LYS A 53 -3.63 -0.08 -10.07
C LYS A 53 -2.52 0.40 -9.13
N VAL A 54 -1.30 -0.06 -9.39
CA VAL A 54 -0.15 0.33 -8.58
C VAL A 54 0.72 1.34 -9.30
N VAL A 55 0.56 2.62 -8.96
CA VAL A 55 1.34 3.68 -9.58
C VAL A 55 2.62 3.95 -8.80
N GLN A 56 3.71 4.15 -9.53
CA GLN A 56 5.00 4.42 -8.89
C GLN A 56 5.62 5.70 -9.45
N LYS A 57 6.05 6.58 -8.54
CA LYS A 57 6.66 7.85 -8.95
C LYS A 57 8.06 7.98 -8.35
N GLY A 58 9.07 7.61 -9.14
CA GLY A 58 10.44 7.70 -8.67
C GLY A 58 10.64 7.03 -7.32
N ARG A 59 10.76 7.85 -6.28
CA ARG A 59 10.96 7.34 -4.93
C ARG A 59 9.66 7.39 -4.12
N ILE A 60 8.56 7.03 -4.78
CA ILE A 60 7.25 7.04 -4.12
C ILE A 60 6.34 5.96 -4.72
N HIS A 61 5.59 5.29 -3.85
CA HIS A 61 4.68 4.25 -4.29
C HIS A 61 3.25 4.54 -3.83
N LYS A 62 2.32 4.53 -4.77
CA LYS A 62 0.92 4.80 -4.46
C LYS A 62 0.04 3.63 -4.90
N LEU A 63 -1.06 3.43 -4.17
CA LEU A 63 -1.99 2.35 -4.48
C LEU A 63 -3.41 2.71 -4.06
N VAL A 64 -4.26 3.00 -5.04
CA VAL A 64 -5.65 3.36 -4.76
C VAL A 64 -6.61 2.32 -5.34
N ILE A 65 -7.60 1.93 -4.54
CA ILE A 65 -8.58 0.95 -4.97
C ILE A 65 -9.85 1.62 -5.50
N ALA A 66 -10.40 1.07 -6.58
CA ALA A 66 -11.61 1.62 -7.18
C ALA A 66 -12.71 1.81 -6.14
N ASN A 67 -13.19 0.69 -5.61
CA ASN A 67 -14.25 0.72 -4.60
C ASN A 67 -13.82 -0.03 -3.33
N ALA A 68 -13.79 0.68 -2.22
CA ALA A 68 -13.40 0.08 -0.95
C ALA A 68 -14.42 -0.95 -0.50
N LEU A 69 -14.01 -2.22 -0.47
CA LEU A 69 -14.88 -3.31 -0.06
C LEU A 69 -14.54 -3.79 1.35
N THR A 70 -15.41 -4.61 1.92
CA THR A 70 -15.21 -5.13 3.26
C THR A 70 -14.07 -6.14 3.29
N GLU A 71 -13.73 -6.67 2.11
CA GLU A 71 -12.65 -7.66 2.00
C GLU A 71 -11.31 -6.97 1.77
N ASP A 72 -11.36 -5.67 1.47
CA ASP A 72 -10.15 -4.91 1.22
C ASP A 72 -9.51 -4.46 2.54
N GLU A 73 -10.32 -4.39 3.59
CA GLU A 73 -9.83 -3.99 4.90
C GLU A 73 -9.16 -5.14 5.62
N GLY A 74 -8.05 -4.85 6.31
CA GLY A 74 -7.32 -5.88 7.02
C GLY A 74 -5.94 -5.43 7.43
N ASP A 75 -4.93 -5.85 6.69
CA ASP A 75 -3.55 -5.49 6.98
C ASP A 75 -2.73 -5.38 5.69
N TYR A 76 -2.29 -4.16 5.38
CA TYR A 76 -1.51 -3.92 4.19
C TYR A 76 -0.01 -3.94 4.50
N VAL A 77 0.77 -4.47 3.57
CA VAL A 77 2.22 -4.55 3.75
C VAL A 77 2.95 -4.30 2.43
N PHE A 78 3.99 -3.47 2.49
CA PHE A 78 4.77 -3.16 1.30
C PHE A 78 6.15 -3.79 1.37
N ALA A 79 6.52 -4.52 0.31
CA ALA A 79 7.82 -5.18 0.26
C ALA A 79 8.49 -4.95 -1.10
N PRO A 80 9.65 -4.29 -1.08
CA PRO A 80 10.41 -3.99 -2.30
C PRO A 80 11.03 -5.25 -2.90
N ASP A 81 11.46 -5.13 -4.16
CA ASP A 81 12.06 -6.26 -4.86
C ASP A 81 13.58 -6.22 -4.75
N ALA A 82 14.08 -5.41 -3.83
CA ALA A 82 15.52 -5.28 -3.62
C ALA A 82 15.90 -5.70 -2.20
N TYR A 83 15.05 -5.37 -1.24
CA TYR A 83 15.31 -5.70 0.16
C TYR A 83 14.15 -6.51 0.74
N ASN A 84 14.37 -7.06 1.93
CA ASN A 84 13.35 -7.85 2.61
C ASN A 84 12.65 -7.04 3.69
N VAL A 85 12.39 -5.77 3.39
CA VAL A 85 11.72 -4.88 4.34
C VAL A 85 10.21 -4.96 4.19
N THR A 86 9.49 -4.68 5.29
CA THR A 86 8.04 -4.72 5.28
C THR A 86 7.45 -3.54 6.04
N LEU A 87 6.57 -2.80 5.38
CA LEU A 87 5.93 -1.63 5.99
C LEU A 87 4.48 -1.93 6.35
N PRO A 88 4.23 -2.15 7.65
CA PRO A 88 2.88 -2.46 8.16
C PRO A 88 1.95 -1.24 8.08
N ALA A 89 0.66 -1.51 8.01
CA ALA A 89 -0.33 -0.44 7.93
C ALA A 89 -1.70 -0.93 8.40
N LYS A 90 -2.57 0.00 8.77
CA LYS A 90 -3.91 -0.33 9.23
C LYS A 90 -4.97 0.39 8.41
N VAL A 91 -5.98 -0.34 7.99
CA VAL A 91 -7.07 0.24 7.20
C VAL A 91 -8.43 -0.14 7.77
N HIS A 92 -9.43 0.69 7.50
CA HIS A 92 -10.78 0.44 7.99
C HIS A 92 -11.82 0.94 6.97
N VAL A 93 -13.00 0.31 6.99
CA VAL A 93 -14.07 0.68 6.08
C VAL A 93 -15.38 0.90 6.84
N ILE A 94 -16.04 2.02 6.55
CA ILE A 94 -17.30 2.35 7.20
C ILE A 94 -18.43 1.48 6.67
N SER A 95 -19.26 0.98 7.58
CA SER A 95 -20.38 0.13 7.21
C SER A 95 -21.51 0.23 8.23
N GLY A 96 -22.71 0.56 7.77
CA GLY A 96 -23.84 0.68 8.67
C GLY A 96 -25.17 0.49 7.95
N PRO A 97 -26.24 0.33 8.72
CA PRO A 97 -27.59 0.13 8.18
C PRO A 97 -28.14 1.39 7.50
N SER A 98 -28.44 1.27 6.22
CA SER A 98 -28.97 2.40 5.45
C SER A 98 -29.99 1.93 4.42
N SER A 99 -31.15 2.58 4.40
CA SER A 99 -32.21 2.24 3.47
C SER A 99 -32.00 2.92 2.13
N GLY A 100 -31.99 2.13 1.06
CA GLY A 100 -31.79 2.68 -0.27
C GLY A 100 -30.38 2.48 -0.78
N GLY A 1 32.02 12.35 -6.19
CA GLY A 1 31.29 11.11 -6.39
C GLY A 1 29.92 11.13 -5.73
N SER A 2 29.14 12.17 -6.04
CA SER A 2 27.81 12.32 -5.48
C SER A 2 26.94 11.11 -5.82
N SER A 3 26.92 10.13 -4.92
CA SER A 3 26.13 8.92 -5.12
C SER A 3 25.65 8.36 -3.79
N GLY A 4 24.83 7.30 -3.86
CA GLY A 4 24.31 6.69 -2.66
C GLY A 4 24.71 5.22 -2.54
N SER A 5 24.37 4.61 -1.41
CA SER A 5 24.71 3.22 -1.17
C SER A 5 23.45 2.40 -0.86
N SER A 6 23.59 1.09 -0.94
CA SER A 6 22.46 0.19 -0.68
C SER A 6 21.87 0.44 0.70
N GLY A 7 20.57 0.24 0.84
CA GLY A 7 19.91 0.45 2.11
C GLY A 7 18.66 1.29 1.98
N LEU A 8 17.55 0.79 2.52
CA LEU A 8 16.28 1.50 2.47
C LEU A 8 16.01 2.25 3.76
N LYS A 9 15.67 3.52 3.66
CA LYS A 9 15.39 4.35 4.83
C LYS A 9 13.94 4.86 4.79
N ILE A 10 13.02 3.99 5.19
CA ILE A 10 11.60 4.35 5.21
C ILE A 10 11.40 5.76 5.77
N LEU A 11 11.24 6.72 4.87
CA LEU A 11 11.04 8.11 5.26
C LEU A 11 9.61 8.36 5.71
N THR A 12 8.66 8.04 4.83
CA THR A 12 7.24 8.22 5.14
C THR A 12 6.46 6.94 4.84
N PRO A 13 6.36 6.06 5.84
CA PRO A 13 5.64 4.79 5.70
C PRO A 13 4.13 4.99 5.62
N LEU A 14 3.45 4.06 4.96
CA LEU A 14 2.00 4.14 4.81
C LEU A 14 1.34 4.53 6.12
N THR A 15 0.67 5.68 6.12
CA THR A 15 -0.01 6.18 7.31
C THR A 15 -1.44 5.66 7.38
N ASP A 16 -1.91 5.36 8.59
CA ASP A 16 -3.26 4.86 8.79
C ASP A 16 -4.27 5.72 8.04
N GLN A 17 -5.08 5.07 7.20
CA GLN A 17 -6.10 5.77 6.42
C GLN A 17 -7.45 5.11 6.57
N THR A 18 -8.50 5.92 6.66
CA THR A 18 -9.86 5.41 6.81
C THR A 18 -10.79 6.00 5.76
N VAL A 19 -11.44 5.14 4.99
CA VAL A 19 -12.37 5.58 3.95
C VAL A 19 -13.68 4.82 4.02
N ASN A 20 -14.73 5.39 3.43
CA ASN A 20 -16.04 4.75 3.43
C ASN A 20 -16.11 3.67 2.35
N LEU A 21 -16.84 2.61 2.66
CA LEU A 21 -17.00 1.49 1.73
C LEU A 21 -17.64 1.95 0.43
N GLY A 22 -16.98 1.69 -0.69
CA GLY A 22 -17.50 2.09 -1.98
C GLY A 22 -16.68 3.17 -2.64
N LYS A 23 -16.17 4.10 -1.84
CA LYS A 23 -15.36 5.20 -2.34
C LYS A 23 -14.03 4.68 -2.88
N GLU A 24 -13.16 5.60 -3.29
CA GLU A 24 -11.86 5.24 -3.82
C GLU A 24 -10.77 5.35 -2.75
N ILE A 25 -10.06 4.24 -2.53
CA ILE A 25 -9.01 4.21 -1.52
C ILE A 25 -7.70 4.79 -2.08
N CYS A 26 -6.84 5.25 -1.18
CA CYS A 26 -5.56 5.82 -1.58
C CYS A 26 -4.52 5.65 -0.48
N LEU A 27 -3.30 5.30 -0.88
CA LEU A 27 -2.21 5.10 0.07
C LEU A 27 -0.87 5.48 -0.54
N LYS A 28 -0.22 6.48 0.03
CA LYS A 28 1.07 6.94 -0.46
C LYS A 28 2.16 6.72 0.59
N CYS A 29 3.37 6.39 0.12
CA CYS A 29 4.49 6.16 1.02
C CYS A 29 5.81 6.57 0.36
N GLU A 30 6.66 7.23 1.14
CA GLU A 30 7.95 7.68 0.62
C GLU A 30 9.08 6.78 1.14
N ILE A 31 10.17 6.71 0.37
CA ILE A 31 11.31 5.89 0.75
C ILE A 31 12.61 6.49 0.21
N SER A 32 13.74 5.94 0.66
CA SER A 32 15.04 6.41 0.23
C SER A 32 15.62 5.51 -0.86
N GLU A 33 14.81 5.22 -1.86
CA GLU A 33 15.24 4.36 -2.96
C GLU A 33 14.31 4.51 -4.17
N ASN A 34 14.79 4.08 -5.33
CA ASN A 34 14.01 4.17 -6.56
C ASN A 34 13.87 2.80 -7.21
N ILE A 35 13.36 1.83 -6.46
CA ILE A 35 13.17 0.48 -6.96
C ILE A 35 11.69 0.08 -6.92
N PRO A 36 11.30 -0.80 -7.85
CA PRO A 36 9.91 -1.29 -7.94
C PRO A 36 9.54 -2.19 -6.77
N GLY A 37 8.42 -1.88 -6.12
CA GLY A 37 7.98 -2.68 -4.99
C GLY A 37 6.56 -3.19 -5.17
N LYS A 38 6.24 -4.28 -4.49
CA LYS A 38 4.91 -4.87 -4.57
C LYS A 38 4.24 -4.88 -3.20
N TRP A 39 2.91 -4.86 -3.21
CA TRP A 39 2.13 -4.88 -1.97
C TRP A 39 1.69 -6.29 -1.62
N THR A 40 1.29 -6.49 -0.37
CA THR A 40 0.83 -7.80 0.09
C THR A 40 -0.34 -7.66 1.05
N LYS A 41 -1.34 -8.53 0.89
CA LYS A 41 -2.52 -8.50 1.75
C LYS A 41 -2.55 -9.72 2.67
N ASN A 42 -2.99 -9.52 3.90
CA ASN A 42 -3.07 -10.60 4.88
C ASN A 42 -1.90 -11.57 4.71
N GLY A 43 -0.71 -11.02 4.50
CA GLY A 43 0.47 -11.84 4.33
C GLY A 43 0.44 -12.65 3.06
N LEU A 44 0.12 -12.00 1.95
CA LEU A 44 0.05 -12.67 0.66
C LEU A 44 0.25 -11.68 -0.49
N PRO A 45 0.75 -12.18 -1.62
CA PRO A 45 1.00 -11.36 -2.81
C PRO A 45 -0.28 -10.90 -3.48
N VAL A 46 -0.59 -9.61 -3.34
CA VAL A 46 -1.80 -9.05 -3.94
C VAL A 46 -1.78 -9.18 -5.46
N GLN A 47 -2.84 -9.75 -6.01
CA GLN A 47 -2.95 -9.94 -7.45
C GLN A 47 -3.63 -8.74 -8.10
N GLU A 48 -2.85 -7.72 -8.44
CA GLU A 48 -3.37 -6.52 -9.07
C GLU A 48 -4.41 -6.88 -10.12
N SER A 49 -5.30 -5.93 -10.41
CA SER A 49 -6.35 -6.13 -11.40
C SER A 49 -6.89 -4.80 -11.91
N ASP A 50 -7.68 -4.87 -12.98
CA ASP A 50 -8.27 -3.66 -13.57
C ASP A 50 -8.67 -2.68 -12.47
N ARG A 51 -9.29 -3.19 -11.41
CA ARG A 51 -9.73 -2.35 -10.30
C ARG A 51 -8.54 -1.91 -9.46
N LEU A 52 -7.81 -2.87 -8.92
CA LEU A 52 -6.64 -2.58 -8.09
C LEU A 52 -5.50 -2.01 -8.93
N LYS A 53 -5.31 -0.69 -8.82
CA LYS A 53 -4.25 -0.01 -9.57
C LYS A 53 -3.13 0.42 -8.64
N VAL A 54 -1.89 0.10 -9.02
CA VAL A 54 -0.73 0.46 -8.22
C VAL A 54 0.19 1.40 -8.99
N VAL A 55 0.02 2.70 -8.77
CA VAL A 55 0.85 3.71 -9.45
C VAL A 55 2.09 4.03 -8.62
N GLN A 56 3.22 4.19 -9.31
CA GLN A 56 4.48 4.50 -8.65
C GLN A 56 5.11 5.77 -9.24
N LYS A 57 5.51 6.68 -8.36
CA LYS A 57 6.13 7.93 -8.80
C LYS A 57 7.43 8.19 -8.04
N GLY A 58 8.54 8.13 -8.76
CA GLY A 58 9.83 8.37 -8.14
C GLY A 58 10.05 7.51 -6.91
N ARG A 59 10.48 8.14 -5.82
CA ARG A 59 10.73 7.42 -4.57
C ARG A 59 9.44 7.26 -3.76
N ILE A 60 8.32 7.66 -4.37
CA ILE A 60 7.03 7.57 -3.72
C ILE A 60 6.15 6.52 -4.39
N HIS A 61 5.48 5.71 -3.57
CA HIS A 61 4.60 4.66 -4.09
C HIS A 61 3.16 4.91 -3.68
N LYS A 62 2.28 5.04 -4.67
CA LYS A 62 0.86 5.28 -4.41
C LYS A 62 0.02 4.09 -4.84
N LEU A 63 -0.97 3.75 -4.03
CA LEU A 63 -1.86 2.63 -4.32
C LEU A 63 -3.31 2.98 -4.04
N VAL A 64 -4.07 3.21 -5.09
CA VAL A 64 -5.49 3.56 -4.96
C VAL A 64 -6.38 2.46 -5.51
N ILE A 65 -7.39 2.09 -4.73
CA ILE A 65 -8.32 1.04 -5.13
C ILE A 65 -9.58 1.64 -5.75
N ALA A 66 -10.26 0.85 -6.58
CA ALA A 66 -11.49 1.29 -7.23
C ALA A 66 -12.59 1.55 -6.22
N ASN A 67 -13.06 0.48 -5.58
CA ASN A 67 -14.12 0.59 -4.59
C ASN A 67 -13.72 -0.10 -3.29
N ALA A 68 -13.59 0.68 -2.22
CA ALA A 68 -13.21 0.14 -0.92
C ALA A 68 -14.17 -0.96 -0.49
N LEU A 69 -13.63 -2.16 -0.29
CA LEU A 69 -14.44 -3.30 0.12
C LEU A 69 -13.94 -3.87 1.45
N THR A 70 -14.84 -4.46 2.21
CA THR A 70 -14.49 -5.04 3.50
C THR A 70 -13.42 -6.10 3.35
N GLU A 71 -13.16 -6.52 2.11
CA GLU A 71 -12.14 -7.52 1.84
C GLU A 71 -10.74 -6.91 1.88
N ASP A 72 -10.67 -5.60 1.68
CA ASP A 72 -9.40 -4.88 1.69
C ASP A 72 -9.02 -4.48 3.11
N GLU A 73 -10.03 -4.30 3.96
CA GLU A 73 -9.81 -3.90 5.34
C GLU A 73 -9.14 -5.02 6.13
N GLY A 74 -7.91 -4.77 6.57
CA GLY A 74 -7.18 -5.77 7.33
C GLY A 74 -5.77 -5.33 7.67
N ASP A 75 -4.84 -5.63 6.77
CA ASP A 75 -3.44 -5.27 6.97
C ASP A 75 -2.70 -5.21 5.64
N TYR A 76 -2.22 -4.01 5.29
CA TYR A 76 -1.49 -3.81 4.04
C TYR A 76 0.00 -3.68 4.30
N VAL A 77 0.79 -4.43 3.52
CA VAL A 77 2.24 -4.40 3.66
C VAL A 77 2.92 -4.32 2.29
N PHE A 78 3.89 -3.42 2.17
CA PHE A 78 4.62 -3.25 0.91
C PHE A 78 6.07 -3.67 1.07
N ALA A 79 6.58 -4.42 0.10
CA ALA A 79 7.96 -4.89 0.13
C ALA A 79 8.64 -4.66 -1.22
N PRO A 80 9.89 -4.18 -1.18
CA PRO A 80 10.68 -3.92 -2.39
C PRO A 80 11.10 -5.20 -3.10
N ASP A 81 11.30 -5.10 -4.41
CA ASP A 81 11.71 -6.25 -5.21
C ASP A 81 13.21 -6.48 -5.11
N ALA A 82 13.84 -5.81 -4.16
CA ALA A 82 15.29 -5.94 -3.96
C ALA A 82 15.62 -6.20 -2.50
N TYR A 83 14.81 -5.63 -1.60
CA TYR A 83 15.02 -5.79 -0.17
C TYR A 83 13.87 -6.56 0.46
N ASN A 84 14.03 -6.90 1.73
CA ASN A 84 12.99 -7.64 2.46
C ASN A 84 12.22 -6.70 3.40
N VAL A 85 12.37 -5.41 3.17
CA VAL A 85 11.68 -4.41 3.99
C VAL A 85 10.17 -4.53 3.85
N THR A 86 9.45 -4.31 4.95
CA THR A 86 8.00 -4.39 4.95
C THR A 86 7.38 -3.24 5.70
N LEU A 87 6.52 -2.47 5.02
CA LEU A 87 5.87 -1.32 5.63
C LEU A 87 4.42 -1.66 5.99
N PRO A 88 4.16 -1.89 7.29
CA PRO A 88 2.83 -2.22 7.78
C PRO A 88 1.88 -1.03 7.71
N ALA A 89 0.59 -1.32 7.60
CA ALA A 89 -0.43 -0.28 7.52
C ALA A 89 -1.80 -0.81 7.92
N LYS A 90 -2.56 0.00 8.65
CA LYS A 90 -3.90 -0.40 9.09
C LYS A 90 -4.96 0.40 8.36
N VAL A 91 -6.00 -0.29 7.90
CA VAL A 91 -7.10 0.36 7.19
C VAL A 91 -8.45 -0.05 7.78
N HIS A 92 -9.45 0.82 7.60
CA HIS A 92 -10.78 0.56 8.12
C HIS A 92 -11.85 1.07 7.15
N VAL A 93 -12.87 0.26 6.93
CA VAL A 93 -13.95 0.63 6.02
C VAL A 93 -15.28 0.76 6.77
N ILE A 94 -16.03 1.81 6.46
CA ILE A 94 -17.32 2.03 7.10
C ILE A 94 -18.40 1.12 6.52
N SER A 95 -19.13 0.45 7.41
CA SER A 95 -20.18 -0.46 6.99
C SER A 95 -21.55 0.03 7.48
N GLY A 96 -22.57 -0.15 6.64
CA GLY A 96 -23.90 0.28 7.00
C GLY A 96 -24.92 -0.03 5.92
N PRO A 97 -25.90 -0.88 6.26
CA PRO A 97 -26.96 -1.28 5.33
C PRO A 97 -27.91 -0.14 5.02
N SER A 98 -27.67 1.02 5.62
CA SER A 98 -28.51 2.19 5.40
C SER A 98 -29.01 2.25 3.97
N SER A 99 -30.31 2.01 3.78
CA SER A 99 -30.91 2.03 2.46
C SER A 99 -32.44 2.06 2.55
N GLY A 100 -33.07 2.76 1.61
CA GLY A 100 -34.51 2.86 1.61
C GLY A 100 -35.00 4.29 1.75
#